data_6PWY
#
_entry.id   6PWY
#
_cell.length_a   90.681
_cell.length_b   90.557
_cell.length_c   93.357
_cell.angle_alpha   65.580
_cell.angle_beta   65.490
_cell.angle_gamma   86.220
#
_symmetry.space_group_name_H-M   'P 1'
#
loop_
_entity.id
_entity.type
_entity.pdbx_description
1 polymer ZK177.8
2 non-polymer "2'-DEOXYADENOSINE 5'-TRIPHOSPHATE"
3 non-polymer "GUANOSINE-5'-TRIPHOSPHATE"
4 non-polymer 'MAGNESIUM ION'
5 non-polymer 'SUCCINIC ACID'
6 water water
#
_entity_poly.entity_id   1
_entity_poly.type   'polypeptide(L)'
_entity_poly.pdbx_seq_one_letter_code
;MEPKHIINDNVYGTVKVPRPIDKLIDTVEFQRLRHLKQTGLVYLVYPNCEHSRFVHSLGTFSLAYALVDKLRHSQPSLNI
TESDLICTSVAALLRNVGHGPFSHLFDGEFAKRNGSRFKHEDMSILIIKKIMNKPEIKSEFACILGETDEEYAKSVTLIT
ELISGKPFDFQDMDGFKDLPADVREETVKNEWAIIGCGPEKSFLFDVVSNSYNGHDVDKMDYLLRDSKASGVGITFSEST
LERLFNHVRVVIDPNSGLKRIAYSIKCIGDLKAIGDSRQELHSKVYQHKAVRFMETLMVDALINAGDFLKYKGSNGELYS
LKNVTEDVDAFLKTTDYVEQEILNSQITDPKMIEAQTALLKIQRREIGCKLGYFEMNPENATQLKGNCNNQTGAAEVVKK
VGQKMKEILEQMDDTEEMDGKLKDIQFTVMHSVLGRGLDDKTHPIERQIFYDGKPSEHEGKQVVGFYPSEDYVINNCPRM
ATKWEIFVMGDRSLRKEPLLADRVKRALQLAGESEKFLTPRKRSPQ
;
_entity_poly.pdbx_strand_id   A,B,D,C
#
loop_
_chem_comp.id
_chem_comp.type
_chem_comp.name
_chem_comp.formula
DTP non-polymer '2'-DEOXYADENOSINE 5'-TRIPHOSPHATE' 'C10 H16 N5 O12 P3'
GTP non-polymer GUANOSINE-5'-TRIPHOSPHATE 'C10 H16 N5 O14 P3'
MG non-polymer 'MAGNESIUM ION' 'Mg 2'
SIN non-polymer 'SUCCINIC ACID' 'C4 H6 O4'
#
# COMPACT_ATOMS: atom_id res chain seq x y z
N MET A 1 8.36 -4.72 30.88
CA MET A 1 7.69 -5.49 29.78
C MET A 1 7.11 -4.51 28.75
N GLU A 2 6.59 -3.38 29.19
CA GLU A 2 6.10 -2.32 28.28
C GLU A 2 7.32 -1.66 27.64
N PRO A 3 7.30 -1.40 26.33
CA PRO A 3 8.41 -0.67 25.70
C PRO A 3 8.48 0.74 26.28
N LYS A 4 9.65 1.35 26.32
CA LYS A 4 9.72 2.78 26.69
C LYS A 4 9.07 3.64 25.59
N HIS A 5 9.34 3.33 24.33
CA HIS A 5 8.82 4.08 23.16
C HIS A 5 8.30 3.07 22.15
N ILE A 6 7.32 3.49 21.41
CA ILE A 6 6.86 2.85 20.16
C ILE A 6 7.01 3.93 19.08
N ILE A 7 7.90 3.70 18.10
CA ILE A 7 8.26 4.76 17.09
C ILE A 7 7.68 4.38 15.75
N ASN A 8 6.96 5.29 15.09
CA ASN A 8 6.37 4.99 13.76
C ASN A 8 7.50 4.66 12.75
N ASP A 9 7.26 3.63 11.96
CA ASP A 9 8.20 3.16 10.93
C ASP A 9 7.35 2.82 9.68
N ASN A 10 7.79 3.23 8.51
CA ASN A 10 6.96 3.10 7.29
C ASN A 10 7.04 1.67 6.77
N VAL A 11 8.04 0.88 7.15
CA VAL A 11 8.15 -0.53 6.69
C VAL A 11 7.33 -1.46 7.59
N TYR A 12 7.42 -1.36 8.89
CA TYR A 12 6.82 -2.32 9.86
C TYR A 12 5.58 -1.72 10.58
N GLY A 13 5.27 -0.43 10.34
CA GLY A 13 4.22 0.27 11.11
C GLY A 13 4.83 0.96 12.33
N THR A 14 5.42 0.19 13.22
CA THR A 14 6.15 0.71 14.41
C THR A 14 7.36 -0.14 14.76
N VAL A 15 8.28 0.48 15.50
CA VAL A 15 9.44 -0.17 16.17
C VAL A 15 9.30 0.05 17.67
N LYS A 16 9.27 -1.04 18.45
CA LYS A 16 9.23 -1.00 19.91
C LYS A 16 10.66 -0.88 20.47
N VAL A 17 10.86 0.10 21.36
CA VAL A 17 12.16 0.36 22.00
C VAL A 17 12.07 0.02 23.49
N PRO A 18 12.61 -1.13 23.93
CA PRO A 18 12.65 -1.49 25.34
C PRO A 18 13.80 -0.81 26.07
N ARG A 19 13.62 -0.55 27.36
CA ARG A 19 14.73 -0.06 28.23
C ARG A 19 15.77 -1.15 28.29
N PRO A 20 17.10 -0.86 28.29
CA PRO A 20 17.66 0.48 28.16
C PRO A 20 18.22 0.81 26.76
N ILE A 21 17.69 0.20 25.68
CA ILE A 21 18.08 0.54 24.28
C ILE A 21 17.87 2.02 24.00
N ASP A 22 16.87 2.64 24.64
CA ASP A 22 16.55 4.08 24.50
C ASP A 22 17.78 4.92 24.83
N LYS A 23 18.60 4.48 25.79
CA LYS A 23 19.79 5.26 26.21
C LYS A 23 20.85 5.25 25.09
N LEU A 24 20.92 4.20 24.26
CA LEU A 24 21.84 4.16 23.11
C LEU A 24 21.30 5.06 22.00
N ILE A 25 19.99 5.02 21.76
CA ILE A 25 19.38 5.85 20.69
C ILE A 25 19.61 7.33 20.99
N ASP A 26 19.48 7.73 22.25
CA ASP A 26 19.55 9.16 22.67
C ASP A 26 20.99 9.55 23.02
N THR A 27 21.93 9.26 22.14
CA THR A 27 23.35 9.65 22.19
C THR A 27 23.66 10.49 20.95
N VAL A 28 24.63 11.37 21.06
CA VAL A 28 25.04 12.17 19.86
C VAL A 28 25.54 11.23 18.74
N GLU A 29 26.18 10.12 19.09
CA GLU A 29 26.75 9.16 18.11
C GLU A 29 25.62 8.54 17.29
N PHE A 30 24.52 8.10 17.90
CA PHE A 30 23.38 7.53 17.16
C PHE A 30 22.58 8.60 16.41
N GLN A 31 22.35 9.75 17.03
CA GLN A 31 21.53 10.83 16.41
C GLN A 31 22.22 11.40 15.17
N ARG A 32 23.54 11.30 15.08
CA ARG A 32 24.34 11.69 13.90
C ARG A 32 23.79 10.97 12.65
N LEU A 33 23.30 9.75 12.79
CA LEU A 33 22.84 8.90 11.67
C LEU A 33 21.60 9.50 10.99
N ARG A 34 20.89 10.44 11.63
CA ARG A 34 19.80 11.18 10.95
C ARG A 34 20.35 12.01 9.78
N HIS A 35 21.66 12.32 9.77
CA HIS A 35 22.23 13.29 8.78
C HIS A 35 23.13 12.57 7.79
N LEU A 36 22.99 11.24 7.68
CA LEU A 36 23.65 10.42 6.63
C LEU A 36 22.58 9.70 5.82
N LYS A 37 22.50 9.98 4.52
CA LYS A 37 21.57 9.26 3.63
C LYS A 37 22.00 7.82 3.50
N GLN A 38 21.09 6.89 3.73
CA GLN A 38 21.28 5.44 3.59
C GLN A 38 21.84 5.10 2.20
N THR A 39 21.35 5.73 1.14
CA THR A 39 21.72 5.41 -0.26
C THR A 39 22.54 6.54 -0.91
N GLY A 40 23.22 7.38 -0.13
CA GLY A 40 24.23 8.29 -0.66
C GLY A 40 23.63 9.27 -1.66
N LEU A 41 24.15 9.28 -2.91
CA LEU A 41 23.74 10.20 -3.99
C LEU A 41 22.59 9.62 -4.82
N VAL A 42 22.03 8.48 -4.44
CA VAL A 42 20.95 7.89 -5.23
C VAL A 42 19.78 8.88 -5.34
N TYR A 43 19.55 9.71 -4.35
CA TYR A 43 18.44 10.66 -4.31
C TYR A 43 18.49 11.64 -5.52
N LEU A 44 19.60 11.77 -6.21
CA LEU A 44 19.70 12.68 -7.38
C LEU A 44 19.05 12.02 -8.60
N VAL A 45 18.64 10.75 -8.49
CA VAL A 45 17.89 10.03 -9.55
C VAL A 45 16.51 9.61 -9.02
N TYR A 46 16.46 9.17 -7.77
CA TYR A 46 15.25 8.70 -7.07
C TYR A 46 15.03 9.65 -5.90
N PRO A 47 14.30 10.77 -6.08
CA PRO A 47 14.34 11.83 -5.05
C PRO A 47 13.68 11.45 -3.73
N ASN A 48 12.90 10.39 -3.74
CA ASN A 48 12.29 9.86 -2.47
C ASN A 48 13.30 9.03 -1.65
N CYS A 49 14.45 8.65 -2.21
CA CYS A 49 15.53 7.94 -1.50
C CYS A 49 16.33 8.91 -0.66
N GLU A 50 15.70 9.56 0.29
CA GLU A 50 16.41 10.52 1.16
C GLU A 50 16.27 9.99 2.60
N HIS A 51 15.99 8.70 2.77
CA HIS A 51 15.86 8.08 4.11
C HIS A 51 17.25 7.99 4.75
N SER A 52 17.35 8.18 6.03
CA SER A 52 18.59 8.24 6.81
C SER A 52 19.09 6.85 7.26
N ARG A 53 20.34 6.78 7.65
CA ARG A 53 20.92 5.59 8.31
C ARG A 53 20.22 5.33 9.65
N PHE A 54 19.69 6.38 10.29
CA PHE A 54 18.96 6.30 11.57
C PHE A 54 17.77 5.36 11.43
N VAL A 55 16.92 5.55 10.42
CA VAL A 55 15.71 4.70 10.30
C VAL A 55 16.09 3.28 9.92
N HIS A 56 17.09 3.09 9.08
CA HIS A 56 17.59 1.73 8.80
C HIS A 56 18.09 1.06 10.10
N SER A 57 18.84 1.76 10.92
CA SER A 57 19.43 1.17 12.14
C SER A 57 18.29 0.77 13.11
N LEU A 58 17.28 1.62 13.32
CA LEU A 58 16.14 1.26 14.18
C LEU A 58 15.44 0.02 13.62
N GLY A 59 15.22 -0.07 12.33
CA GLY A 59 14.54 -1.22 11.70
C GLY A 59 15.33 -2.51 11.90
N THR A 60 16.64 -2.42 11.67
CA THR A 60 17.57 -3.55 11.84
C THR A 60 17.58 -4.03 13.29
N PHE A 61 17.65 -3.13 14.24
CA PHE A 61 17.47 -3.43 15.69
C PHE A 61 16.17 -4.22 15.89
N SER A 62 15.04 -3.74 15.36
CA SER A 62 13.73 -4.35 15.65
C SER A 62 13.70 -5.78 15.18
N LEU A 63 14.30 -6.06 14.02
CA LEU A 63 14.33 -7.44 13.45
C LEU A 63 15.22 -8.35 14.32
N ALA A 64 16.39 -7.91 14.74
CA ALA A 64 17.34 -8.73 15.52
C ALA A 64 16.70 -9.07 16.87
N TYR A 65 16.03 -8.09 17.49
CA TYR A 65 15.40 -8.34 18.79
C TYR A 65 14.27 -9.35 18.59
N ALA A 66 13.43 -9.17 17.57
CA ALA A 66 12.26 -10.04 17.32
C ALA A 66 12.76 -11.46 17.04
N LEU A 67 13.79 -11.61 16.20
CA LEU A 67 14.24 -12.97 15.81
C LEU A 67 14.83 -13.72 17.03
N VAL A 68 15.71 -13.11 17.80
CA VAL A 68 16.34 -13.79 18.98
C VAL A 68 15.28 -14.02 20.07
N ASP A 69 14.35 -13.11 20.25
CA ASP A 69 13.25 -13.30 21.22
C ASP A 69 12.36 -14.46 20.74
N LYS A 70 12.06 -14.58 19.44
CA LYS A 70 11.26 -15.72 18.93
C LYS A 70 12.05 -17.02 19.18
N LEU A 71 13.35 -17.04 18.86
CA LEU A 71 14.15 -18.27 19.03
C LEU A 71 14.15 -18.72 20.49
N ARG A 72 14.31 -17.77 21.41
CA ARG A 72 14.36 -18.04 22.87
C ARG A 72 13.06 -18.71 23.35
N HIS A 73 11.90 -18.29 22.81
CA HIS A 73 10.56 -18.78 23.21
C HIS A 73 10.29 -20.12 22.54
N SER A 74 10.71 -20.31 21.30
CA SER A 74 10.41 -21.57 20.58
C SER A 74 11.44 -22.64 20.92
N GLN A 75 12.69 -22.31 21.29
CA GLN A 75 13.73 -23.33 21.61
C GLN A 75 14.42 -22.96 22.90
N PRO A 76 13.76 -23.17 24.06
CA PRO A 76 14.40 -22.92 25.36
C PRO A 76 15.71 -23.73 25.58
N SER A 77 15.91 -24.85 24.92
CA SER A 77 17.14 -25.66 25.07
C SER A 77 18.35 -24.93 24.51
N LEU A 78 18.16 -23.87 23.75
CA LEU A 78 19.29 -23.04 23.26
C LEU A 78 19.94 -22.29 24.42
N ASN A 79 19.22 -22.07 25.54
CA ASN A 79 19.79 -21.29 26.69
C ASN A 79 20.15 -19.86 26.24
N ILE A 80 19.33 -19.26 25.37
CA ILE A 80 19.49 -17.81 25.05
C ILE A 80 19.19 -16.99 26.32
N THR A 81 20.13 -16.17 26.75
CA THR A 81 20.02 -15.33 27.94
C THR A 81 19.61 -13.90 27.55
N GLU A 82 19.19 -13.13 28.55
CA GLU A 82 18.89 -11.70 28.38
C GLU A 82 20.12 -11.04 27.81
N SER A 83 21.32 -11.43 28.26
CA SER A 83 22.59 -10.86 27.77
C SER A 83 22.80 -11.15 26.26
N ASP A 84 22.55 -12.37 25.80
CA ASP A 84 22.64 -12.73 24.35
C ASP A 84 21.63 -11.89 23.53
N LEU A 85 20.39 -11.74 24.01
CA LEU A 85 19.32 -10.98 23.33
C LEU A 85 19.78 -9.50 23.23
N ILE A 86 20.26 -8.90 24.31
CA ILE A 86 20.67 -7.48 24.29
C ILE A 86 21.96 -7.31 23.49
N CYS A 87 22.96 -8.19 23.60
CA CYS A 87 24.20 -8.06 22.80
C CYS A 87 23.86 -8.11 21.30
N THR A 88 23.09 -9.10 20.90
CA THR A 88 22.75 -9.27 19.46
C THR A 88 21.94 -8.04 18.97
N SER A 89 20.99 -7.56 19.76
CA SER A 89 20.15 -6.37 19.50
C SER A 89 21.01 -5.12 19.29
N VAL A 90 21.91 -4.87 20.23
CA VAL A 90 22.84 -3.72 20.20
C VAL A 90 23.76 -3.82 18.98
N ALA A 91 24.30 -4.98 18.67
CA ALA A 91 25.16 -5.15 17.47
C ALA A 91 24.32 -4.73 16.25
N ALA A 92 23.06 -5.15 16.18
CA ALA A 92 22.20 -4.80 15.04
C ALA A 92 21.96 -3.31 15.01
N LEU A 93 21.67 -2.72 16.15
CA LEU A 93 21.41 -1.25 16.27
C LEU A 93 22.62 -0.45 15.79
N LEU A 94 23.84 -0.87 16.15
CA LEU A 94 25.07 -0.03 16.02
C LEU A 94 25.96 -0.49 14.89
N ARG A 95 25.57 -1.53 14.15
CA ARG A 95 26.42 -2.06 13.05
C ARG A 95 26.81 -0.90 12.12
N ASN A 96 25.91 0.06 11.91
CA ASN A 96 26.06 1.11 10.88
C ASN A 96 26.43 2.44 11.51
N VAL A 97 26.96 2.47 12.73
CA VAL A 97 27.16 3.76 13.43
C VAL A 97 28.40 4.44 12.89
N GLY A 98 29.30 3.71 12.20
CA GLY A 98 30.59 4.26 11.78
C GLY A 98 30.69 4.64 10.31
N HIS A 99 29.60 4.82 9.58
CA HIS A 99 29.69 5.36 8.20
C HIS A 99 30.16 6.82 8.20
N GLY A 100 30.99 7.17 7.23
CA GLY A 100 31.29 8.57 6.93
C GLY A 100 30.20 9.19 6.05
N PRO A 101 30.36 10.46 5.67
CA PRO A 101 29.50 11.04 4.65
C PRO A 101 29.61 10.29 3.31
N PHE A 102 28.50 10.08 2.61
CA PHE A 102 28.50 9.42 1.29
C PHE A 102 29.44 8.20 1.36
N SER A 103 29.10 7.30 2.31
CA SER A 103 29.97 6.19 2.77
C SER A 103 30.67 5.44 1.60
N HIS A 104 29.93 4.99 0.60
CA HIS A 104 30.48 4.18 -0.50
C HIS A 104 31.56 4.97 -1.27
N LEU A 105 31.42 6.30 -1.41
CA LEU A 105 32.46 7.17 -2.03
C LEU A 105 33.59 7.37 -1.02
N PHE A 106 33.25 7.69 0.22
CA PHE A 106 34.21 7.93 1.32
C PHE A 106 35.16 6.73 1.48
N ASP A 107 34.63 5.50 1.51
CA ASP A 107 35.43 4.28 1.72
C ASP A 107 35.99 3.74 0.39
N GLY A 108 35.50 4.23 -0.74
CA GLY A 108 35.87 3.76 -2.09
C GLY A 108 36.90 4.68 -2.71
N GLU A 109 36.51 5.39 -3.77
CA GLU A 109 37.45 6.24 -4.58
C GLU A 109 38.12 7.29 -3.68
N PHE A 110 37.40 7.90 -2.73
CA PHE A 110 38.03 8.94 -1.87
C PHE A 110 39.16 8.30 -1.05
N ALA A 111 38.86 7.18 -0.39
CA ALA A 111 39.85 6.46 0.44
C ALA A 111 41.02 6.02 -0.46
N LYS A 112 40.77 5.45 -1.65
CA LYS A 112 41.84 4.93 -2.55
C LYS A 112 42.78 6.07 -2.91
N ARG A 113 42.27 7.19 -3.44
CA ARG A 113 43.13 8.33 -3.84
C ARG A 113 43.88 8.91 -2.64
N ASN A 114 43.32 8.79 -1.44
CA ASN A 114 43.81 9.52 -0.24
C ASN A 114 44.67 8.61 0.66
N GLY A 115 44.70 7.29 0.40
CA GLY A 115 45.32 6.29 1.29
C GLY A 115 44.64 6.22 2.65
N SER A 116 43.31 6.42 2.75
CA SER A 116 42.57 6.49 4.03
C SER A 116 42.78 5.16 4.77
N ARG A 117 42.97 5.26 6.08
CA ARG A 117 43.44 4.09 6.90
C ARG A 117 42.24 3.21 7.29
N PHE A 118 41.15 3.78 7.82
CA PHE A 118 39.99 2.97 8.33
C PHE A 118 38.76 3.10 7.41
N LYS A 119 37.99 1.99 7.33
CA LYS A 119 36.68 1.90 6.65
C LYS A 119 35.56 1.76 7.69
N HIS A 120 34.30 1.78 7.26
CA HIS A 120 33.19 2.08 8.22
C HIS A 120 33.11 0.97 9.27
N GLU A 121 33.41 -0.28 8.94
CA GLU A 121 33.31 -1.40 9.93
C GLU A 121 34.30 -1.14 11.08
N ASP A 122 35.49 -0.66 10.77
CA ASP A 122 36.56 -0.32 11.76
C ASP A 122 36.04 0.81 12.67
N MET A 123 35.43 1.84 12.09
CA MET A 123 34.96 3.02 12.83
C MET A 123 33.75 2.60 13.70
N SER A 124 32.85 1.75 13.17
CA SER A 124 31.71 1.21 13.95
C SER A 124 32.22 0.61 15.26
N ILE A 125 33.22 -0.23 15.15
CA ILE A 125 33.77 -0.94 16.32
C ILE A 125 34.36 0.05 17.30
N LEU A 126 35.07 1.08 16.81
CA LEU A 126 35.66 2.12 17.70
C LEU A 126 34.54 2.84 18.40
N ILE A 127 33.46 3.20 17.70
CA ILE A 127 32.36 4.02 18.28
C ILE A 127 31.57 3.15 19.25
N ILE A 128 31.43 1.86 18.98
CA ILE A 128 30.67 0.95 19.89
C ILE A 128 31.44 0.88 21.22
N LYS A 129 32.76 0.69 21.17
CA LYS A 129 33.59 0.66 22.41
C LYS A 129 33.47 2.00 23.16
N LYS A 130 33.50 3.11 22.43
CA LYS A 130 33.33 4.46 23.05
C LYS A 130 31.96 4.54 23.76
N ILE A 131 30.85 4.24 23.08
CA ILE A 131 29.47 4.35 23.64
C ILE A 131 29.33 3.42 24.85
N MET A 132 29.71 2.15 24.74
CA MET A 132 29.38 1.15 25.79
C MET A 132 30.22 1.40 27.07
N ASN A 133 31.36 2.07 26.97
CA ASN A 133 32.23 2.42 28.13
C ASN A 133 31.95 3.85 28.65
N LYS A 134 30.99 4.61 28.11
CA LYS A 134 30.52 5.86 28.75
C LYS A 134 29.89 5.49 30.10
N PRO A 135 30.29 6.13 31.22
CA PRO A 135 29.72 5.79 32.54
C PRO A 135 28.19 5.80 32.61
N GLU A 136 27.50 6.71 31.92
CA GLU A 136 26.01 6.79 31.96
C GLU A 136 25.40 5.69 31.07
N ILE A 137 26.18 5.02 30.24
CA ILE A 137 25.68 3.85 29.46
C ILE A 137 26.00 2.59 30.28
N LYS A 138 27.20 2.48 30.82
CA LYS A 138 27.57 1.29 31.62
C LYS A 138 26.61 1.18 32.81
N SER A 139 26.25 2.28 33.44
CA SER A 139 25.36 2.22 34.64
C SER A 139 24.00 1.68 34.25
N GLU A 140 23.56 1.87 32.99
CA GLU A 140 22.23 1.40 32.52
C GLU A 140 22.30 -0.07 32.08
N PHE A 141 23.42 -0.54 31.51
CA PHE A 141 23.55 -1.89 30.90
C PHE A 141 24.18 -2.89 31.86
N ALA A 142 24.80 -2.44 32.97
CA ALA A 142 25.59 -3.33 33.87
C ALA A 142 24.73 -4.48 34.40
N CYS A 143 23.49 -4.20 34.73
CA CYS A 143 22.56 -5.23 35.28
C CYS A 143 22.28 -6.31 34.22
N ILE A 144 22.45 -6.06 32.92
CA ILE A 144 22.19 -7.09 31.87
C ILE A 144 23.52 -7.67 31.35
N LEU A 145 24.50 -6.83 31.09
CA LEU A 145 25.72 -7.20 30.35
C LEU A 145 26.86 -7.51 31.32
N GLY A 146 26.71 -7.23 32.62
CA GLY A 146 27.72 -7.62 33.62
C GLY A 146 28.23 -6.45 34.46
N GLU A 147 28.33 -6.67 35.76
CA GLU A 147 28.75 -5.66 36.78
C GLU A 147 30.28 -5.66 36.89
N THR A 148 30.92 -6.78 36.58
CA THR A 148 32.40 -6.90 36.60
C THR A 148 32.99 -6.37 35.29
N ASP A 149 34.20 -5.82 35.36
CA ASP A 149 34.97 -5.41 34.17
C ASP A 149 35.08 -6.62 33.22
N GLU A 150 35.37 -7.81 33.74
CA GLU A 150 35.56 -9.02 32.91
C GLU A 150 34.25 -9.30 32.14
N GLU A 151 33.14 -9.31 32.85
CA GLU A 151 31.81 -9.68 32.26
C GLU A 151 31.42 -8.59 31.24
N TYR A 152 31.56 -7.33 31.63
CA TYR A 152 31.14 -6.21 30.77
C TYR A 152 32.02 -6.23 29.49
N ALA A 153 33.29 -6.47 29.65
CA ALA A 153 34.23 -6.44 28.50
C ALA A 153 33.96 -7.63 27.58
N LYS A 154 33.58 -8.78 28.14
CA LYS A 154 33.21 -9.91 27.29
C LYS A 154 31.96 -9.55 26.45
N SER A 155 30.97 -8.92 27.07
CA SER A 155 29.72 -8.52 26.39
C SER A 155 30.02 -7.53 25.26
N VAL A 156 30.84 -6.52 25.54
CA VAL A 156 31.27 -5.55 24.52
C VAL A 156 32.03 -6.27 23.40
N THR A 157 32.93 -7.20 23.73
CA THR A 157 33.64 -8.02 22.72
C THR A 157 32.62 -8.76 21.86
N LEU A 158 31.60 -9.38 22.43
CA LEU A 158 30.59 -10.15 21.65
C LEU A 158 29.89 -9.18 20.67
N ILE A 159 29.49 -7.99 21.13
CA ILE A 159 28.80 -7.00 20.27
C ILE A 159 29.70 -6.71 19.05
N THR A 160 30.98 -6.47 19.24
CA THR A 160 31.89 -6.08 18.14
C THR A 160 32.18 -7.31 17.28
N GLU A 161 32.26 -8.50 17.85
CA GLU A 161 32.52 -9.71 17.06
C GLU A 161 31.30 -10.07 16.18
N LEU A 162 30.10 -9.83 16.64
CA LEU A 162 28.89 -10.14 15.83
C LEU A 162 28.91 -9.26 14.56
N ILE A 163 29.61 -8.14 14.59
CA ILE A 163 29.78 -7.24 13.41
C ILE A 163 31.01 -7.67 12.59
N SER A 164 32.12 -8.02 13.19
CA SER A 164 33.43 -8.13 12.49
C SER A 164 33.85 -9.59 12.25
N GLY A 165 33.32 -10.53 13.05
CA GLY A 165 33.76 -11.93 13.06
C GLY A 165 33.29 -12.70 11.84
N LYS A 166 34.05 -13.71 11.46
CA LYS A 166 33.75 -14.61 10.32
C LYS A 166 33.97 -16.04 10.79
N PRO A 167 33.22 -16.54 11.79
CA PRO A 167 33.54 -17.80 12.43
C PRO A 167 33.28 -19.07 11.61
N PHE A 168 32.61 -18.98 10.46
CA PHE A 168 32.26 -20.17 9.64
C PHE A 168 33.08 -20.25 8.34
N ASP A 169 33.92 -19.25 8.05
CA ASP A 169 34.71 -19.20 6.78
C ASP A 169 35.72 -20.37 6.71
N PHE A 170 36.18 -20.91 7.84
CA PHE A 170 37.07 -22.11 7.89
C PHE A 170 36.36 -23.33 7.26
N GLN A 171 35.04 -23.44 7.34
CA GLN A 171 34.27 -24.62 6.82
C GLN A 171 34.43 -24.78 5.30
N ASP A 172 34.90 -23.76 4.60
CA ASP A 172 35.04 -23.74 3.13
C ASP A 172 36.50 -23.97 2.69
N MET A 173 37.46 -24.05 3.63
CA MET A 173 38.85 -24.52 3.34
C MET A 173 38.80 -25.87 2.60
N ASP A 174 39.64 -26.06 1.57
CA ASP A 174 39.60 -27.23 0.64
C ASP A 174 39.64 -28.52 1.47
N GLY A 175 38.76 -29.48 1.16
CA GLY A 175 38.70 -30.79 1.82
C GLY A 175 38.20 -30.78 3.25
N PHE A 176 37.85 -29.64 3.89
CA PHE A 176 37.27 -29.69 5.26
C PHE A 176 36.03 -30.62 5.24
N LYS A 177 35.24 -30.54 4.16
CA LYS A 177 33.96 -31.27 3.98
C LYS A 177 34.17 -32.79 3.97
N ASP A 178 35.32 -33.26 3.49
CA ASP A 178 35.58 -34.72 3.27
C ASP A 178 36.37 -35.30 4.47
N LEU A 179 36.70 -34.48 5.47
CA LEU A 179 37.42 -34.95 6.67
C LEU A 179 36.56 -35.92 7.47
N PRO A 180 37.17 -36.87 8.22
CA PRO A 180 36.40 -37.77 9.09
C PRO A 180 35.78 -36.97 10.24
N ALA A 181 34.67 -37.48 10.78
CA ALA A 181 33.95 -36.91 11.95
C ALA A 181 34.94 -36.53 13.06
N ASP A 182 35.89 -37.41 13.36
CA ASP A 182 36.91 -37.26 14.43
C ASP A 182 37.67 -35.95 14.22
N VAL A 183 38.36 -35.87 13.08
CA VAL A 183 39.22 -34.72 12.69
C VAL A 183 38.35 -33.45 12.78
N ARG A 184 37.17 -33.54 12.19
CA ARG A 184 36.23 -32.40 12.06
C ARG A 184 35.88 -31.85 13.44
N GLU A 185 35.40 -32.70 14.34
CA GLU A 185 34.99 -32.30 15.71
C GLU A 185 36.17 -31.56 16.35
N GLU A 186 37.38 -32.09 16.19
CA GLU A 186 38.59 -31.48 16.80
C GLU A 186 38.93 -30.16 16.08
N THR A 187 38.95 -30.12 14.74
CA THR A 187 39.27 -28.89 13.98
C THR A 187 38.29 -27.77 14.42
N VAL A 188 36.98 -28.04 14.42
CA VAL A 188 35.96 -27.00 14.76
C VAL A 188 36.23 -26.51 16.18
N LYS A 189 36.54 -27.44 17.07
CA LYS A 189 36.80 -27.15 18.50
C LYS A 189 37.96 -26.14 18.62
N ASN A 190 39.04 -26.33 17.85
CA ASN A 190 40.28 -25.52 17.96
C ASN A 190 40.23 -24.35 16.96
N GLU A 191 39.37 -24.37 15.95
CA GLU A 191 39.21 -23.18 15.07
C GLU A 191 38.46 -22.05 15.82
N TRP A 192 37.77 -22.33 16.93
CA TRP A 192 36.82 -21.35 17.57
C TRP A 192 37.62 -20.20 18.20
N ALA A 193 37.77 -19.07 17.50
CA ALA A 193 38.59 -17.90 17.89
C ALA A 193 37.72 -16.75 18.43
N ILE A 194 36.40 -16.93 18.51
CA ILE A 194 35.45 -15.94 19.10
C ILE A 194 35.67 -15.94 20.62
N ILE A 195 35.81 -14.75 21.20
CA ILE A 195 36.08 -14.53 22.64
C ILE A 195 34.77 -14.21 23.37
N GLY A 196 33.81 -13.55 22.72
CA GLY A 196 32.62 -13.01 23.41
C GLY A 196 31.60 -14.07 23.79
N CYS A 197 31.71 -15.27 23.22
CA CYS A 197 30.76 -16.37 23.55
C CYS A 197 31.41 -17.71 23.14
N GLY A 198 30.87 -18.80 23.64
CA GLY A 198 31.32 -20.13 23.20
C GLY A 198 30.59 -20.58 21.94
N PRO A 199 31.04 -21.71 21.36
CA PRO A 199 30.45 -22.28 20.16
C PRO A 199 28.97 -22.63 20.32
N GLU A 200 28.50 -22.83 21.53
CA GLU A 200 27.09 -23.17 21.77
C GLU A 200 26.15 -21.99 21.35
N LYS A 201 26.70 -20.79 21.15
CA LYS A 201 25.93 -19.60 20.70
C LYS A 201 26.37 -19.17 19.29
N SER A 202 26.97 -20.06 18.50
CA SER A 202 27.44 -19.79 17.11
C SER A 202 26.32 -19.18 16.26
N PHE A 203 25.08 -19.63 16.45
CA PHE A 203 23.92 -19.21 15.61
C PHE A 203 23.70 -17.70 15.66
N LEU A 204 24.19 -17.00 16.69
CA LEU A 204 23.95 -15.54 16.81
C LEU A 204 24.71 -14.82 15.68
N PHE A 205 25.75 -15.45 15.15
CA PHE A 205 26.60 -14.85 14.09
C PHE A 205 25.85 -14.82 12.75
N ASP A 206 24.76 -15.54 12.63
CA ASP A 206 23.94 -15.51 11.41
C ASP A 206 23.01 -14.28 11.40
N VAL A 207 22.79 -13.61 12.54
CA VAL A 207 21.69 -12.60 12.69
C VAL A 207 22.13 -11.23 12.17
N VAL A 208 23.31 -10.74 12.53
CA VAL A 208 23.61 -9.30 12.45
C VAL A 208 24.44 -9.02 11.18
N SER A 209 25.54 -9.72 11.02
CA SER A 209 26.46 -9.55 9.88
C SER A 209 26.82 -10.95 9.42
N ASN A 210 26.05 -11.49 8.47
CA ASN A 210 26.12 -12.91 8.08
C ASN A 210 27.15 -13.03 6.93
N SER A 211 28.42 -13.24 7.24
CA SER A 211 29.51 -13.33 6.23
C SER A 211 29.40 -14.64 5.43
N TYR A 212 28.71 -15.66 5.92
CA TYR A 212 28.64 -16.97 5.23
C TYR A 212 27.73 -16.91 4.00
N ASN A 213 26.55 -16.31 4.10
CA ASN A 213 25.57 -16.30 2.99
C ASN A 213 24.83 -14.95 2.85
N GLY A 214 25.10 -13.97 3.72
CA GLY A 214 24.50 -12.61 3.64
C GLY A 214 23.04 -12.58 4.08
N HIS A 215 22.50 -13.67 4.67
CA HIS A 215 21.08 -13.67 5.13
C HIS A 215 20.99 -13.08 6.55
N ASP A 216 21.34 -11.84 6.72
CA ASP A 216 21.23 -11.16 8.02
C ASP A 216 20.06 -10.19 8.02
N VAL A 217 19.67 -9.71 9.20
CA VAL A 217 18.49 -8.83 9.38
C VAL A 217 18.80 -7.44 8.82
N ASP A 218 20.08 -7.05 8.77
CA ASP A 218 20.49 -5.79 8.10
C ASP A 218 20.03 -5.84 6.61
N LYS A 219 20.36 -6.90 5.92
CA LYS A 219 19.96 -7.16 4.52
C LYS A 219 18.45 -7.13 4.37
N MET A 220 17.72 -7.85 5.22
CA MET A 220 16.27 -7.94 5.07
C MET A 220 15.68 -6.51 5.25
N ASP A 221 16.15 -5.73 6.22
CA ASP A 221 15.61 -4.37 6.42
C ASP A 221 15.90 -3.49 5.19
N TYR A 222 17.15 -3.47 4.66
CA TYR A 222 17.46 -2.47 3.63
C TYR A 222 16.77 -2.86 2.31
N LEU A 223 16.58 -4.15 2.03
CA LEU A 223 15.86 -4.54 0.79
C LEU A 223 14.45 -3.96 0.89
N LEU A 224 13.74 -4.17 2.01
CA LEU A 224 12.35 -3.68 2.08
C LEU A 224 12.35 -2.15 2.03
N ARG A 225 13.18 -1.51 2.80
CA ARG A 225 13.21 -0.05 2.98
C ARG A 225 13.59 0.64 1.67
N ASP A 226 14.60 0.14 0.98
CA ASP A 226 15.17 0.76 -0.24
C ASP A 226 14.23 0.48 -1.41
N SER A 227 13.56 -0.66 -1.43
CA SER A 227 12.52 -0.95 -2.43
C SER A 227 11.38 0.08 -2.27
N LYS A 228 10.92 0.29 -1.02
CA LYS A 228 9.77 1.19 -0.80
C LYS A 228 10.21 2.62 -1.17
N ALA A 229 11.41 3.04 -0.79
CA ALA A 229 11.82 4.43 -1.01
C ALA A 229 12.01 4.68 -2.52
N SER A 230 12.53 3.72 -3.27
CA SER A 230 12.90 3.88 -4.69
C SER A 230 11.67 3.65 -5.58
N GLY A 231 10.64 2.94 -5.11
CA GLY A 231 9.50 2.54 -5.93
C GLY A 231 9.88 1.41 -6.86
N VAL A 232 11.04 0.74 -6.65
CA VAL A 232 11.41 -0.43 -7.50
C VAL A 232 10.92 -1.71 -6.82
N GLY A 233 9.99 -2.40 -7.44
CA GLY A 233 9.38 -3.63 -6.93
C GLY A 233 10.39 -4.76 -6.89
N ILE A 234 10.33 -5.57 -5.85
CA ILE A 234 11.22 -6.75 -5.66
C ILE A 234 10.33 -7.88 -5.17
N THR A 235 10.80 -9.11 -5.23
CA THR A 235 10.04 -10.32 -4.78
CA THR A 235 10.07 -10.33 -4.78
C THR A 235 10.10 -10.46 -3.24
N PHE A 236 11.13 -9.93 -2.58
CA PHE A 236 11.19 -9.93 -1.12
C PHE A 236 10.29 -8.84 -0.55
N SER A 237 9.19 -9.21 0.09
CA SER A 237 8.18 -8.32 0.71
C SER A 237 8.16 -8.46 2.22
N GLU A 238 7.44 -7.55 2.88
CA GLU A 238 7.24 -7.56 4.34
C GLU A 238 6.60 -8.91 4.73
N SER A 239 5.72 -9.43 3.89
CA SER A 239 5.02 -10.71 4.11
C SER A 239 6.00 -11.88 3.96
N THR A 240 6.92 -11.78 3.01
CA THR A 240 8.05 -12.74 2.86
C THR A 240 8.86 -12.80 4.16
N LEU A 241 9.18 -11.64 4.72
CA LEU A 241 9.98 -11.55 5.95
C LEU A 241 9.21 -12.24 7.10
N GLU A 242 7.93 -11.98 7.23
CA GLU A 242 7.12 -12.63 8.28
C GLU A 242 7.06 -14.15 8.06
N ARG A 243 6.96 -14.61 6.84
CA ARG A 243 7.05 -16.05 6.55
C ARG A 243 8.37 -16.64 7.10
N LEU A 244 9.51 -16.02 6.83
CA LEU A 244 10.82 -16.53 7.31
C LEU A 244 10.81 -16.58 8.82
N PHE A 245 10.33 -15.52 9.48
CA PHE A 245 10.35 -15.42 10.95
C PHE A 245 9.38 -16.44 11.55
N ASN A 246 8.34 -16.87 10.84
CA ASN A 246 7.40 -17.91 11.35
C ASN A 246 7.93 -19.34 11.04
N HIS A 247 9.05 -19.49 10.34
CA HIS A 247 9.57 -20.81 9.91
C HIS A 247 11.09 -20.89 10.11
N VAL A 248 11.59 -20.37 11.19
CA VAL A 248 13.04 -20.27 11.51
C VAL A 248 13.31 -21.11 12.75
N ARG A 249 14.40 -21.85 12.71
CA ARG A 249 14.87 -22.63 13.88
C ARG A 249 16.39 -22.67 13.89
N VAL A 250 16.94 -22.95 15.04
CA VAL A 250 18.38 -23.26 15.16
C VAL A 250 18.55 -24.75 15.04
N VAL A 251 19.42 -25.19 14.16
CA VAL A 251 19.68 -26.63 13.89
C VAL A 251 21.19 -26.84 13.88
N ILE A 252 21.59 -28.12 13.83
CA ILE A 252 23.02 -28.50 13.72
C ILE A 252 23.42 -28.49 12.25
N ASP A 253 24.51 -27.83 11.93
CA ASP A 253 25.15 -27.81 10.60
C ASP A 253 25.70 -29.22 10.36
N PRO A 254 25.29 -29.96 9.31
CA PRO A 254 25.79 -31.31 9.07
C PRO A 254 27.30 -31.33 8.74
N ASN A 255 27.88 -30.19 8.37
CA ASN A 255 29.29 -30.06 7.92
C ASN A 255 30.21 -29.71 9.10
N SER A 256 29.76 -29.03 10.15
CA SER A 256 30.63 -28.51 11.23
C SER A 256 30.18 -29.01 12.60
N GLY A 257 28.92 -29.38 12.77
CA GLY A 257 28.35 -29.67 14.08
C GLY A 257 27.96 -28.41 14.86
N LEU A 258 28.19 -27.22 14.32
CA LEU A 258 27.79 -25.95 15.00
C LEU A 258 26.30 -25.64 14.77
N LYS A 259 25.70 -24.96 15.74
CA LYS A 259 24.30 -24.50 15.69
C LYS A 259 24.23 -23.32 14.71
N ARG A 260 23.25 -23.38 13.81
CA ARG A 260 23.05 -22.39 12.74
C ARG A 260 21.56 -22.06 12.61
N ILE A 261 21.25 -20.84 12.19
CA ILE A 261 19.87 -20.44 11.83
C ILE A 261 19.49 -21.16 10.53
N ALA A 262 18.35 -21.82 10.55
CA ALA A 262 17.83 -22.53 9.38
C ALA A 262 16.38 -22.13 9.18
N TYR A 263 15.89 -22.35 7.96
CA TYR A 263 14.50 -22.04 7.56
C TYR A 263 13.87 -23.32 7.08
N SER A 264 12.56 -23.42 7.20
CA SER A 264 11.81 -24.55 6.63
CA SER A 264 11.80 -24.54 6.64
C SER A 264 12.10 -24.62 5.13
N ILE A 265 12.31 -25.83 4.61
CA ILE A 265 12.61 -26.03 3.16
C ILE A 265 11.45 -25.46 2.32
N LYS A 266 10.23 -25.33 2.88
CA LYS A 266 9.12 -24.75 2.07
C LYS A 266 9.43 -23.27 1.78
N CYS A 267 10.37 -22.62 2.48
CA CYS A 267 10.77 -21.20 2.30
C CYS A 267 11.99 -20.99 1.40
N ILE A 268 12.49 -22.01 0.72
CA ILE A 268 13.72 -21.85 -0.12
C ILE A 268 13.50 -20.71 -1.12
N GLY A 269 12.39 -20.65 -1.84
CA GLY A 269 12.14 -19.57 -2.80
C GLY A 269 12.16 -18.18 -2.12
N ASP A 270 11.68 -18.09 -0.89
CA ASP A 270 11.63 -16.85 -0.09
C ASP A 270 13.06 -16.45 0.25
N LEU A 271 13.96 -17.40 0.53
CA LEU A 271 15.39 -17.07 0.80
C LEU A 271 16.06 -16.67 -0.51
N LYS A 272 15.75 -17.33 -1.63
CA LYS A 272 16.39 -17.02 -2.92
C LYS A 272 16.05 -15.56 -3.30
N ALA A 273 14.85 -15.08 -2.92
CA ALA A 273 14.40 -13.72 -3.22
C ALA A 273 15.32 -12.69 -2.58
N ILE A 274 16.02 -13.04 -1.51
CA ILE A 274 16.90 -12.03 -0.83
C ILE A 274 18.05 -11.67 -1.81
N GLY A 275 18.83 -12.65 -2.25
CA GLY A 275 19.90 -12.41 -3.24
C GLY A 275 19.41 -11.85 -4.56
N ASP A 276 18.34 -12.37 -5.12
CA ASP A 276 17.78 -11.82 -6.40
C ASP A 276 17.41 -10.34 -6.21
N SER A 277 16.77 -9.98 -5.08
CA SER A 277 16.34 -8.58 -4.79
C SER A 277 17.57 -7.68 -4.62
N ARG A 278 18.63 -8.19 -3.99
CA ARG A 278 19.89 -7.40 -3.84
C ARG A 278 20.42 -7.04 -5.23
N GLN A 279 20.53 -8.03 -6.13
CA GLN A 279 21.10 -7.77 -7.48
C GLN A 279 20.22 -6.78 -8.22
N GLU A 280 18.89 -6.94 -8.16
CA GLU A 280 17.92 -6.03 -8.82
C GLU A 280 18.12 -4.59 -8.30
N LEU A 281 18.21 -4.40 -6.99
CA LEU A 281 18.32 -3.02 -6.46
C LEU A 281 19.68 -2.41 -6.84
N HIS A 282 20.75 -3.23 -6.91
CA HIS A 282 22.06 -2.75 -7.41
C HIS A 282 21.95 -2.29 -8.85
N SER A 283 21.32 -3.08 -9.72
CA SER A 283 21.23 -2.80 -11.19
CA SER A 283 21.26 -2.79 -11.17
C SER A 283 20.36 -1.58 -11.42
N LYS A 284 19.22 -1.51 -10.74
CA LYS A 284 18.25 -0.43 -11.07
C LYS A 284 18.49 0.82 -10.22
N VAL A 285 18.99 0.71 -9.00
CA VAL A 285 19.00 1.86 -8.05
C VAL A 285 20.42 2.25 -7.69
N TYR A 286 21.12 1.42 -6.93
CA TYR A 286 22.36 1.88 -6.27
C TYR A 286 23.44 2.17 -7.32
N GLN A 287 23.50 1.40 -8.41
CA GLN A 287 24.52 1.64 -9.45
C GLN A 287 23.84 2.11 -10.73
N HIS A 288 22.70 2.81 -10.63
CA HIS A 288 22.12 3.56 -11.79
C HIS A 288 23.25 4.39 -12.45
N LYS A 289 23.35 4.36 -13.76
CA LYS A 289 24.51 4.98 -14.47
C LYS A 289 24.55 6.49 -14.26
N ALA A 290 23.41 7.22 -14.16
CA ALA A 290 23.44 8.67 -13.84
C ALA A 290 23.96 8.94 -12.42
N VAL A 291 23.60 8.09 -11.44
CA VAL A 291 24.19 8.19 -10.07
C VAL A 291 25.70 8.08 -10.18
N ARG A 292 26.18 7.11 -10.97
CA ARG A 292 27.65 6.91 -11.09
C ARG A 292 28.32 8.18 -11.65
N PHE A 293 27.71 8.81 -12.63
CA PHE A 293 28.27 10.05 -13.22
C PHE A 293 28.38 11.13 -12.15
N MET A 294 27.35 11.34 -11.34
CA MET A 294 27.40 12.36 -10.30
C MET A 294 28.37 11.96 -9.17
N GLU A 295 28.53 10.68 -8.87
CA GLU A 295 29.57 10.25 -7.88
C GLU A 295 30.99 10.75 -8.30
N THR A 296 31.34 10.73 -9.59
CA THR A 296 32.69 11.13 -10.06
C THR A 296 32.89 12.63 -9.74
N LEU A 297 31.84 13.44 -9.86
CA LEU A 297 31.96 14.88 -9.51
C LEU A 297 32.10 15.05 -8.01
N MET A 298 31.31 14.32 -7.21
CA MET A 298 31.38 14.41 -5.73
C MET A 298 32.77 13.98 -5.24
N VAL A 299 33.32 12.87 -5.75
CA VAL A 299 34.67 12.41 -5.30
C VAL A 299 35.72 13.50 -5.60
N ASP A 300 35.71 14.08 -6.80
CA ASP A 300 36.66 15.17 -7.16
C ASP A 300 36.52 16.31 -6.15
N ALA A 301 35.30 16.71 -5.79
CA ALA A 301 35.08 17.84 -4.86
C ALA A 301 35.67 17.44 -3.50
N LEU A 302 35.40 16.23 -3.03
CA LEU A 302 35.88 15.82 -1.66
C LEU A 302 37.42 15.81 -1.67
N ILE A 303 38.04 15.30 -2.72
CA ILE A 303 39.52 15.21 -2.83
C ILE A 303 40.07 16.65 -2.84
N ASN A 304 39.50 17.52 -3.65
CA ASN A 304 40.01 18.92 -3.80
C ASN A 304 39.77 19.73 -2.53
N ALA A 305 38.64 19.51 -1.82
CA ALA A 305 38.28 20.31 -0.63
C ALA A 305 38.90 19.72 0.64
N GLY A 306 39.31 18.47 0.60
CA GLY A 306 39.55 17.62 1.77
C GLY A 306 40.56 18.21 2.76
N ASP A 307 41.64 18.83 2.26
CA ASP A 307 42.71 19.47 3.08
C ASP A 307 42.16 20.68 3.82
N PHE A 308 41.17 21.39 3.28
CA PHE A 308 40.69 22.67 3.84
C PHE A 308 39.60 22.48 4.88
N LEU A 309 38.86 21.38 4.84
CA LEU A 309 37.77 21.12 5.81
C LEU A 309 38.35 20.51 7.07
N LYS A 310 38.09 21.13 8.23
CA LYS A 310 38.72 20.74 9.51
C LYS A 310 37.65 20.46 10.57
N TYR A 311 37.91 19.46 11.40
CA TYR A 311 37.01 18.96 12.47
C TYR A 311 37.84 18.82 13.75
N LYS A 312 37.34 19.35 14.85
CA LYS A 312 37.99 19.31 16.17
C LYS A 312 37.90 17.87 16.72
N GLY A 313 39.04 17.30 17.08
CA GLY A 313 39.17 15.97 17.66
C GLY A 313 39.40 16.00 19.17
N SER A 314 39.75 14.84 19.72
CA SER A 314 39.65 14.49 21.16
C SER A 314 40.39 15.52 22.03
N ASN A 315 41.50 16.02 21.53
CA ASN A 315 42.46 16.78 22.36
C ASN A 315 42.49 18.24 21.88
N GLY A 316 41.37 18.73 21.35
CA GLY A 316 41.21 20.03 20.65
C GLY A 316 42.07 20.17 19.39
N GLU A 317 42.74 19.12 18.89
CA GLU A 317 43.48 19.16 17.59
C GLU A 317 42.46 19.15 16.43
N LEU A 318 42.79 19.85 15.36
CA LEU A 318 41.97 19.93 14.12
C LEU A 318 42.41 18.82 13.16
N TYR A 319 41.47 18.05 12.62
CA TYR A 319 41.75 17.00 11.61
C TYR A 319 41.07 17.42 10.32
N SER A 320 41.77 17.25 9.19
CA SER A 320 41.19 17.47 7.86
C SER A 320 40.24 16.31 7.52
N LEU A 321 39.34 16.53 6.56
CA LEU A 321 38.44 15.46 6.09
C LEU A 321 39.31 14.26 5.63
N LYS A 322 40.51 14.51 5.07
CA LYS A 322 41.40 13.40 4.61
C LYS A 322 41.99 12.59 5.78
N ASN A 323 42.01 13.12 7.00
CA ASN A 323 42.59 12.42 8.16
C ASN A 323 41.53 12.07 9.24
N VAL A 324 40.23 12.35 9.04
CA VAL A 324 39.26 12.33 10.19
C VAL A 324 39.17 10.94 10.77
N THR A 325 39.45 9.88 9.99
CA THR A 325 39.33 8.49 10.47
C THR A 325 40.38 8.21 11.55
N GLU A 326 41.36 9.08 11.72
CA GLU A 326 42.43 8.92 12.73
C GLU A 326 41.93 9.36 14.11
N ASP A 327 40.76 9.94 14.23
CA ASP A 327 40.27 10.39 15.57
C ASP A 327 38.75 10.31 15.62
N VAL A 328 38.24 9.43 16.50
CA VAL A 328 36.79 9.13 16.58
C VAL A 328 36.02 10.44 16.84
N ASP A 329 36.52 11.34 17.70
CA ASP A 329 35.76 12.57 18.01
C ASP A 329 35.64 13.45 16.76
N ALA A 330 36.70 13.57 15.98
CA ALA A 330 36.68 14.42 14.76
C ALA A 330 35.75 13.76 13.72
N PHE A 331 35.84 12.45 13.56
CA PHE A 331 35.02 11.66 12.63
C PHE A 331 33.52 11.92 12.91
N LEU A 332 33.15 11.97 14.19
CA LEU A 332 31.72 12.12 14.62
C LEU A 332 31.17 13.51 14.26
N LYS A 333 32.03 14.47 13.87
CA LYS A 333 31.54 15.80 13.44
C LYS A 333 31.19 15.77 11.95
N THR A 334 31.50 14.71 11.21
CA THR A 334 31.27 14.66 9.74
C THR A 334 29.83 14.19 9.47
N THR A 335 29.20 14.80 8.48
CA THR A 335 27.85 14.38 7.98
C THR A 335 27.77 14.66 6.48
N ASP A 336 26.60 14.42 5.89
CA ASP A 336 26.34 14.74 4.48
C ASP A 336 26.37 16.27 4.29
N TYR A 337 26.33 17.04 5.35
CA TYR A 337 26.44 18.51 5.20
CA TYR A 337 26.52 18.51 5.39
C TYR A 337 27.86 18.91 4.76
N VAL A 338 28.82 17.98 4.68
CA VAL A 338 30.14 18.25 4.02
C VAL A 338 29.88 18.95 2.65
N GLU A 339 28.87 18.55 1.89
CA GLU A 339 28.54 19.16 0.59
C GLU A 339 28.29 20.68 0.77
N GLN A 340 27.48 21.05 1.76
CA GLN A 340 27.17 22.47 2.02
C GLN A 340 28.40 23.19 2.56
N GLU A 341 29.23 22.56 3.38
CA GLU A 341 30.51 23.13 3.88
C GLU A 341 31.38 23.58 2.70
N ILE A 342 31.51 22.73 1.68
CA ILE A 342 32.29 23.10 0.45
C ILE A 342 31.59 24.27 -0.22
N LEU A 343 30.30 24.16 -0.54
CA LEU A 343 29.56 25.21 -1.29
C LEU A 343 29.66 26.56 -0.58
N ASN A 344 29.63 26.61 0.76
CA ASN A 344 29.59 27.87 1.54
C ASN A 344 31.01 28.33 1.94
N SER A 345 32.07 27.57 1.67
CA SER A 345 33.44 27.92 2.09
C SER A 345 33.81 29.31 1.54
N GLN A 346 34.45 30.14 2.35
CA GLN A 346 35.02 31.44 1.94
C GLN A 346 36.50 31.30 1.54
N ILE A 347 37.06 30.10 1.56
CA ILE A 347 38.45 29.83 1.08
C ILE A 347 38.51 30.01 -0.45
N THR A 348 39.49 30.80 -0.94
CA THR A 348 39.60 31.16 -2.38
C THR A 348 40.80 30.44 -3.01
N ASP A 349 41.48 29.55 -2.28
CA ASP A 349 42.45 28.61 -2.89
C ASP A 349 41.85 28.00 -4.15
N PRO A 350 42.63 27.95 -5.25
CA PRO A 350 42.14 27.34 -6.50
C PRO A 350 41.51 25.95 -6.35
N LYS A 351 42.01 25.13 -5.43
CA LYS A 351 41.50 23.75 -5.21
C LYS A 351 40.07 23.82 -4.63
N MET A 352 39.79 24.75 -3.73
CA MET A 352 38.44 24.90 -3.13
C MET A 352 37.49 25.36 -4.24
N ILE A 353 37.96 26.25 -5.14
CA ILE A 353 37.13 26.78 -6.23
C ILE A 353 36.85 25.65 -7.20
N GLU A 354 37.81 24.76 -7.46
CA GLU A 354 37.58 23.54 -8.28
C GLU A 354 36.50 22.62 -7.62
N ALA A 355 36.53 22.43 -6.32
CA ALA A 355 35.57 21.57 -5.58
C ALA A 355 34.16 22.20 -5.74
N GLN A 356 34.06 23.52 -5.57
CA GLN A 356 32.76 24.24 -5.68
C GLN A 356 32.25 24.14 -7.12
N THR A 357 33.14 24.26 -8.11
CA THR A 357 32.76 24.11 -9.53
C THR A 357 32.09 22.75 -9.77
N ALA A 358 32.67 21.68 -9.25
CA ALA A 358 32.18 20.30 -9.44
C ALA A 358 30.81 20.13 -8.78
N LEU A 359 30.61 20.68 -7.58
CA LEU A 359 29.30 20.56 -6.88
C LEU A 359 28.23 21.36 -7.60
N LEU A 360 28.61 22.51 -8.18
CA LEU A 360 27.65 23.38 -8.91
C LEU A 360 27.27 22.69 -10.22
N LYS A 361 28.18 21.93 -10.85
CA LYS A 361 27.83 21.13 -12.05
C LYS A 361 26.76 20.09 -11.73
N ILE A 362 26.87 19.44 -10.59
CA ILE A 362 25.82 18.48 -10.13
C ILE A 362 24.48 19.21 -10.07
N GLN A 363 24.42 20.36 -9.39
CA GLN A 363 23.12 21.06 -9.17
C GLN A 363 22.51 21.53 -10.49
N ARG A 364 23.34 21.93 -11.48
CA ARG A 364 22.81 22.35 -12.79
C ARG A 364 22.65 21.16 -13.74
N ARG A 365 22.97 19.94 -13.30
CA ARG A 365 22.78 18.72 -14.12
C ARG A 365 23.74 18.76 -15.32
N GLU A 366 24.91 19.34 -15.14
CA GLU A 366 25.97 19.46 -16.19
C GLU A 366 26.87 18.24 -16.02
N ILE A 367 26.32 17.08 -16.31
CA ILE A 367 27.00 15.81 -15.97
C ILE A 367 27.45 15.13 -17.27
N GLY A 368 28.32 14.13 -17.16
CA GLY A 368 28.75 13.33 -18.32
C GLY A 368 27.58 12.70 -19.06
N CYS A 369 27.75 12.33 -20.30
CA CYS A 369 26.68 11.64 -21.07
C CYS A 369 27.00 10.17 -21.30
N LYS A 370 25.95 9.36 -21.47
CA LYS A 370 26.03 7.88 -21.64
C LYS A 370 26.60 7.61 -23.03
N LEU A 371 27.72 6.88 -23.17
CA LEU A 371 28.21 6.49 -24.50
C LEU A 371 28.30 4.96 -24.59
N GLY A 372 27.29 4.29 -24.07
CA GLY A 372 27.06 2.85 -24.26
C GLY A 372 27.31 2.06 -22.99
N TYR A 373 26.85 0.82 -23.03
CA TYR A 373 27.08 -0.17 -21.95
C TYR A 373 26.91 -1.56 -22.52
N PHE A 374 27.49 -2.52 -21.82
CA PHE A 374 27.13 -3.95 -21.99
C PHE A 374 27.25 -4.62 -20.63
N GLU A 375 26.58 -5.75 -20.52
CA GLU A 375 26.72 -6.69 -19.39
C GLU A 375 27.61 -7.85 -19.82
N MET A 376 28.39 -8.39 -18.89
CA MET A 376 29.26 -9.54 -19.21
C MET A 376 29.39 -10.49 -18.01
N ASN A 377 29.74 -11.73 -18.34
CA ASN A 377 30.06 -12.82 -17.39
C ASN A 377 31.45 -12.60 -16.83
N PRO A 378 31.60 -12.45 -15.49
CA PRO A 378 32.89 -12.23 -14.87
C PRO A 378 33.92 -13.32 -15.26
N GLU A 379 33.46 -14.53 -15.57
CA GLU A 379 34.35 -15.66 -15.96
C GLU A 379 35.11 -15.35 -17.25
N ASN A 380 34.53 -14.55 -18.16
CA ASN A 380 35.17 -14.23 -19.46
C ASN A 380 36.34 -13.26 -19.26
N ALA A 381 36.64 -12.86 -18.02
CA ALA A 381 37.79 -12.00 -17.73
C ALA A 381 39.06 -12.87 -17.66
N THR A 382 39.04 -13.92 -16.84
CA THR A 382 40.21 -14.81 -16.59
C THR A 382 40.71 -15.40 -17.92
N ALA A 394 38.37 -7.17 -12.92
CA ALA A 394 37.42 -6.14 -13.40
C ALA A 394 38.16 -4.84 -13.78
N ALA A 395 39.11 -4.38 -12.98
CA ALA A 395 40.00 -3.24 -13.30
C ALA A 395 40.77 -3.47 -14.62
N GLU A 396 41.21 -4.71 -14.87
CA GLU A 396 41.96 -5.13 -16.09
C GLU A 396 41.01 -5.10 -17.29
N VAL A 397 39.80 -5.64 -17.14
CA VAL A 397 38.73 -5.56 -18.16
C VAL A 397 38.54 -4.10 -18.53
N VAL A 398 38.40 -3.22 -17.53
CA VAL A 398 38.14 -1.79 -17.78
C VAL A 398 39.32 -1.22 -18.61
N LYS A 399 40.55 -1.51 -18.19
CA LYS A 399 41.78 -1.03 -18.90
C LYS A 399 41.84 -1.60 -20.31
N LYS A 400 41.60 -2.89 -20.50
CA LYS A 400 41.60 -3.53 -21.86
C LYS A 400 40.52 -2.89 -22.74
N VAL A 401 39.28 -2.76 -22.26
CA VAL A 401 38.18 -2.20 -23.09
C VAL A 401 38.56 -0.77 -23.50
N GLY A 402 39.05 0.05 -22.57
CA GLY A 402 39.44 1.45 -22.84
C GLY A 402 40.55 1.54 -23.89
N GLN A 403 41.56 0.67 -23.82
CA GLN A 403 42.70 0.63 -24.77
C GLN A 403 42.18 0.17 -26.15
N LYS A 404 41.38 -0.89 -26.23
CA LYS A 404 40.81 -1.37 -27.51
C LYS A 404 39.86 -0.32 -28.14
N MET A 405 39.05 0.34 -27.33
CA MET A 405 38.14 1.40 -27.85
C MET A 405 39.00 2.51 -28.49
N LYS A 406 40.06 2.95 -27.81
CA LYS A 406 40.96 4.03 -28.31
C LYS A 406 41.54 3.62 -29.70
N GLU A 407 42.04 2.39 -29.84
CA GLU A 407 42.54 1.84 -31.13
C GLU A 407 41.41 1.86 -32.17
N ILE A 408 40.18 1.48 -31.79
CA ILE A 408 39.07 1.33 -32.77
C ILE A 408 38.67 2.74 -33.23
N LEU A 409 38.68 3.71 -32.32
CA LEU A 409 38.29 5.11 -32.66
C LEU A 409 39.34 5.72 -33.61
N GLU A 410 40.63 5.46 -33.39
CA GLU A 410 41.75 5.84 -34.32
C GLU A 410 41.49 5.30 -35.74
N GLN A 411 41.22 4.00 -35.89
CA GLN A 411 40.87 3.34 -37.18
C GLN A 411 39.61 3.98 -37.77
N MET A 412 38.60 4.30 -36.95
CA MET A 412 37.36 4.92 -37.48
C MET A 412 37.74 6.32 -37.96
N ASP A 413 38.58 7.02 -37.20
CA ASP A 413 38.91 8.45 -37.44
C ASP A 413 39.63 8.55 -38.80
N ASP A 414 40.58 7.65 -39.08
CA ASP A 414 41.44 7.68 -40.29
C ASP A 414 40.63 7.16 -41.50
N THR A 415 39.96 6.00 -41.38
CA THR A 415 39.11 5.42 -42.46
C THR A 415 38.02 6.41 -42.91
N GLU A 416 37.41 7.19 -42.01
CA GLU A 416 36.27 8.10 -42.36
C GLU A 416 36.76 9.55 -42.52
N GLU A 417 38.07 9.79 -42.36
CA GLU A 417 38.76 11.09 -42.58
C GLU A 417 38.08 12.18 -41.74
N MET A 418 38.16 12.08 -40.42
CA MET A 418 37.49 12.99 -39.45
C MET A 418 38.52 13.90 -38.79
N ASP A 419 39.77 13.89 -39.26
CA ASP A 419 40.86 14.82 -38.83
C ASP A 419 40.93 14.90 -37.29
N GLY A 420 40.88 13.75 -36.62
CA GLY A 420 41.09 13.66 -35.17
C GLY A 420 39.88 14.08 -34.34
N LYS A 421 38.71 14.30 -34.96
CA LYS A 421 37.46 14.64 -34.21
C LYS A 421 37.08 13.46 -33.30
N LEU A 422 37.32 12.22 -33.72
CA LEU A 422 37.06 10.99 -32.93
C LEU A 422 38.19 10.78 -31.92
N LYS A 423 39.44 10.86 -32.36
CA LYS A 423 40.65 10.66 -31.51
C LYS A 423 40.69 11.66 -30.35
N ASP A 424 40.12 12.85 -30.51
CA ASP A 424 40.15 13.87 -29.43
C ASP A 424 39.02 13.65 -28.39
N ILE A 425 38.08 12.73 -28.60
CA ILE A 425 36.90 12.57 -27.68
C ILE A 425 37.40 12.12 -26.31
N GLN A 426 37.03 12.84 -25.25
CA GLN A 426 37.33 12.43 -23.86
C GLN A 426 36.23 11.48 -23.35
N PHE A 427 36.61 10.27 -22.91
CA PHE A 427 35.66 9.29 -22.32
C PHE A 427 36.38 8.45 -21.31
N THR A 428 35.61 7.88 -20.39
CA THR A 428 36.10 7.03 -19.29
C THR A 428 35.26 5.75 -19.31
N VAL A 429 35.93 4.62 -19.19
CA VAL A 429 35.27 3.30 -19.09
C VAL A 429 35.14 3.02 -17.60
N MET A 430 33.96 2.57 -17.19
CA MET A 430 33.67 2.25 -15.77
C MET A 430 33.02 0.89 -15.68
N HIS A 431 32.98 0.35 -14.49
CA HIS A 431 32.34 -0.98 -14.27
C HIS A 431 31.45 -0.92 -13.04
N SER A 432 30.45 -1.76 -13.05
CA SER A 432 29.59 -2.05 -11.89
C SER A 432 29.61 -3.56 -11.69
N VAL A 433 29.83 -3.97 -10.44
CA VAL A 433 29.60 -5.36 -9.98
C VAL A 433 28.13 -5.50 -9.58
N LEU A 434 27.37 -6.30 -10.32
CA LEU A 434 25.94 -6.55 -10.06
C LEU A 434 25.75 -8.00 -9.59
N GLY A 435 25.87 -8.21 -8.28
CA GLY A 435 25.88 -9.55 -7.71
C GLY A 435 24.86 -9.75 -6.63
N ARG A 436 24.79 -10.96 -6.16
CA ARG A 436 23.85 -11.42 -5.09
C ARG A 436 24.57 -11.41 -3.74
N GLY A 437 25.83 -11.04 -3.71
CA GLY A 437 26.65 -11.07 -2.51
C GLY A 437 27.85 -11.93 -2.82
N LEU A 438 28.56 -12.40 -1.82
CA LEU A 438 29.49 -13.56 -1.94
C LEU A 438 30.33 -13.48 -3.24
N ASP A 439 30.55 -14.62 -3.90
CA ASP A 439 31.49 -14.71 -5.05
C ASP A 439 30.69 -14.63 -6.35
N ASP A 440 31.39 -14.48 -7.45
CA ASP A 440 30.81 -14.34 -8.81
C ASP A 440 29.94 -15.59 -9.12
N LYS A 441 30.31 -16.74 -8.58
CA LYS A 441 29.76 -18.02 -9.10
C LYS A 441 28.67 -18.60 -8.17
N THR A 442 28.56 -18.15 -6.92
CA THR A 442 27.73 -18.88 -5.91
C THR A 442 26.52 -18.03 -5.54
N HIS A 443 25.33 -18.60 -5.72
CA HIS A 443 24.07 -18.04 -5.21
C HIS A 443 24.03 -18.26 -3.70
N PRO A 444 23.79 -17.18 -2.91
CA PRO A 444 23.68 -17.30 -1.47
C PRO A 444 22.73 -18.42 -0.97
N ILE A 445 21.67 -18.71 -1.72
CA ILE A 445 20.70 -19.74 -1.32
C ILE A 445 21.40 -21.11 -1.22
N GLU A 446 22.40 -21.38 -2.06
CA GLU A 446 23.16 -22.67 -2.03
C GLU A 446 23.85 -22.82 -0.67
N ARG A 447 24.15 -21.73 0.00
CA ARG A 447 24.95 -21.72 1.26
C ARG A 447 24.06 -21.46 2.47
N GLN A 448 22.74 -21.67 2.34
CA GLN A 448 21.78 -21.52 3.43
C GLN A 448 21.35 -22.92 3.84
N ILE A 449 21.38 -23.17 5.14
CA ILE A 449 20.86 -24.43 5.74
C ILE A 449 19.33 -24.35 5.90
N PHE A 450 18.65 -25.46 5.63
CA PHE A 450 17.20 -25.64 5.73
C PHE A 450 16.90 -26.87 6.58
N TYR A 451 15.65 -26.99 7.01
CA TYR A 451 15.20 -28.23 7.71
C TYR A 451 13.93 -28.69 7.05
N ASP A 452 13.62 -29.94 7.26
CA ASP A 452 12.41 -30.62 6.75
C ASP A 452 11.40 -30.76 7.90
N GLY A 453 10.13 -30.91 7.58
CA GLY A 453 9.09 -31.29 8.56
C GLY A 453 8.78 -30.13 9.49
N LYS A 454 8.09 -30.44 10.57
CA LYS A 454 7.62 -29.46 11.57
C LYS A 454 8.16 -29.84 12.94
N PRO A 455 9.45 -29.64 13.21
CA PRO A 455 10.04 -30.14 14.46
C PRO A 455 9.42 -29.43 15.68
N SER A 456 9.38 -30.14 16.81
CA SER A 456 8.92 -29.65 18.14
C SER A 456 9.71 -30.35 19.25
N GLN A 462 17.19 -33.59 18.47
CA GLN A 462 17.89 -32.42 17.91
C GLN A 462 17.81 -32.53 16.40
N VAL A 463 17.55 -31.43 15.71
CA VAL A 463 17.37 -31.48 14.22
C VAL A 463 18.72 -31.20 13.55
N VAL A 464 19.01 -31.96 12.50
CA VAL A 464 20.17 -31.72 11.60
C VAL A 464 19.64 -31.14 10.29
N GLY A 465 20.20 -30.02 9.88
CA GLY A 465 19.75 -29.32 8.67
C GLY A 465 20.48 -29.87 7.46
N PHE A 466 20.18 -29.33 6.30
CA PHE A 466 20.82 -29.69 5.02
C PHE A 466 20.93 -28.44 4.16
N TYR A 467 21.86 -28.48 3.24
CA TYR A 467 22.02 -27.51 2.15
C TYR A 467 21.23 -27.97 0.95
N PRO A 468 20.78 -27.07 0.08
CA PRO A 468 20.00 -27.47 -1.08
C PRO A 468 20.80 -28.37 -2.03
N SER A 469 20.07 -29.21 -2.71
CA SER A 469 20.58 -29.95 -3.89
C SER A 469 21.28 -29.00 -4.86
N GLU A 470 22.26 -29.48 -5.60
CA GLU A 470 22.94 -28.79 -6.72
C GLU A 470 21.92 -28.42 -7.81
N ASP A 471 20.84 -29.18 -7.90
CA ASP A 471 19.77 -28.97 -8.90
C ASP A 471 19.08 -27.62 -8.62
N TYR A 472 19.01 -27.15 -7.37
CA TYR A 472 18.12 -26.02 -7.08
C TYR A 472 18.58 -24.82 -7.93
N VAL A 473 19.85 -24.45 -7.86
CA VAL A 473 20.32 -23.27 -8.63
C VAL A 473 20.24 -23.57 -10.13
N ILE A 474 20.45 -24.81 -10.55
CA ILE A 474 20.39 -25.20 -12.00
C ILE A 474 18.97 -24.95 -12.51
N ASN A 475 17.96 -25.32 -11.74
CA ASN A 475 16.54 -25.19 -12.15
C ASN A 475 16.05 -23.75 -11.93
N ASN A 476 16.64 -22.94 -11.05
CA ASN A 476 15.96 -21.67 -10.63
C ASN A 476 16.79 -20.42 -10.96
N CYS A 477 18.09 -20.54 -11.15
CA CYS A 477 19.01 -19.40 -11.16
C CYS A 477 19.84 -19.41 -12.43
N PRO A 478 20.36 -18.23 -12.83
CA PRO A 478 21.35 -18.21 -13.90
C PRO A 478 22.64 -18.88 -13.43
N ARG A 479 23.46 -19.28 -14.38
CA ARG A 479 24.68 -20.08 -14.11
C ARG A 479 25.59 -19.26 -13.21
N MET A 480 25.73 -17.95 -13.42
CA MET A 480 26.57 -17.11 -12.55
C MET A 480 25.68 -16.24 -11.65
N ALA A 481 26.14 -15.98 -10.43
CA ALA A 481 25.41 -15.18 -9.43
C ALA A 481 25.68 -13.69 -9.64
N THR A 482 26.75 -13.37 -10.33
CA THR A 482 27.21 -11.99 -10.55
C THR A 482 27.29 -11.73 -12.06
N LYS A 483 26.93 -10.52 -12.45
CA LYS A 483 27.27 -9.96 -13.77
C LYS A 483 28.00 -8.64 -13.56
N TRP A 484 28.82 -8.27 -14.54
CA TRP A 484 29.48 -6.94 -14.60
C TRP A 484 28.82 -6.10 -15.67
N GLU A 485 28.55 -4.85 -15.35
CA GLU A 485 28.18 -3.87 -16.38
C GLU A 485 29.41 -3.00 -16.68
N ILE A 486 29.76 -2.91 -17.95
CA ILE A 486 30.85 -2.05 -18.47
C ILE A 486 30.15 -0.89 -19.16
N PHE A 487 30.45 0.34 -18.78
CA PHE A 487 29.78 1.50 -19.40
C PHE A 487 30.76 2.63 -19.58
N VAL A 488 30.35 3.53 -20.46
CA VAL A 488 31.18 4.68 -20.88
C VAL A 488 30.49 5.99 -20.48
N MET A 489 31.24 6.87 -19.85
CA MET A 489 30.90 8.26 -19.52
C MET A 489 31.73 9.20 -20.40
N GLY A 490 31.05 10.00 -21.22
CA GLY A 490 31.70 11.00 -22.09
C GLY A 490 31.51 12.40 -21.58
N ASP A 491 32.32 13.31 -22.07
CA ASP A 491 32.16 14.76 -21.84
C ASP A 491 30.74 15.13 -22.27
N ARG A 492 30.10 16.01 -21.53
CA ARG A 492 28.71 16.42 -21.81
C ARG A 492 28.61 17.07 -23.19
N SER A 493 29.68 17.63 -23.74
CA SER A 493 29.66 18.23 -25.10
C SER A 493 29.16 17.22 -26.15
N LEU A 494 29.45 15.92 -25.98
CA LEU A 494 29.04 14.84 -26.94
C LEU A 494 27.51 14.71 -27.05
N ARG A 495 26.74 15.24 -26.08
CA ARG A 495 25.26 15.25 -26.09
C ARG A 495 24.76 15.91 -27.39
N LYS A 496 25.48 16.89 -27.92
CA LYS A 496 25.04 17.70 -29.08
C LYS A 496 25.68 17.19 -30.39
N GLU A 497 26.27 16.00 -30.38
CA GLU A 497 26.99 15.45 -31.56
C GLU A 497 26.67 13.97 -31.63
N PRO A 498 25.42 13.61 -32.00
CA PRO A 498 24.98 12.20 -32.00
C PRO A 498 25.80 11.27 -32.92
N LEU A 499 26.28 11.78 -34.04
CA LEU A 499 27.10 11.03 -35.03
C LEU A 499 28.41 10.60 -34.36
N LEU A 500 29.03 11.47 -33.55
CA LEU A 500 30.27 11.14 -32.81
C LEU A 500 29.91 10.15 -31.69
N ALA A 501 28.84 10.42 -30.95
CA ALA A 501 28.41 9.60 -29.80
C ALA A 501 28.16 8.18 -30.31
N ASP A 502 27.49 8.04 -31.44
CA ASP A 502 27.17 6.73 -32.04
C ASP A 502 28.45 5.95 -32.33
N ARG A 503 29.54 6.59 -32.77
CA ARG A 503 30.82 5.88 -33.04
C ARG A 503 31.43 5.34 -31.74
N VAL A 504 31.38 6.11 -30.67
CA VAL A 504 31.92 5.64 -29.36
C VAL A 504 31.07 4.42 -28.91
N LYS A 505 29.76 4.47 -29.07
CA LYS A 505 28.88 3.34 -28.65
C LYS A 505 29.25 2.12 -29.46
N ARG A 506 29.50 2.31 -30.76
CA ARG A 506 29.87 1.23 -31.70
C ARG A 506 31.21 0.65 -31.26
N ALA A 507 32.16 1.50 -30.86
CA ALA A 507 33.50 1.09 -30.44
C ALA A 507 33.42 0.24 -29.19
N LEU A 508 32.57 0.62 -28.22
CA LEU A 508 32.43 -0.17 -26.98
C LEU A 508 31.98 -1.61 -27.33
N GLN A 509 30.93 -1.74 -28.14
CA GLN A 509 30.38 -3.05 -28.58
C GLN A 509 31.46 -3.85 -29.33
N LEU A 510 32.20 -3.23 -30.27
CA LEU A 510 33.26 -3.94 -31.06
C LEU A 510 34.36 -4.38 -30.11
N ALA A 511 34.71 -3.57 -29.11
CA ALA A 511 35.76 -3.92 -28.11
C ALA A 511 35.27 -5.11 -27.26
N GLY A 512 34.01 -5.10 -26.84
CA GLY A 512 33.44 -6.27 -26.15
C GLY A 512 33.51 -7.55 -26.99
N GLU A 513 33.13 -7.48 -28.25
CA GLU A 513 33.14 -8.66 -29.17
C GLU A 513 34.59 -9.06 -29.45
N SER A 514 35.51 -8.12 -29.67
CA SER A 514 36.96 -8.35 -29.97
C SER A 514 37.70 -8.98 -28.78
N GLU A 515 37.13 -8.93 -27.59
CA GLU A 515 37.73 -9.55 -26.38
C GLU A 515 36.92 -10.80 -25.99
N LYS A 516 35.86 -11.11 -26.74
CA LYS A 516 35.01 -12.32 -26.54
C LYS A 516 34.20 -12.17 -25.25
N PHE A 517 33.88 -10.95 -24.82
CA PHE A 517 32.98 -10.72 -23.65
C PHE A 517 31.53 -10.78 -24.15
N LEU A 518 31.27 -10.43 -25.41
CA LEU A 518 29.92 -10.35 -26.02
C LEU A 518 29.87 -11.14 -27.34
N THR A 519 28.71 -11.69 -27.68
CA THR A 519 28.45 -12.34 -28.99
C THR A 519 27.60 -11.39 -29.81
N PRO A 520 27.82 -11.24 -31.13
CA PRO A 520 27.05 -10.27 -31.92
C PRO A 520 25.66 -10.77 -32.32
N MET B 1 -16.45 12.40 -24.94
CA MET B 1 -15.21 12.98 -24.30
C MET B 1 -15.09 12.45 -22.87
N GLU B 2 -16.10 12.72 -22.04
CA GLU B 2 -16.08 12.26 -20.63
C GLU B 2 -16.52 10.80 -20.59
N PRO B 3 -15.94 9.99 -19.70
CA PRO B 3 -16.37 8.60 -19.56
C PRO B 3 -17.83 8.56 -19.11
N LYS B 4 -18.56 7.53 -19.46
CA LYS B 4 -19.91 7.32 -18.91
C LYS B 4 -19.80 6.97 -17.42
N HIS B 5 -18.86 6.10 -17.07
CA HIS B 5 -18.69 5.62 -15.68
C HIS B 5 -17.22 5.63 -15.37
N ILE B 6 -16.92 5.90 -14.11
CA ILE B 6 -15.57 5.66 -13.57
C ILE B 6 -15.74 4.63 -12.44
N ILE B 7 -15.16 3.45 -12.60
CA ILE B 7 -15.45 2.33 -11.66
C ILE B 7 -14.21 2.10 -10.78
N ASN B 8 -14.38 2.10 -9.46
CA ASN B 8 -13.23 1.83 -8.54
C ASN B 8 -12.60 0.46 -8.84
N ASP B 9 -11.29 0.43 -8.79
CA ASP B 9 -10.50 -0.82 -9.06
C ASP B 9 -9.32 -0.78 -8.09
N ASN B 10 -9.00 -1.88 -7.46
CA ASN B 10 -7.99 -1.90 -6.37
C ASN B 10 -6.60 -1.91 -6.98
N VAL B 11 -6.43 -2.29 -8.25
CA VAL B 11 -5.08 -2.30 -8.88
C VAL B 11 -4.72 -0.92 -9.43
N TYR B 12 -5.62 -0.25 -10.14
CA TYR B 12 -5.34 1.01 -10.86
C TYR B 12 -5.97 2.21 -10.14
N GLY B 13 -6.76 2.02 -9.07
CA GLY B 13 -7.56 3.13 -8.49
C GLY B 13 -8.94 3.19 -9.13
N THR B 14 -8.98 3.40 -10.44
CA THR B 14 -10.23 3.40 -11.26
C THR B 14 -10.02 2.81 -12.65
N VAL B 15 -11.13 2.44 -13.29
CA VAL B 15 -11.26 2.12 -14.71
C VAL B 15 -12.31 3.10 -15.30
N LYS B 16 -11.93 3.82 -16.35
CA LYS B 16 -12.82 4.67 -17.14
C LYS B 16 -13.53 3.87 -18.21
N VAL B 17 -14.86 3.98 -18.23
CA VAL B 17 -15.72 3.30 -19.23
C VAL B 17 -16.32 4.35 -20.16
N PRO B 18 -15.83 4.49 -21.40
CA PRO B 18 -16.42 5.40 -22.38
C PRO B 18 -17.64 4.77 -23.04
N ARG B 19 -18.55 5.59 -23.52
CA ARG B 19 -19.67 5.12 -24.39
C ARG B 19 -19.07 4.55 -25.66
N PRO B 20 -19.59 3.46 -26.26
CA PRO B 20 -20.68 2.65 -25.71
C PRO B 20 -20.23 1.32 -25.07
N ILE B 21 -19.01 1.28 -24.49
CA ILE B 21 -18.49 0.05 -23.83
C ILE B 21 -19.41 -0.30 -22.66
N ASP B 22 -20.03 0.70 -22.00
CA ASP B 22 -20.99 0.47 -20.91
C ASP B 22 -22.11 -0.52 -21.34
N LYS B 23 -22.51 -0.47 -22.61
CA LYS B 23 -23.63 -1.35 -23.09
C LYS B 23 -23.18 -2.83 -23.09
N LEU B 24 -21.89 -3.09 -23.30
CA LEU B 24 -21.36 -4.49 -23.26
C LEU B 24 -21.22 -4.96 -21.84
N ILE B 25 -20.78 -4.09 -20.94
CA ILE B 25 -20.69 -4.44 -19.50
C ILE B 25 -22.06 -4.83 -18.99
N ASP B 26 -23.10 -4.09 -19.36
CA ASP B 26 -24.49 -4.28 -18.83
C ASP B 26 -25.27 -5.31 -19.66
N THR B 27 -24.67 -6.48 -19.91
CA THR B 27 -25.27 -7.65 -20.57
C THR B 27 -25.27 -8.80 -19.58
N VAL B 28 -26.20 -9.73 -19.70
CA VAL B 28 -26.21 -10.91 -18.81
C VAL B 28 -24.90 -11.70 -19.03
N GLU B 29 -24.37 -11.73 -20.26
CA GLU B 29 -23.16 -12.50 -20.59
C GLU B 29 -21.95 -11.94 -19.82
N PHE B 30 -21.76 -10.61 -19.74
CA PHE B 30 -20.61 -10.04 -19.02
C PHE B 30 -20.85 -10.11 -17.53
N GLN B 31 -22.09 -9.84 -17.03
CA GLN B 31 -22.40 -9.81 -15.59
C GLN B 31 -22.22 -11.22 -14.99
N ARG B 32 -22.37 -12.29 -15.79
CA ARG B 32 -22.10 -13.67 -15.39
C ARG B 32 -20.68 -13.80 -14.82
N LEU B 33 -19.71 -13.02 -15.31
CA LEU B 33 -18.31 -13.11 -14.88
C LEU B 33 -18.13 -12.70 -13.43
N ARG B 34 -19.09 -12.03 -12.81
CA ARG B 34 -19.04 -11.76 -11.33
C ARG B 34 -19.07 -13.05 -10.53
N HIS B 35 -19.56 -14.15 -11.11
CA HIS B 35 -19.88 -15.41 -10.38
C HIS B 35 -18.90 -16.50 -10.82
N LEU B 36 -17.77 -16.12 -11.43
CA LEU B 36 -16.63 -17.01 -11.74
C LEU B 36 -15.38 -16.48 -11.07
N LYS B 37 -14.79 -17.23 -10.15
CA LYS B 37 -13.52 -16.85 -9.53
C LYS B 37 -12.42 -16.94 -10.58
N GLN B 38 -11.67 -15.85 -10.72
CA GLN B 38 -10.52 -15.74 -11.60
C GLN B 38 -9.52 -16.85 -11.33
N THR B 39 -9.28 -17.24 -10.06
CA THR B 39 -8.24 -18.26 -9.73
C THR B 39 -8.85 -19.59 -9.25
N GLY B 40 -10.09 -19.89 -9.62
CA GLY B 40 -10.67 -21.23 -9.33
C GLY B 40 -10.72 -21.55 -7.83
N LEU B 41 -10.13 -22.68 -7.45
CA LEU B 41 -10.09 -23.22 -6.08
C LEU B 41 -8.91 -22.66 -5.27
N VAL B 42 -8.16 -21.71 -5.80
CA VAL B 42 -7.04 -21.15 -5.04
C VAL B 42 -7.52 -20.58 -3.72
N TYR B 43 -8.73 -20.01 -3.67
CA TYR B 43 -9.25 -19.38 -2.44
C TYR B 43 -9.29 -20.35 -1.26
N LEU B 44 -9.23 -21.68 -1.48
CA LEU B 44 -9.23 -22.65 -0.34
C LEU B 44 -7.87 -22.65 0.37
N VAL B 45 -6.85 -21.96 -0.18
CA VAL B 45 -5.52 -21.81 0.45
C VAL B 45 -5.22 -20.34 0.70
N TYR B 46 -5.61 -19.46 -0.22
CA TYR B 46 -5.44 -18.01 -0.17
C TYR B 46 -6.83 -17.39 -0.16
N PRO B 47 -7.48 -17.26 1.03
CA PRO B 47 -8.90 -16.90 1.06
C PRO B 47 -9.27 -15.55 0.49
N ASN B 48 -8.29 -14.66 0.34
CA ASN B 48 -8.48 -13.35 -0.30
C ASN B 48 -8.50 -13.46 -1.83
N CYS B 49 -8.10 -14.57 -2.43
CA CYS B 49 -8.23 -14.80 -3.89
C CYS B 49 -9.63 -15.16 -4.27
N GLU B 50 -10.57 -14.26 -3.96
CA GLU B 50 -11.99 -14.49 -4.31
C GLU B 50 -12.40 -13.45 -5.32
N HIS B 51 -11.44 -12.86 -6.03
CA HIS B 51 -11.72 -11.85 -7.07
C HIS B 51 -12.32 -12.58 -8.28
N SER B 52 -13.21 -11.91 -8.99
CA SER B 52 -14.00 -12.48 -10.10
C SER B 52 -13.29 -12.27 -11.44
N ARG B 53 -13.76 -12.98 -12.44
CA ARG B 53 -13.36 -12.75 -13.84
C ARG B 53 -13.81 -11.36 -14.29
N PHE B 54 -14.90 -10.84 -13.71
CA PHE B 54 -15.46 -9.49 -14.05
C PHE B 54 -14.41 -8.42 -13.79
N VAL B 55 -13.80 -8.39 -12.61
CA VAL B 55 -12.81 -7.34 -12.29
C VAL B 55 -11.58 -7.52 -13.17
N HIS B 56 -11.11 -8.74 -13.41
CA HIS B 56 -10.00 -8.92 -14.36
C HIS B 56 -10.35 -8.37 -15.75
N SER B 57 -11.56 -8.67 -16.27
CA SER B 57 -11.94 -8.26 -17.64
C SER B 57 -11.97 -6.73 -17.71
N LEU B 58 -12.58 -6.05 -16.70
CA LEU B 58 -12.57 -4.56 -16.71
C LEU B 58 -11.13 -4.03 -16.72
N GLY B 59 -10.23 -4.62 -15.92
CA GLY B 59 -8.84 -4.16 -15.85
C GLY B 59 -8.13 -4.33 -17.18
N THR B 60 -8.31 -5.49 -17.81
CA THR B 60 -7.72 -5.84 -19.11
C THR B 60 -8.21 -4.89 -20.21
N PHE B 61 -9.52 -4.62 -20.24
CA PHE B 61 -10.11 -3.57 -21.12
C PHE B 61 -9.36 -2.23 -20.90
N SER B 62 -9.20 -1.80 -19.66
CA SER B 62 -8.65 -0.47 -19.36
C SER B 62 -7.23 -0.36 -19.93
N LEU B 63 -6.44 -1.42 -19.81
CA LEU B 63 -5.04 -1.44 -20.33
C LEU B 63 -5.02 -1.41 -21.85
N ALA B 64 -5.86 -2.17 -22.52
CA ALA B 64 -5.88 -2.23 -23.99
C ALA B 64 -6.29 -0.85 -24.53
N TYR B 65 -7.28 -0.22 -23.91
CA TYR B 65 -7.77 1.07 -24.36
C TYR B 65 -6.64 2.11 -24.16
N ALA B 66 -6.01 2.12 -22.99
CA ALA B 66 -4.92 3.07 -22.67
C ALA B 66 -3.76 2.88 -23.67
N LEU B 67 -3.36 1.65 -23.94
CA LEU B 67 -2.17 1.38 -24.81
C LEU B 67 -2.46 1.83 -26.25
N VAL B 68 -3.61 1.46 -26.83
CA VAL B 68 -3.89 1.81 -28.23
C VAL B 68 -4.12 3.32 -28.35
N ASP B 69 -4.73 3.93 -27.34
CA ASP B 69 -4.94 5.40 -27.34
C ASP B 69 -3.58 6.10 -27.23
N LYS B 70 -2.65 5.59 -26.41
CA LYS B 70 -1.29 6.18 -26.31
C LYS B 70 -0.59 6.02 -27.67
N LEU B 71 -0.65 4.85 -28.29
CA LEU B 71 0.04 4.64 -29.59
C LEU B 71 -0.51 5.58 -30.68
N ARG B 72 -1.82 5.77 -30.72
CA ARG B 72 -2.50 6.64 -31.73
C ARG B 72 -2.02 8.11 -31.56
N HIS B 73 -1.79 8.57 -30.33
CA HIS B 73 -1.33 9.97 -30.04
C HIS B 73 0.16 10.10 -30.30
N SER B 74 0.94 9.09 -29.96
CA SER B 74 2.42 9.14 -30.10
C SER B 74 2.81 8.88 -31.57
N GLN B 75 2.07 8.08 -32.34
CA GLN B 75 2.44 7.68 -33.71
C GLN B 75 1.24 7.81 -34.63
N PRO B 76 0.89 9.07 -35.01
CA PRO B 76 -0.19 9.32 -35.96
C PRO B 76 -0.05 8.58 -37.30
N SER B 77 1.19 8.27 -37.73
CA SER B 77 1.45 7.62 -39.03
C SER B 77 0.94 6.19 -39.02
N LEU B 78 0.64 5.62 -37.84
CA LEU B 78 0.05 4.25 -37.78
C LEU B 78 -1.37 4.25 -38.37
N ASN B 79 -2.04 5.39 -38.42
CA ASN B 79 -3.44 5.48 -38.92
C ASN B 79 -4.37 4.58 -38.09
N ILE B 80 -4.16 4.51 -36.77
CA ILE B 80 -5.14 3.88 -35.85
C ILE B 80 -6.47 4.66 -35.88
N THR B 81 -7.55 3.98 -36.19
CA THR B 81 -8.92 4.56 -36.29
C THR B 81 -9.68 4.32 -35.00
N GLU B 82 -10.78 5.06 -34.83
CA GLU B 82 -11.73 4.84 -33.72
C GLU B 82 -12.18 3.38 -33.75
N SER B 83 -12.41 2.84 -34.95
CA SER B 83 -12.83 1.42 -35.12
CA SER B 83 -12.83 1.42 -35.13
C SER B 83 -11.74 0.43 -34.64
N ASP B 84 -10.48 0.67 -34.94
CA ASP B 84 -9.34 -0.16 -34.42
C ASP B 84 -9.28 -0.08 -32.87
N LEU B 85 -9.38 1.11 -32.30
CA LEU B 85 -9.32 1.34 -30.84
C LEU B 85 -10.50 0.58 -30.20
N ILE B 86 -11.73 0.73 -30.74
CA ILE B 86 -12.89 0.04 -30.13
C ILE B 86 -12.79 -1.47 -30.33
N CYS B 87 -12.39 -1.97 -31.51
CA CYS B 87 -12.30 -3.42 -31.73
C CYS B 87 -11.27 -4.01 -30.75
N THR B 88 -10.09 -3.41 -30.64
CA THR B 88 -9.03 -3.95 -29.76
C THR B 88 -9.50 -3.93 -28.30
N SER B 89 -10.15 -2.85 -27.86
CA SER B 89 -10.71 -2.64 -26.50
C SER B 89 -11.74 -3.73 -26.17
N VAL B 90 -12.67 -3.96 -27.10
CA VAL B 90 -13.74 -4.95 -26.93
C VAL B 90 -13.14 -6.35 -26.89
N ALA B 91 -12.20 -6.67 -27.77
CA ALA B 91 -11.52 -7.98 -27.72
C ALA B 91 -10.90 -8.16 -26.31
N ALA B 92 -10.27 -7.12 -25.76
CA ALA B 92 -9.64 -7.22 -24.43
C ALA B 92 -10.72 -7.43 -23.36
N LEU B 93 -11.83 -6.67 -23.45
CA LEU B 93 -12.96 -6.77 -22.48
C LEU B 93 -13.56 -8.18 -22.50
N LEU B 94 -13.70 -8.81 -23.68
CA LEU B 94 -14.53 -10.04 -23.85
C LEU B 94 -13.67 -11.29 -24.04
N ARG B 95 -12.36 -11.19 -24.05
CA ARG B 95 -11.48 -12.35 -24.27
C ARG B 95 -11.86 -13.48 -23.29
N ASN B 96 -12.29 -13.14 -22.07
CA ASN B 96 -12.51 -14.12 -20.99
C ASN B 96 -13.98 -14.32 -20.76
N VAL B 97 -14.84 -14.02 -21.71
CA VAL B 97 -16.30 -14.12 -21.47
C VAL B 97 -16.73 -15.58 -21.53
N GLY B 98 -15.93 -16.47 -22.12
CA GLY B 98 -16.36 -17.85 -22.34
C GLY B 98 -15.84 -18.90 -21.36
N HIS B 99 -15.30 -18.52 -20.21
CA HIS B 99 -14.91 -19.53 -19.19
C HIS B 99 -16.12 -20.25 -18.59
N GLY B 100 -15.98 -21.53 -18.33
CA GLY B 100 -16.92 -22.30 -17.52
C GLY B 100 -16.65 -22.13 -16.04
N PRO B 101 -17.45 -22.78 -15.17
CA PRO B 101 -17.14 -22.84 -13.76
C PRO B 101 -15.77 -23.49 -13.50
N PHE B 102 -15.00 -23.00 -12.56
CA PHE B 102 -13.68 -23.59 -12.19
C PHE B 102 -12.94 -23.94 -13.50
N SER B 103 -12.74 -22.92 -14.34
CA SER B 103 -12.31 -23.07 -15.76
C SER B 103 -11.17 -24.09 -15.94
N HIS B 104 -10.08 -23.96 -15.24
CA HIS B 104 -8.91 -24.83 -15.47
C HIS B 104 -9.26 -26.30 -15.21
N LEU B 105 -10.15 -26.60 -14.28
CA LEU B 105 -10.69 -27.97 -14.05
C LEU B 105 -11.68 -28.32 -15.17
N PHE B 106 -12.60 -27.43 -15.46
CA PHE B 106 -13.64 -27.60 -16.51
C PHE B 106 -13.00 -27.92 -17.87
N ASP B 107 -11.99 -27.17 -18.28
CA ASP B 107 -11.33 -27.36 -19.60
C ASP B 107 -10.19 -28.41 -19.49
N GLY B 108 -9.79 -28.80 -18.28
CA GLY B 108 -8.69 -29.74 -18.04
C GLY B 108 -9.20 -31.14 -17.76
N GLU B 109 -9.07 -31.60 -16.50
CA GLU B 109 -9.40 -33.00 -16.13
C GLU B 109 -10.87 -33.28 -16.40
N PHE B 110 -11.79 -32.35 -16.14
CA PHE B 110 -13.23 -32.64 -16.39
C PHE B 110 -13.43 -32.89 -17.91
N ALA B 111 -12.93 -32.01 -18.76
CA ALA B 111 -13.06 -32.12 -20.22
C ALA B 111 -12.41 -33.44 -20.67
N LYS B 112 -11.20 -33.76 -20.18
CA LYS B 112 -10.44 -35.00 -20.58
C LYS B 112 -11.29 -36.23 -20.25
N ARG B 113 -11.75 -36.39 -19.02
CA ARG B 113 -12.56 -37.60 -18.63
C ARG B 113 -13.87 -37.63 -19.39
N ASN B 114 -14.40 -36.49 -19.82
CA ASN B 114 -15.77 -36.37 -20.39
C ASN B 114 -15.73 -36.32 -21.92
N GLY B 115 -14.55 -36.18 -22.54
CA GLY B 115 -14.41 -35.94 -24.01
C GLY B 115 -15.08 -34.64 -24.45
N SER B 116 -15.03 -33.58 -23.65
CA SER B 116 -15.71 -32.28 -23.94
C SER B 116 -15.17 -31.74 -25.27
N ARG B 117 -16.06 -31.14 -26.04
CA ARG B 117 -15.79 -30.64 -27.42
C ARG B 117 -15.03 -29.29 -27.36
N PHE B 118 -15.61 -28.30 -26.66
CA PHE B 118 -15.11 -26.90 -26.74
C PHE B 118 -14.50 -26.46 -25.40
N LYS B 119 -13.49 -25.59 -25.53
CA LYS B 119 -12.76 -24.93 -24.44
C LYS B 119 -13.11 -23.44 -24.43
N HIS B 120 -12.61 -22.70 -23.43
CA HIS B 120 -13.11 -21.32 -23.17
C HIS B 120 -12.86 -20.41 -24.38
N GLU B 121 -11.76 -20.56 -25.12
CA GLU B 121 -11.49 -19.63 -26.23
C GLU B 121 -12.58 -19.81 -27.31
N ASP B 122 -13.00 -21.03 -27.56
CA ASP B 122 -14.08 -21.37 -28.53
C ASP B 122 -15.38 -20.68 -28.08
N MET B 123 -15.73 -20.81 -26.81
CA MET B 123 -16.98 -20.31 -26.26
C MET B 123 -16.90 -18.77 -26.27
N SER B 124 -15.76 -18.17 -25.95
CA SER B 124 -15.59 -16.69 -25.99
C SER B 124 -16.01 -16.17 -27.36
N ILE B 125 -15.49 -16.79 -28.41
CA ILE B 125 -15.77 -16.37 -29.79
C ILE B 125 -17.26 -16.49 -30.09
N LEU B 126 -17.90 -17.56 -29.66
CA LEU B 126 -19.35 -17.75 -29.89
C LEU B 126 -20.13 -16.66 -29.15
N ILE B 127 -19.72 -16.34 -27.92
CA ILE B 127 -20.47 -15.38 -27.07
C ILE B 127 -20.21 -13.98 -27.60
N ILE B 128 -19.04 -13.70 -28.15
CA ILE B 128 -18.72 -12.37 -28.73
C ILE B 128 -19.67 -12.12 -29.90
N LYS B 129 -19.83 -13.10 -30.77
CA LYS B 129 -20.77 -12.99 -31.94
C LYS B 129 -22.19 -12.78 -31.44
N LYS B 130 -22.58 -13.52 -30.41
CA LYS B 130 -23.95 -13.36 -29.83
C LYS B 130 -24.14 -11.91 -29.28
N ILE B 131 -23.24 -11.40 -28.44
CA ILE B 131 -23.32 -10.04 -27.88
C ILE B 131 -23.37 -8.97 -28.98
N MET B 132 -22.45 -9.03 -29.93
CA MET B 132 -22.30 -7.89 -30.90
C MET B 132 -23.47 -7.85 -31.91
N ASN B 133 -24.19 -8.95 -32.11
CA ASN B 133 -25.36 -9.03 -33.02
C ASN B 133 -26.69 -8.85 -32.23
N LYS B 134 -26.67 -8.62 -30.94
CA LYS B 134 -27.90 -8.19 -30.22
C LYS B 134 -28.38 -6.86 -30.78
N PRO B 135 -29.67 -6.70 -31.15
CA PRO B 135 -30.16 -5.42 -31.68
C PRO B 135 -29.84 -4.19 -30.83
N GLU B 136 -29.91 -4.32 -29.50
CA GLU B 136 -29.66 -3.19 -28.55
C GLU B 136 -28.16 -2.92 -28.44
N ILE B 137 -27.29 -3.79 -28.94
CA ILE B 137 -25.83 -3.53 -28.94
C ILE B 137 -25.48 -2.97 -30.32
N LYS B 138 -25.96 -3.59 -31.39
CA LYS B 138 -25.66 -3.14 -32.77
C LYS B 138 -26.12 -1.68 -32.92
N SER B 139 -27.27 -1.30 -32.34
CA SER B 139 -27.76 0.09 -32.52
C SER B 139 -26.76 1.08 -31.90
N GLU B 140 -26.00 0.65 -30.88
CA GLU B 140 -25.05 1.53 -30.14
C GLU B 140 -23.68 1.51 -30.84
N PHE B 141 -23.26 0.41 -31.47
CA PHE B 141 -21.90 0.26 -32.03
C PHE B 141 -21.86 0.52 -33.54
N ALA B 142 -23.02 0.54 -34.23
CA ALA B 142 -23.06 0.67 -35.70
C ALA B 142 -22.35 1.96 -36.16
N CYS B 143 -22.46 3.06 -35.41
CA CYS B 143 -21.83 4.33 -35.79
C CYS B 143 -20.30 4.23 -35.76
N ILE B 144 -19.70 3.29 -35.01
CA ILE B 144 -18.22 3.16 -34.95
C ILE B 144 -17.76 1.97 -35.81
N LEU B 145 -18.47 0.84 -35.72
CA LEU B 145 -17.98 -0.44 -36.30
C LEU B 145 -18.59 -0.66 -37.68
N GLY B 146 -19.57 0.14 -38.10
CA GLY B 146 -20.03 0.04 -39.49
C GLY B 146 -21.54 0.00 -39.60
N GLU B 147 -22.09 0.84 -40.49
CA GLU B 147 -23.56 1.02 -40.66
C GLU B 147 -24.07 0.04 -41.72
N THR B 148 -23.21 -0.55 -42.52
CA THR B 148 -23.60 -1.68 -43.42
C THR B 148 -23.38 -2.99 -42.67
N ASP B 149 -24.16 -3.99 -42.99
CA ASP B 149 -24.04 -5.35 -42.45
C ASP B 149 -22.61 -5.83 -42.74
N GLU B 150 -22.09 -5.58 -43.94
CA GLU B 150 -20.76 -6.09 -44.35
C GLU B 150 -19.67 -5.49 -43.46
N GLU B 151 -19.69 -4.17 -43.28
CA GLU B 151 -18.69 -3.44 -42.45
C GLU B 151 -18.79 -3.93 -41.00
N TYR B 152 -20.00 -4.06 -40.46
CA TYR B 152 -20.22 -4.46 -39.05
C TYR B 152 -19.65 -5.86 -38.88
N ALA B 153 -19.95 -6.75 -39.83
CA ALA B 153 -19.47 -8.15 -39.79
C ALA B 153 -17.92 -8.21 -39.81
N LYS B 154 -17.30 -7.32 -40.60
CA LYS B 154 -15.82 -7.29 -40.66
C LYS B 154 -15.25 -6.86 -39.28
N SER B 155 -15.85 -5.88 -38.63
CA SER B 155 -15.42 -5.41 -37.28
C SER B 155 -15.55 -6.55 -36.26
N VAL B 156 -16.70 -7.22 -36.26
CA VAL B 156 -16.92 -8.41 -35.40
C VAL B 156 -15.86 -9.48 -35.67
N THR B 157 -15.56 -9.76 -36.95
CA THR B 157 -14.49 -10.72 -37.33
C THR B 157 -13.15 -10.26 -36.72
N LEU B 158 -12.81 -8.98 -36.81
CA LEU B 158 -11.53 -8.48 -36.23
C LEU B 158 -11.51 -8.75 -34.71
N ILE B 159 -12.59 -8.43 -34.00
CA ILE B 159 -12.66 -8.65 -32.54
C ILE B 159 -12.34 -10.12 -32.22
N THR B 160 -12.93 -11.07 -32.93
CA THR B 160 -12.72 -12.50 -32.67
C THR B 160 -11.30 -12.92 -33.10
N GLU B 161 -10.75 -12.34 -34.15
CA GLU B 161 -9.40 -12.72 -34.63
C GLU B 161 -8.34 -12.23 -33.66
N LEU B 162 -8.56 -11.08 -33.01
CA LEU B 162 -7.57 -10.56 -32.04
C LEU B 162 -7.44 -11.51 -30.87
N ILE B 163 -8.46 -12.33 -30.64
CA ILE B 163 -8.46 -13.37 -29.57
C ILE B 163 -7.89 -14.68 -30.13
N SER B 164 -8.26 -15.12 -31.33
CA SER B 164 -7.99 -16.51 -31.79
C SER B 164 -6.79 -16.60 -32.76
N GLY B 165 -6.44 -15.49 -33.42
CA GLY B 165 -5.43 -15.46 -34.47
C GLY B 165 -4.01 -15.62 -33.95
N LYS B 166 -3.18 -16.18 -34.80
CA LYS B 166 -1.73 -16.39 -34.53
C LYS B 166 -0.97 -15.95 -35.78
N PRO B 167 -1.02 -14.65 -36.15
CA PRO B 167 -0.45 -14.21 -37.43
C PRO B 167 1.08 -14.19 -37.54
N PHE B 168 1.83 -14.39 -36.45
CA PHE B 168 3.31 -14.29 -36.47
C PHE B 168 3.99 -15.67 -36.33
N ASP B 169 3.20 -16.74 -36.13
CA ASP B 169 3.75 -18.10 -35.83
C ASP B 169 4.48 -18.62 -37.07
N PHE B 170 4.10 -18.18 -38.29
CA PHE B 170 4.82 -18.55 -39.55
C PHE B 170 6.29 -18.09 -39.50
N GLN B 171 6.60 -17.00 -38.82
CA GLN B 171 7.97 -16.40 -38.77
C GLN B 171 9.00 -17.38 -38.20
N ASP B 172 8.56 -18.42 -37.46
CA ASP B 172 9.48 -19.36 -36.78
C ASP B 172 9.59 -20.69 -37.54
N MET B 173 8.72 -20.92 -38.52
CA MET B 173 8.61 -22.18 -39.29
C MET B 173 9.82 -22.33 -40.22
N ASP B 174 10.08 -23.54 -40.68
CA ASP B 174 11.06 -23.85 -41.77
C ASP B 174 12.42 -23.26 -41.38
N GLY B 175 13.10 -22.67 -42.35
CA GLY B 175 14.19 -21.69 -42.13
C GLY B 175 13.78 -20.32 -42.64
N PHE B 176 12.52 -19.91 -42.40
CA PHE B 176 11.99 -18.61 -42.90
C PHE B 176 13.00 -17.49 -42.62
N LYS B 177 13.71 -17.54 -41.48
CA LYS B 177 14.65 -16.47 -41.02
C LYS B 177 15.88 -16.36 -41.93
N ASP B 178 16.24 -17.43 -42.64
CA ASP B 178 17.44 -17.48 -43.50
C ASP B 178 17.07 -17.21 -44.96
N LEU B 179 15.77 -17.07 -45.27
CA LEU B 179 15.31 -16.89 -46.67
C LEU B 179 15.80 -15.56 -47.22
N PRO B 180 16.00 -15.43 -48.56
CA PRO B 180 16.40 -14.15 -49.16
C PRO B 180 15.31 -13.11 -48.85
N ALA B 181 15.72 -11.96 -48.30
CA ALA B 181 14.81 -10.91 -47.77
C ALA B 181 13.58 -10.70 -48.67
N ASP B 182 13.78 -10.65 -49.99
CA ASP B 182 12.73 -10.41 -51.01
C ASP B 182 11.66 -11.51 -50.93
N VAL B 183 12.09 -12.78 -50.95
CA VAL B 183 11.16 -13.93 -50.91
C VAL B 183 10.43 -13.87 -49.55
N ARG B 184 11.13 -13.51 -48.47
CA ARG B 184 10.48 -13.30 -47.14
C ARG B 184 9.27 -12.36 -47.32
N GLU B 185 9.47 -11.22 -47.97
CA GLU B 185 8.37 -10.23 -48.14
C GLU B 185 7.23 -10.89 -48.90
N GLU B 186 7.52 -11.58 -50.00
CA GLU B 186 6.48 -12.28 -50.81
C GLU B 186 5.73 -13.29 -49.90
N THR B 187 6.43 -14.10 -49.12
CA THR B 187 5.80 -15.09 -48.22
C THR B 187 4.88 -14.34 -47.23
N VAL B 188 5.40 -13.32 -46.54
CA VAL B 188 4.64 -12.54 -45.51
C VAL B 188 3.38 -12.00 -46.19
N LYS B 189 3.54 -11.50 -47.41
CA LYS B 189 2.42 -10.92 -48.20
C LYS B 189 1.31 -11.98 -48.38
N ASN B 190 1.69 -13.22 -48.69
CA ASN B 190 0.73 -14.30 -49.03
C ASN B 190 0.36 -15.10 -47.79
N GLU B 191 1.12 -15.03 -46.70
CA GLU B 191 0.75 -15.70 -45.44
C GLU B 191 -0.43 -14.96 -44.77
N TRP B 192 -0.72 -13.68 -45.09
CA TRP B 192 -1.67 -12.86 -44.28
C TRP B 192 -3.11 -13.37 -44.44
N ALA B 193 -3.59 -14.18 -43.51
CA ALA B 193 -4.91 -14.86 -43.52
C ALA B 193 -5.96 -14.14 -42.62
N ILE B 194 -5.59 -13.03 -41.95
CA ILE B 194 -6.53 -12.24 -41.09
C ILE B 194 -7.49 -11.51 -42.04
N ILE B 195 -8.79 -11.59 -41.75
CA ILE B 195 -9.88 -10.99 -42.59
C ILE B 195 -10.25 -9.62 -42.04
N GLY B 196 -10.22 -9.40 -40.72
CA GLY B 196 -10.82 -8.19 -40.12
C GLY B 196 -9.99 -6.94 -40.35
N CYS B 197 -8.72 -7.07 -40.76
CA CYS B 197 -7.83 -5.90 -41.00
C CYS B 197 -6.67 -6.33 -41.91
N GLY B 198 -5.96 -5.37 -42.47
CA GLY B 198 -4.75 -5.64 -43.27
C GLY B 198 -3.51 -5.71 -42.39
N PRO B 199 -2.38 -6.13 -42.99
CA PRO B 199 -1.13 -6.30 -42.29
C PRO B 199 -0.60 -4.98 -41.70
N GLU B 200 -1.04 -3.84 -42.23
CA GLU B 200 -0.62 -2.52 -41.68
C GLU B 200 -1.09 -2.36 -40.20
N LYS B 201 -2.00 -3.19 -39.72
CA LYS B 201 -2.52 -3.16 -38.32
C LYS B 201 -2.08 -4.42 -37.56
N SER B 202 -1.05 -5.13 -38.04
CA SER B 202 -0.54 -6.38 -37.40
C SER B 202 -0.23 -6.15 -35.90
N PHE B 203 0.29 -5.00 -35.53
CA PHE B 203 0.72 -4.69 -34.14
C PHE B 203 -0.42 -4.82 -33.15
N LEU B 204 -1.68 -4.78 -33.58
CA LEU B 204 -2.85 -4.91 -32.67
C LEU B 204 -2.89 -6.31 -32.11
N PHE B 205 -2.29 -7.27 -32.81
CA PHE B 205 -2.31 -8.71 -32.40
C PHE B 205 -1.37 -8.92 -31.21
N ASP B 206 -0.52 -7.95 -30.91
CA ASP B 206 0.37 -8.05 -29.72
C ASP B 206 -0.40 -7.64 -28.44
N VAL B 207 -1.56 -6.99 -28.54
CA VAL B 207 -2.18 -6.30 -27.37
C VAL B 207 -3.03 -7.26 -26.53
N VAL B 208 -3.88 -8.07 -27.18
CA VAL B 208 -4.99 -8.75 -26.50
C VAL B 208 -4.60 -10.18 -26.13
N SER B 209 -4.19 -10.94 -27.12
CA SER B 209 -3.85 -12.37 -26.96
C SER B 209 -2.55 -12.60 -27.72
N ASN B 210 -1.40 -12.43 -27.05
CA ASN B 210 -0.09 -12.40 -27.70
C ASN B 210 0.47 -13.85 -27.74
N SER B 211 0.18 -14.61 -28.77
CA SER B 211 0.69 -16.01 -28.95
C SER B 211 2.20 -16.05 -29.17
N TYR B 212 2.82 -14.98 -29.62
CA TYR B 212 4.26 -14.99 -29.98
C TYR B 212 5.16 -14.98 -28.74
N ASN B 213 4.86 -14.16 -27.72
CA ASN B 213 5.71 -14.08 -26.52
C ASN B 213 4.88 -13.94 -25.24
N GLY B 214 3.54 -13.89 -25.31
CA GLY B 214 2.68 -13.82 -24.10
C GLY B 214 2.68 -12.44 -23.46
N HIS B 215 3.30 -11.40 -24.06
CA HIS B 215 3.30 -10.05 -23.46
C HIS B 215 2.04 -9.28 -23.90
N ASP B 216 0.87 -9.75 -23.50
CA ASP B 216 -0.38 -9.03 -23.74
C ASP B 216 -0.86 -8.34 -22.43
N VAL B 217 -1.86 -7.48 -22.54
CA VAL B 217 -2.37 -6.70 -21.38
C VAL B 217 -3.16 -7.60 -20.45
N ASP B 218 -3.72 -8.70 -20.94
CA ASP B 218 -4.39 -9.71 -20.10
C ASP B 218 -3.37 -10.27 -19.05
N LYS B 219 -2.20 -10.66 -19.51
CA LYS B 219 -1.09 -11.14 -18.65
C LYS B 219 -0.68 -10.05 -17.66
N MET B 220 -0.51 -8.81 -18.11
CA MET B 220 -0.06 -7.72 -17.20
C MET B 220 -1.09 -7.52 -16.12
N ASP B 221 -2.38 -7.54 -16.46
CA ASP B 221 -3.43 -7.29 -15.43
C ASP B 221 -3.42 -8.46 -14.45
N TYR B 222 -3.39 -9.71 -14.87
CA TYR B 222 -3.61 -10.82 -13.91
C TYR B 222 -2.38 -10.96 -13.01
N LEU B 223 -1.18 -10.66 -13.49
CA LEU B 223 0.01 -10.73 -12.61
C LEU B 223 -0.17 -9.70 -11.49
N LEU B 224 -0.56 -8.46 -11.82
CA LEU B 224 -0.72 -7.47 -10.76
C LEU B 224 -1.86 -7.88 -9.81
N ARG B 225 -2.98 -8.26 -10.38
CA ARG B 225 -4.23 -8.50 -9.62
C ARG B 225 -4.04 -9.73 -8.73
N ASP B 226 -3.48 -10.81 -9.27
CA ASP B 226 -3.36 -12.11 -8.56
C ASP B 226 -2.24 -11.98 -7.50
N SER B 227 -1.21 -11.19 -7.74
CA SER B 227 -0.19 -10.88 -6.73
C SER B 227 -0.83 -10.15 -5.56
N LYS B 228 -1.61 -9.12 -5.84
CA LYS B 228 -2.22 -8.33 -4.75
C LYS B 228 -3.20 -9.21 -3.98
N ALA B 229 -3.99 -10.02 -4.66
CA ALA B 229 -5.04 -10.81 -3.97
C ALA B 229 -4.39 -11.91 -3.12
N SER B 230 -3.30 -12.53 -3.59
CA SER B 230 -2.61 -13.65 -2.92
C SER B 230 -1.70 -13.13 -1.82
N GLY B 231 -1.23 -11.89 -1.86
CA GLY B 231 -0.17 -11.42 -0.93
C GLY B 231 1.20 -11.95 -1.32
N VAL B 232 1.37 -12.56 -2.53
CA VAL B 232 2.69 -13.06 -2.97
C VAL B 232 3.37 -11.99 -3.82
N GLY B 233 4.45 -11.42 -3.30
CA GLY B 233 5.23 -10.36 -3.98
C GLY B 233 5.91 -10.88 -5.24
N ILE B 234 5.93 -10.05 -6.27
CA ILE B 234 6.55 -10.37 -7.59
C ILE B 234 7.28 -9.09 -8.01
N THR B 235 8.16 -9.16 -8.99
CA THR B 235 8.97 -8.00 -9.44
CA THR B 235 8.96 -8.01 -9.44
C THR B 235 8.16 -7.10 -10.36
N PHE B 236 7.19 -7.67 -11.09
CA PHE B 236 6.28 -6.88 -11.96
C PHE B 236 5.25 -6.16 -11.10
N SER B 237 5.36 -4.85 -10.97
CA SER B 237 4.53 -3.93 -10.16
C SER B 237 3.76 -2.97 -11.06
N GLU B 238 2.79 -2.29 -10.48
CA GLU B 238 1.96 -1.25 -11.15
C GLU B 238 2.91 -0.19 -11.75
N SER B 239 4.01 0.11 -11.08
CA SER B 239 5.00 1.11 -11.56
C SER B 239 5.80 0.55 -12.73
N THR B 240 6.11 -0.74 -12.71
CA THR B 240 6.71 -1.45 -13.85
C THR B 240 5.81 -1.31 -15.09
N LEU B 241 4.51 -1.51 -14.89
CA LEU B 241 3.53 -1.43 -15.97
C LEU B 241 3.53 -0.01 -16.57
N GLU B 242 3.53 0.99 -15.73
CA GLU B 242 3.52 2.41 -16.17
C GLU B 242 4.84 2.71 -16.90
N ARG B 243 5.97 2.20 -16.42
CA ARG B 243 7.23 2.31 -17.16
C ARG B 243 7.07 1.75 -18.59
N LEU B 244 6.54 0.53 -18.76
CA LEU B 244 6.34 -0.05 -20.13
C LEU B 244 5.47 0.85 -20.99
N PHE B 245 4.36 1.36 -20.43
CA PHE B 245 3.41 2.21 -21.18
C PHE B 245 4.06 3.56 -21.54
N ASN B 246 5.02 4.04 -20.78
CA ASN B 246 5.73 5.30 -21.09
C ASN B 246 6.91 5.04 -22.06
N HIS B 247 7.20 3.79 -22.41
CA HIS B 247 8.36 3.43 -23.26
C HIS B 247 7.97 2.41 -24.31
N VAL B 248 6.83 2.57 -24.93
CA VAL B 248 6.28 1.61 -25.92
C VAL B 248 6.14 2.31 -27.26
N ARG B 249 6.46 1.62 -28.35
CA ARG B 249 6.29 2.12 -29.74
C ARG B 249 5.99 0.96 -30.67
N VAL B 250 5.38 1.27 -31.80
CA VAL B 250 5.26 0.30 -32.92
C VAL B 250 6.45 0.47 -33.83
N VAL B 251 7.13 -0.62 -34.13
CA VAL B 251 8.34 -0.63 -34.99
C VAL B 251 8.18 -1.75 -36.03
N ILE B 252 9.10 -1.79 -36.98
CA ILE B 252 9.18 -2.88 -37.98
C ILE B 252 9.99 -4.04 -37.37
N ASP B 253 9.44 -5.25 -37.47
CA ASP B 253 10.13 -6.51 -37.10
C ASP B 253 11.24 -6.74 -38.13
N PRO B 254 12.53 -6.84 -37.75
CA PRO B 254 13.62 -7.02 -38.73
C PRO B 254 13.54 -8.39 -39.44
N ASN B 255 12.74 -9.33 -38.94
CA ASN B 255 12.63 -10.71 -39.45
C ASN B 255 11.43 -10.88 -40.38
N SER B 256 10.40 -10.05 -40.33
CA SER B 256 9.16 -10.22 -41.14
C SER B 256 8.82 -8.96 -41.92
N GLY B 257 9.30 -7.80 -41.51
CA GLY B 257 8.82 -6.52 -42.06
C GLY B 257 7.47 -6.06 -41.48
N LEU B 258 6.80 -6.86 -40.64
CA LEU B 258 5.48 -6.48 -40.03
C LEU B 258 5.69 -5.54 -38.82
N LYS B 259 4.70 -4.70 -38.61
CA LYS B 259 4.66 -3.75 -37.48
C LYS B 259 4.38 -4.56 -36.21
N ARG B 260 5.18 -4.28 -35.17
CA ARG B 260 5.11 -4.96 -33.88
C ARG B 260 5.20 -3.93 -32.75
N ILE B 261 4.56 -4.26 -31.61
CA ILE B 261 4.77 -3.49 -30.35
C ILE B 261 6.17 -3.76 -29.83
N ALA B 262 6.92 -2.71 -29.56
CA ALA B 262 8.26 -2.81 -28.97
C ALA B 262 8.37 -1.93 -27.74
N TYR B 263 9.35 -2.23 -26.88
CA TYR B 263 9.65 -1.45 -25.67
C TYR B 263 11.05 -0.91 -25.76
N SER B 264 11.32 0.20 -25.08
CA SER B 264 12.69 0.72 -24.99
C SER B 264 13.59 -0.38 -24.44
N ILE B 265 14.81 -0.50 -25.00
CA ILE B 265 15.80 -1.50 -24.48
C ILE B 265 16.10 -1.20 -23.02
N LYS B 266 15.92 0.01 -22.51
CA LYS B 266 16.20 0.28 -21.07
C LYS B 266 15.17 -0.48 -20.20
N CYS B 267 14.06 -1.00 -20.78
CA CYS B 267 13.02 -1.77 -20.05
C CYS B 267 13.16 -3.29 -20.18
N ILE B 268 14.25 -3.83 -20.73
CA ILE B 268 14.38 -5.29 -20.92
C ILE B 268 14.17 -6.01 -19.57
N GLY B 269 14.78 -5.54 -18.49
CA GLY B 269 14.59 -6.19 -17.17
C GLY B 269 13.10 -6.21 -16.74
N ASP B 270 12.39 -5.12 -17.04
CA ASP B 270 10.96 -4.91 -16.71
C ASP B 270 10.15 -5.95 -17.52
N LEU B 271 10.52 -6.24 -18.76
CA LEU B 271 9.81 -7.26 -19.59
C LEU B 271 10.15 -8.65 -19.07
N LYS B 272 11.42 -8.92 -18.73
CA LYS B 272 11.81 -10.25 -18.20
C LYS B 272 10.93 -10.58 -16.93
N ALA B 273 10.60 -9.58 -16.13
CA ALA B 273 9.82 -9.75 -14.89
C ALA B 273 8.44 -10.34 -15.19
N ILE B 274 7.91 -10.17 -16.38
CA ILE B 274 6.57 -10.71 -16.70
C ILE B 274 6.63 -12.25 -16.66
N GLY B 275 7.49 -12.88 -17.45
CA GLY B 275 7.65 -14.34 -17.45
C GLY B 275 8.11 -14.88 -16.11
N ASP B 276 9.07 -14.25 -15.44
CA ASP B 276 9.54 -14.70 -14.13
C ASP B 276 8.37 -14.67 -13.13
N SER B 277 7.54 -13.61 -13.14
CA SER B 277 6.39 -13.45 -12.23
C SER B 277 5.32 -14.50 -12.51
N ARG B 278 5.14 -14.85 -13.78
CA ARG B 278 4.16 -15.92 -14.11
C ARG B 278 4.59 -17.23 -13.46
N GLN B 279 5.85 -17.63 -13.65
CA GLN B 279 6.35 -18.91 -13.06
C GLN B 279 6.20 -18.86 -11.53
N GLU B 280 6.59 -17.77 -10.88
CA GLU B 280 6.47 -17.63 -9.40
C GLU B 280 5.01 -17.82 -8.95
N LEU B 281 4.06 -17.19 -9.60
CA LEU B 281 2.65 -17.29 -9.15
C LEU B 281 2.12 -18.71 -9.45
N HIS B 282 2.60 -19.38 -10.50
CA HIS B 282 2.23 -20.80 -10.70
C HIS B 282 2.78 -21.66 -9.57
N SER B 283 4.05 -21.48 -9.17
CA SER B 283 4.71 -22.32 -8.14
C SER B 283 4.06 -22.07 -6.77
N LYS B 284 3.87 -20.80 -6.44
CA LYS B 284 3.43 -20.46 -5.08
C LYS B 284 1.90 -20.47 -4.95
N VAL B 285 1.15 -20.12 -6.01
CA VAL B 285 -0.30 -19.86 -5.87
C VAL B 285 -1.09 -20.87 -6.68
N TYR B 286 -1.06 -20.78 -8.00
CA TYR B 286 -2.03 -21.51 -8.85
C TYR B 286 -1.87 -23.01 -8.74
N GLN B 287 -0.63 -23.51 -8.59
CA GLN B 287 -0.38 -24.96 -8.49
C GLN B 287 0.21 -25.22 -7.09
N HIS B 288 -0.23 -24.47 -6.07
CA HIS B 288 -0.01 -24.84 -4.66
C HIS B 288 -0.44 -26.31 -4.49
N LYS B 289 0.31 -27.08 -3.77
CA LYS B 289 0.08 -28.54 -3.62
C LYS B 289 -1.24 -28.83 -2.95
N ALA B 290 -1.65 -28.03 -1.92
CA ALA B 290 -2.96 -28.27 -1.27
C ALA B 290 -4.11 -27.93 -2.23
N VAL B 291 -3.98 -26.89 -3.04
CA VAL B 291 -4.98 -26.60 -4.12
C VAL B 291 -5.09 -27.82 -5.02
N ARG B 292 -3.98 -28.40 -5.46
CA ARG B 292 -4.02 -29.57 -6.39
C ARG B 292 -4.75 -30.74 -5.72
N PHE B 293 -4.50 -30.99 -4.44
CA PHE B 293 -5.21 -32.09 -3.73
C PHE B 293 -6.73 -31.81 -3.78
N MET B 294 -7.18 -30.57 -3.48
CA MET B 294 -8.63 -30.29 -3.47
C MET B 294 -9.18 -30.29 -4.89
N GLU B 295 -8.40 -29.91 -5.91
CA GLU B 295 -8.90 -30.05 -7.32
C GLU B 295 -9.29 -31.49 -7.65
N THR B 296 -8.57 -32.50 -7.16
CA THR B 296 -8.89 -33.94 -7.49
C THR B 296 -10.26 -34.27 -6.94
N LEU B 297 -10.61 -33.73 -5.77
CA LEU B 297 -11.96 -33.99 -5.16
C LEU B 297 -13.03 -33.26 -5.96
N MET B 298 -12.76 -32.00 -6.36
CA MET B 298 -13.74 -31.21 -7.12
C MET B 298 -14.02 -31.88 -8.48
N VAL B 299 -12.97 -32.33 -9.20
CA VAL B 299 -13.19 -32.96 -10.52
C VAL B 299 -14.02 -34.24 -10.35
N ASP B 300 -13.73 -35.07 -9.37
CA ASP B 300 -14.52 -36.30 -9.10
C ASP B 300 -15.99 -35.92 -8.90
N ALA B 301 -16.27 -34.88 -8.10
CA ALA B 301 -17.67 -34.43 -7.84
C ALA B 301 -18.31 -34.00 -9.16
N LEU B 302 -17.62 -33.19 -9.95
CA LEU B 302 -18.20 -32.66 -11.22
C LEU B 302 -18.51 -33.84 -12.17
N ILE B 303 -17.61 -34.80 -12.27
CA ILE B 303 -17.79 -35.97 -13.18
C ILE B 303 -18.98 -36.79 -12.68
N ASN B 304 -19.06 -37.02 -11.37
CA ASN B 304 -20.14 -37.87 -10.82
C ASN B 304 -21.48 -37.15 -10.89
N ALA B 305 -21.52 -35.82 -10.72
CA ALA B 305 -22.79 -35.06 -10.70
C ALA B 305 -23.21 -34.66 -12.12
N GLY B 306 -22.30 -34.69 -13.06
CA GLY B 306 -22.43 -34.00 -14.35
C GLY B 306 -23.67 -34.36 -15.15
N ASP B 307 -24.07 -35.65 -15.16
CA ASP B 307 -25.25 -36.14 -15.92
C ASP B 307 -26.54 -35.61 -15.29
N PHE B 308 -26.56 -35.34 -13.99
CA PHE B 308 -27.79 -34.99 -13.26
C PHE B 308 -28.09 -33.50 -13.31
N LEU B 309 -27.08 -32.66 -13.46
CA LEU B 309 -27.29 -31.19 -13.45
C LEU B 309 -27.63 -30.75 -14.88
N LYS B 310 -28.76 -30.08 -15.04
CA LYS B 310 -29.32 -29.72 -16.36
C LYS B 310 -29.54 -28.21 -16.47
N TYR B 311 -29.29 -27.67 -17.66
CA TYR B 311 -29.39 -26.24 -17.99
C TYR B 311 -30.18 -26.08 -19.29
N LYS B 312 -31.16 -25.20 -19.28
CA LYS B 312 -32.07 -24.97 -20.42
C LYS B 312 -31.32 -24.20 -21.52
N GLY B 313 -31.30 -24.74 -22.73
CA GLY B 313 -30.64 -24.15 -23.90
C GLY B 313 -31.62 -23.50 -24.86
N SER B 314 -31.15 -23.15 -26.05
CA SER B 314 -31.99 -22.52 -27.11
C SER B 314 -33.10 -23.50 -27.49
N ASN B 315 -34.33 -23.02 -27.55
CA ASN B 315 -35.49 -23.86 -27.93
C ASN B 315 -35.91 -24.74 -26.75
N GLY B 316 -35.52 -24.40 -25.51
CA GLY B 316 -36.02 -25.02 -24.28
C GLY B 316 -35.56 -26.46 -24.05
N GLU B 317 -34.58 -26.98 -24.80
CA GLU B 317 -33.99 -28.32 -24.54
C GLU B 317 -33.04 -28.24 -23.32
N LEU B 318 -32.99 -29.28 -22.49
CA LEU B 318 -32.12 -29.36 -21.29
C LEU B 318 -30.76 -29.96 -21.67
N TYR B 319 -29.66 -29.33 -21.30
CA TYR B 319 -28.29 -29.87 -21.53
C TYR B 319 -27.69 -30.22 -20.15
N SER B 320 -27.02 -31.36 -20.04
CA SER B 320 -26.28 -31.73 -18.82
C SER B 320 -25.00 -30.88 -18.71
N LEU B 321 -24.42 -30.79 -17.51
CA LEU B 321 -23.12 -30.09 -17.31
C LEU B 321 -22.10 -30.70 -18.29
N LYS B 322 -22.17 -32.00 -18.57
CA LYS B 322 -21.21 -32.69 -19.48
C LYS B 322 -21.41 -32.31 -20.96
N ASN B 323 -22.57 -31.77 -21.34
CA ASN B 323 -22.85 -31.37 -22.73
C ASN B 323 -23.05 -29.86 -22.88
N VAL B 324 -22.93 -29.03 -21.84
CA VAL B 324 -23.38 -27.60 -21.90
C VAL B 324 -22.62 -26.86 -22.97
N THR B 325 -21.37 -27.26 -23.32
CA THR B 325 -20.57 -26.51 -24.30
C THR B 325 -21.18 -26.65 -25.70
N GLU B 326 -22.14 -27.55 -25.88
CA GLU B 326 -22.83 -27.77 -27.18
C GLU B 326 -23.92 -26.73 -27.40
N ASP B 327 -24.25 -25.89 -26.42
CA ASP B 327 -25.29 -24.85 -26.63
C ASP B 327 -24.94 -23.61 -25.81
N VAL B 328 -24.71 -22.50 -26.51
CA VAL B 328 -24.22 -21.26 -25.86
C VAL B 328 -25.22 -20.82 -24.78
N ASP B 329 -26.52 -20.93 -25.02
CA ASP B 329 -27.55 -20.46 -24.05
C ASP B 329 -27.49 -21.30 -22.76
N ALA B 330 -27.31 -22.62 -22.89
CA ALA B 330 -27.24 -23.49 -21.70
C ALA B 330 -25.93 -23.19 -20.94
N PHE B 331 -24.81 -23.03 -21.68
CA PHE B 331 -23.48 -22.72 -21.11
C PHE B 331 -23.56 -21.48 -20.21
N LEU B 332 -24.32 -20.47 -20.65
CA LEU B 332 -24.42 -19.14 -19.97
C LEU B 332 -25.16 -19.27 -18.64
N LYS B 333 -25.82 -20.37 -18.38
CA LYS B 333 -26.49 -20.58 -17.07
C LYS B 333 -25.50 -21.17 -16.06
N THR B 334 -24.28 -21.56 -16.44
CA THR B 334 -23.31 -22.19 -15.53
C THR B 334 -22.51 -21.11 -14.79
N THR B 335 -22.27 -21.34 -13.50
CA THR B 335 -21.35 -20.51 -12.67
C THR B 335 -20.66 -21.40 -11.66
N ASP B 336 -19.84 -20.80 -10.79
CA ASP B 336 -19.20 -21.48 -9.65
C ASP B 336 -20.29 -22.00 -8.68
N TYR B 337 -21.50 -21.54 -8.79
CA TYR B 337 -22.78 -22.01 -8.15
CA TYR B 337 -22.57 -22.06 -7.91
C TYR B 337 -22.92 -23.53 -8.30
N VAL B 338 -22.34 -24.10 -9.35
CA VAL B 338 -22.43 -25.57 -9.61
C VAL B 338 -22.09 -26.36 -8.33
N GLU B 339 -21.11 -25.91 -7.53
CA GLU B 339 -20.74 -26.55 -6.25
C GLU B 339 -21.96 -26.60 -5.31
N GLN B 340 -22.69 -25.51 -5.18
CA GLN B 340 -23.88 -25.47 -4.29
C GLN B 340 -25.03 -26.31 -4.90
N GLU B 341 -25.18 -26.32 -6.22
CA GLU B 341 -26.18 -27.16 -6.94
C GLU B 341 -25.97 -28.63 -6.55
N ILE B 342 -24.73 -29.10 -6.53
CA ILE B 342 -24.41 -30.51 -6.11
C ILE B 342 -24.79 -30.65 -4.64
N LEU B 343 -24.25 -29.80 -3.77
CA LEU B 343 -24.47 -29.90 -2.29
C LEU B 343 -25.97 -29.95 -1.98
N ASN B 344 -26.80 -29.18 -2.66
CA ASN B 344 -28.24 -29.01 -2.36
C ASN B 344 -29.12 -29.98 -3.18
N SER B 345 -28.57 -30.79 -4.07
CA SER B 345 -29.36 -31.70 -4.92
C SER B 345 -30.20 -32.65 -4.04
N GLN B 346 -31.44 -32.89 -4.45
CA GLN B 346 -32.33 -33.90 -3.82
C GLN B 346 -32.25 -35.23 -4.55
N ILE B 347 -31.43 -35.35 -5.59
CA ILE B 347 -31.18 -36.65 -6.29
C ILE B 347 -30.43 -37.61 -5.35
N THR B 348 -30.93 -38.84 -5.19
CA THR B 348 -30.36 -39.85 -4.25
C THR B 348 -29.68 -40.97 -5.04
N ASP B 349 -29.56 -40.87 -6.35
CA ASP B 349 -28.68 -41.77 -7.14
C ASP B 349 -27.31 -41.86 -6.46
N PRO B 350 -26.75 -43.09 -6.32
CA PRO B 350 -25.43 -43.27 -5.70
C PRO B 350 -24.32 -42.33 -6.22
N LYS B 351 -24.34 -41.98 -7.51
CA LYS B 351 -23.30 -41.11 -8.13
C LYS B 351 -23.41 -39.70 -7.57
N MET B 352 -24.62 -39.21 -7.36
CA MET B 352 -24.84 -37.85 -6.77
C MET B 352 -24.35 -37.89 -5.33
N ILE B 353 -24.61 -38.99 -4.62
CA ILE B 353 -24.17 -39.13 -3.19
C ILE B 353 -22.64 -39.16 -3.16
N GLU B 354 -21.99 -39.82 -4.12
CA GLU B 354 -20.52 -39.78 -4.23
C GLU B 354 -19.99 -38.34 -4.49
N ALA B 355 -20.65 -37.56 -5.32
CA ALA B 355 -20.25 -36.16 -5.62
C ALA B 355 -20.36 -35.34 -4.33
N GLN B 356 -21.46 -35.52 -3.58
CA GLN B 356 -21.72 -34.77 -2.30
C GLN B 356 -20.65 -35.17 -1.29
N THR B 357 -20.29 -36.46 -1.23
CA THR B 357 -19.25 -36.96 -0.31
C THR B 357 -17.92 -36.24 -0.58
N ALA B 358 -17.54 -36.10 -1.82
CA ALA B 358 -16.26 -35.50 -2.23
C ALA B 358 -16.26 -34.02 -1.87
N LEU B 359 -17.35 -33.32 -2.12
CA LEU B 359 -17.40 -31.86 -1.76
C LEU B 359 -17.37 -31.69 -0.26
N LEU B 360 -17.98 -32.59 0.51
CA LEU B 360 -17.99 -32.49 1.99
C LEU B 360 -16.59 -32.78 2.50
N LYS B 361 -15.82 -33.65 1.86
CA LYS B 361 -14.37 -33.84 2.21
C LYS B 361 -13.57 -32.53 2.09
N ILE B 362 -13.80 -31.76 1.04
CA ILE B 362 -13.15 -30.43 0.88
C ILE B 362 -13.54 -29.57 2.09
N GLN B 363 -14.81 -29.46 2.40
CA GLN B 363 -15.30 -28.55 3.48
C GLN B 363 -14.74 -28.95 4.83
N ARG B 364 -14.59 -30.27 5.12
CA ARG B 364 -14.05 -30.70 6.43
C ARG B 364 -12.53 -30.78 6.38
N ARG B 365 -11.90 -30.47 5.25
CA ARG B 365 -10.42 -30.46 5.12
C ARG B 365 -9.91 -31.90 5.25
N GLU B 366 -10.70 -32.85 4.73
CA GLU B 366 -10.33 -34.30 4.72
C GLU B 366 -9.61 -34.54 3.41
N ILE B 367 -8.45 -33.93 3.28
CA ILE B 367 -7.70 -33.92 2.00
C ILE B 367 -6.47 -34.79 2.17
N GLY B 368 -5.84 -35.18 1.07
CA GLY B 368 -4.63 -36.02 1.11
C GLY B 368 -3.52 -35.42 1.97
N CYS B 369 -2.66 -36.27 2.50
CA CYS B 369 -1.45 -35.95 3.27
C CYS B 369 -0.30 -35.82 2.26
N LYS B 370 0.52 -34.78 2.38
CA LYS B 370 1.75 -34.57 1.59
C LYS B 370 2.78 -35.64 1.97
N LEU B 371 3.29 -36.39 1.01
CA LEU B 371 4.28 -37.47 1.31
C LEU B 371 5.53 -37.21 0.45
N GLY B 372 5.94 -35.95 0.37
CA GLY B 372 7.17 -35.54 -0.30
C GLY B 372 6.94 -34.86 -1.64
N TYR B 373 7.98 -34.17 -2.08
CA TYR B 373 8.01 -33.51 -3.40
C TYR B 373 9.47 -33.21 -3.78
N PHE B 374 9.69 -33.08 -5.07
CA PHE B 374 10.97 -32.58 -5.59
C PHE B 374 10.65 -31.79 -6.86
N GLU B 375 11.61 -30.96 -7.22
CA GLU B 375 11.61 -30.20 -8.49
C GLU B 375 12.61 -30.89 -9.43
N MET B 376 12.33 -30.85 -10.72
CA MET B 376 13.26 -31.42 -11.70
C MET B 376 13.27 -30.60 -12.98
N ASN B 377 14.38 -30.74 -13.69
CA ASN B 377 14.58 -30.26 -15.06
C ASN B 377 13.80 -31.19 -15.98
N PRO B 378 12.89 -30.68 -16.83
CA PRO B 378 12.14 -31.49 -17.77
C PRO B 378 13.06 -32.37 -18.66
N GLU B 379 14.27 -31.88 -18.94
CA GLU B 379 15.27 -32.61 -19.77
C GLU B 379 15.63 -33.96 -19.16
N ASN B 380 15.52 -34.12 -17.84
CA ASN B 380 15.94 -35.33 -17.09
C ASN B 380 14.86 -36.41 -17.17
N ALA B 381 13.82 -36.22 -17.96
CA ALA B 381 12.70 -37.18 -18.08
C ALA B 381 13.14 -38.40 -18.89
N THR B 382 14.10 -38.24 -19.81
CA THR B 382 14.71 -39.34 -20.58
C THR B 382 16.23 -39.24 -20.56
N GLN B 383 16.92 -40.33 -20.88
CA GLN B 383 18.41 -40.38 -20.92
C GLN B 383 18.88 -39.91 -22.29
N LEU B 384 18.01 -39.92 -23.29
CA LEU B 384 18.36 -39.39 -24.64
C LEU B 384 18.05 -37.89 -24.69
N LYS B 385 18.49 -37.19 -25.74
CA LYS B 385 18.22 -35.74 -25.93
C LYS B 385 17.07 -35.58 -26.93
N GLY B 393 7.86 -36.57 -21.38
CA GLY B 393 7.34 -37.74 -20.65
C GLY B 393 7.20 -37.48 -19.15
N ALA B 394 6.35 -36.52 -18.79
CA ALA B 394 5.90 -36.29 -17.39
C ALA B 394 5.16 -37.54 -16.85
N ALA B 395 4.26 -38.12 -17.65
CA ALA B 395 3.49 -39.34 -17.25
C ALA B 395 4.43 -40.51 -16.93
N GLU B 396 5.54 -40.66 -17.67
CA GLU B 396 6.54 -41.74 -17.47
C GLU B 396 7.30 -41.49 -16.17
N VAL B 397 7.73 -40.23 -15.94
CA VAL B 397 8.34 -39.83 -14.65
C VAL B 397 7.40 -40.27 -13.53
N VAL B 398 6.13 -39.88 -13.61
CA VAL B 398 5.14 -40.17 -12.53
C VAL B 398 5.04 -41.69 -12.34
N LYS B 399 4.94 -42.48 -13.41
CA LYS B 399 4.84 -43.98 -13.33
C LYS B 399 6.13 -44.55 -12.73
N LYS B 400 7.31 -44.11 -13.19
CA LYS B 400 8.59 -44.65 -12.67
C LYS B 400 8.77 -44.30 -11.20
N VAL B 401 8.53 -43.02 -10.81
CA VAL B 401 8.68 -42.63 -9.39
C VAL B 401 7.78 -43.55 -8.51
N GLY B 402 6.51 -43.72 -8.90
CA GLY B 402 5.55 -44.52 -8.11
C GLY B 402 5.97 -46.00 -7.96
N GLN B 403 6.51 -46.58 -9.03
CA GLN B 403 7.01 -47.99 -9.06
C GLN B 403 8.26 -48.13 -8.21
N LYS B 404 9.21 -47.22 -8.32
CA LYS B 404 10.45 -47.27 -7.49
C LYS B 404 10.15 -47.06 -6.01
N MET B 405 9.22 -46.14 -5.70
CA MET B 405 8.83 -45.91 -4.28
C MET B 405 8.23 -47.21 -3.73
N LYS B 406 7.36 -47.87 -4.48
CA LYS B 406 6.73 -49.15 -4.04
C LYS B 406 7.82 -50.18 -3.67
N GLU B 407 8.80 -50.39 -4.56
CA GLU B 407 9.95 -51.30 -4.31
C GLU B 407 10.70 -50.87 -3.05
N ILE B 408 10.94 -49.56 -2.86
CA ILE B 408 11.80 -49.10 -1.74
C ILE B 408 11.02 -49.33 -0.44
N LEU B 409 9.71 -49.09 -0.46
CA LEU B 409 8.85 -49.28 0.74
C LEU B 409 8.79 -50.77 1.14
N GLU B 410 8.69 -51.68 0.16
CA GLU B 410 8.79 -53.17 0.38
C GLU B 410 10.07 -53.55 1.14
N GLN B 411 11.23 -53.11 0.66
CA GLN B 411 12.55 -53.32 1.30
C GLN B 411 12.57 -52.67 2.69
N MET B 412 11.98 -51.48 2.86
CA MET B 412 11.97 -50.82 4.19
C MET B 412 11.07 -51.66 5.09
N ASP B 413 9.96 -52.17 4.55
CA ASP B 413 8.92 -52.86 5.34
C ASP B 413 9.52 -54.17 5.91
N ASP B 414 10.26 -54.91 5.10
CA ASP B 414 10.85 -56.23 5.47
C ASP B 414 12.08 -56.00 6.37
N THR B 415 13.01 -55.13 5.99
CA THR B 415 14.22 -54.79 6.80
C THR B 415 13.84 -54.31 8.21
N GLU B 416 12.76 -53.53 8.39
CA GLU B 416 12.41 -52.94 9.73
C GLU B 416 11.27 -53.76 10.38
N GLU B 417 10.80 -54.82 9.71
CA GLU B 417 9.79 -55.78 10.24
C GLU B 417 8.52 -55.02 10.67
N MET B 418 7.84 -54.39 9.71
CA MET B 418 6.66 -53.52 9.95
C MET B 418 5.38 -54.22 9.48
N ASP B 419 5.46 -55.51 9.16
CA ASP B 419 4.28 -56.39 8.93
C ASP B 419 3.35 -55.77 7.87
N GLY B 420 3.90 -55.18 6.81
CA GLY B 420 3.12 -54.64 5.69
C GLY B 420 2.50 -53.28 5.96
N LYS B 421 2.79 -52.62 7.08
CA LYS B 421 2.22 -51.27 7.41
C LYS B 421 2.77 -50.22 6.43
N LEU B 422 3.99 -50.38 5.90
CA LEU B 422 4.56 -49.52 4.83
C LEU B 422 4.01 -49.93 3.46
N LYS B 423 4.06 -51.21 3.14
CA LYS B 423 3.58 -51.76 1.84
C LYS B 423 2.08 -51.50 1.62
N ASP B 424 1.30 -51.36 2.68
CA ASP B 424 -0.16 -51.16 2.57
C ASP B 424 -0.48 -49.67 2.29
N ILE B 425 0.48 -48.74 2.39
CA ILE B 425 0.19 -47.28 2.21
C ILE B 425 -0.32 -47.01 0.78
N GLN B 426 -1.49 -46.42 0.63
CA GLN B 426 -2.04 -45.90 -0.66
C GLN B 426 -1.49 -44.47 -0.90
N PHE B 427 -0.93 -44.24 -2.07
CA PHE B 427 -0.41 -42.92 -2.51
C PHE B 427 -0.50 -42.80 -4.02
N THR B 428 -0.55 -41.56 -4.48
CA THR B 428 -0.61 -41.17 -5.89
C THR B 428 0.49 -40.14 -6.14
N VAL B 429 1.18 -40.27 -7.24
CA VAL B 429 2.28 -39.37 -7.66
C VAL B 429 1.67 -38.44 -8.69
N MET B 430 1.93 -37.14 -8.58
CA MET B 430 1.42 -36.12 -9.53
C MET B 430 2.55 -35.20 -9.94
N HIS B 431 2.33 -34.44 -10.98
CA HIS B 431 3.30 -33.42 -11.46
C HIS B 431 2.59 -32.11 -11.74
N SER B 432 3.34 -31.04 -11.64
CA SER B 432 2.94 -29.69 -12.05
C SER B 432 4.03 -29.20 -13.02
N VAL B 433 3.60 -28.59 -14.10
CA VAL B 433 4.45 -27.83 -15.06
C VAL B 433 4.52 -26.40 -14.58
N LEU B 434 5.68 -25.92 -14.17
CA LEU B 434 5.89 -24.52 -13.69
C LEU B 434 6.78 -23.76 -14.69
N GLY B 435 6.16 -23.12 -15.69
CA GLY B 435 6.88 -22.48 -16.82
C GLY B 435 6.54 -20.99 -16.96
N ARG B 436 7.12 -20.34 -17.96
CA ARG B 436 7.10 -18.88 -18.14
C ARG B 436 6.12 -18.52 -19.27
N GLY B 437 5.52 -19.49 -19.90
CA GLY B 437 4.40 -19.21 -20.82
C GLY B 437 4.64 -19.75 -22.22
N LEU B 438 5.87 -20.01 -22.62
CA LEU B 438 6.13 -20.49 -24.01
C LEU B 438 6.55 -21.95 -23.95
N ASP B 439 7.71 -22.31 -24.48
CA ASP B 439 8.20 -23.71 -24.48
C ASP B 439 9.20 -23.85 -23.32
N ASP B 440 9.58 -25.10 -23.04
CA ASP B 440 10.42 -25.48 -21.88
C ASP B 440 11.76 -24.77 -22.00
N LYS B 441 12.18 -24.44 -23.21
CA LYS B 441 13.56 -23.97 -23.45
C LYS B 441 13.61 -22.45 -23.66
N THR B 442 12.50 -21.76 -23.92
CA THR B 442 12.57 -20.35 -24.38
C THR B 442 11.96 -19.43 -23.33
N HIS B 443 12.76 -18.48 -22.86
CA HIS B 443 12.29 -17.33 -22.06
C HIS B 443 11.55 -16.36 -22.97
N PRO B 444 10.31 -15.97 -22.63
CA PRO B 444 9.54 -15.03 -23.44
C PRO B 444 10.31 -13.77 -23.87
N ILE B 445 11.16 -13.26 -22.99
CA ILE B 445 11.94 -12.03 -23.23
C ILE B 445 12.79 -12.19 -24.50
N GLU B 446 13.29 -13.40 -24.78
CA GLU B 446 14.10 -13.67 -26.01
C GLU B 446 13.29 -13.35 -27.26
N ARG B 447 11.96 -13.42 -27.18
CA ARG B 447 11.07 -13.27 -28.35
C ARG B 447 10.31 -11.93 -28.29
N GLN B 448 10.82 -10.97 -27.51
CA GLN B 448 10.24 -9.61 -27.47
C GLN B 448 11.17 -8.69 -28.25
N ILE B 449 10.61 -7.90 -29.15
N ILE B 449 10.61 -7.90 -29.14
CA ILE B 449 11.35 -6.86 -29.91
CA ILE B 449 11.38 -6.86 -29.89
C ILE B 449 11.48 -5.59 -29.06
C ILE B 449 11.51 -5.60 -29.03
N PHE B 450 12.65 -4.94 -29.13
CA PHE B 450 12.97 -3.69 -28.42
C PHE B 450 13.45 -2.65 -29.41
N TYR B 451 13.53 -1.40 -28.96
CA TYR B 451 14.14 -0.32 -29.80
C TYR B 451 15.17 0.39 -28.97
N ASP B 452 16.05 1.07 -29.69
CA ASP B 452 17.14 1.89 -29.14
C ASP B 452 16.74 3.36 -29.15
N GLY B 453 17.38 4.15 -28.29
CA GLY B 453 17.35 5.62 -28.36
C GLY B 453 15.99 6.15 -27.98
N LYS B 454 15.73 7.40 -28.36
CA LYS B 454 14.47 8.13 -28.05
C LYS B 454 13.85 8.60 -29.36
N PRO B 455 13.28 7.69 -30.17
CA PRO B 455 12.78 8.08 -31.50
C PRO B 455 11.64 9.08 -31.40
N SER B 456 11.50 9.93 -32.44
CA SER B 456 10.38 10.89 -32.63
C SER B 456 10.01 10.96 -34.12
N VAL B 463 12.81 2.91 -35.35
CA VAL B 463 12.02 2.49 -36.55
C VAL B 463 12.23 1.00 -36.85
N VAL B 464 13.44 0.43 -36.84
CA VAL B 464 13.61 -1.06 -36.93
C VAL B 464 14.00 -1.58 -35.54
N GLY B 465 13.26 -2.56 -35.03
CA GLY B 465 13.49 -3.12 -33.69
C GLY B 465 14.55 -4.20 -33.75
N PHE B 466 14.90 -4.76 -32.60
CA PHE B 466 15.84 -5.89 -32.49
C PHE B 466 15.39 -6.77 -31.35
N TYR B 467 15.74 -8.04 -31.43
CA TYR B 467 15.57 -9.03 -30.34
C TYR B 467 16.81 -9.01 -29.48
N PRO B 468 16.74 -9.42 -28.19
CA PRO B 468 17.90 -9.39 -27.30
C PRO B 468 19.03 -10.27 -27.84
N SER B 469 20.26 -9.88 -27.52
CA SER B 469 21.45 -10.74 -27.74
C SER B 469 21.25 -12.08 -27.05
N GLU B 470 21.89 -13.12 -27.54
CA GLU B 470 21.95 -14.49 -26.97
C GLU B 470 22.56 -14.43 -25.58
N ASP B 471 23.41 -13.43 -25.32
CA ASP B 471 24.03 -13.23 -23.99
C ASP B 471 22.96 -12.96 -22.92
N TYR B 472 21.84 -12.30 -23.28
CA TYR B 472 20.96 -11.74 -22.24
C TYR B 472 20.44 -12.91 -21.41
N VAL B 473 19.87 -13.93 -22.06
CA VAL B 473 19.30 -15.09 -21.31
C VAL B 473 20.43 -15.80 -20.52
N ILE B 474 21.63 -15.89 -21.11
CA ILE B 474 22.75 -16.63 -20.45
C ILE B 474 23.12 -15.89 -19.17
N ASN B 475 23.18 -14.55 -19.21
CA ASN B 475 23.60 -13.74 -18.04
C ASN B 475 22.43 -13.61 -17.05
N ASN B 476 21.16 -13.73 -17.44
CA ASN B 476 20.06 -13.25 -16.55
C ASN B 476 19.08 -14.37 -16.17
N CYS B 477 19.03 -15.48 -16.90
CA CYS B 477 17.97 -16.48 -16.74
C CYS B 477 18.55 -17.88 -16.58
N PRO B 478 17.80 -18.80 -15.94
CA PRO B 478 18.24 -20.18 -15.90
C PRO B 478 18.19 -20.79 -17.31
N ARG B 479 18.89 -21.89 -17.47
CA ARG B 479 19.05 -22.62 -18.76
C ARG B 479 17.67 -22.96 -19.29
N MET B 480 16.80 -23.48 -18.44
CA MET B 480 15.45 -23.91 -18.85
C MET B 480 14.44 -22.87 -18.31
N ALA B 481 13.42 -22.57 -19.12
CA ALA B 481 12.34 -21.63 -18.79
C ALA B 481 11.27 -22.36 -17.94
N THR B 482 11.25 -23.68 -17.96
CA THR B 482 10.27 -24.54 -17.27
C THR B 482 10.96 -25.46 -16.25
N LYS B 483 10.30 -25.67 -15.11
CA LYS B 483 10.62 -26.75 -14.15
C LYS B 483 9.37 -27.54 -13.89
N TRP B 484 9.53 -28.81 -13.50
CA TRP B 484 8.45 -29.71 -13.07
C TRP B 484 8.56 -29.94 -11.58
N GLU B 485 7.42 -29.94 -10.88
CA GLU B 485 7.38 -30.41 -9.50
C GLU B 485 6.67 -31.77 -9.50
N ILE B 486 7.26 -32.73 -8.82
CA ILE B 486 6.72 -34.10 -8.66
C ILE B 486 6.35 -34.19 -7.18
N PHE B 487 5.12 -34.57 -6.87
CA PHE B 487 4.69 -34.63 -5.47
C PHE B 487 3.75 -35.81 -5.26
N VAL B 488 3.67 -36.21 -3.99
CA VAL B 488 2.97 -37.44 -3.57
C VAL B 488 1.80 -37.04 -2.60
N MET B 489 0.62 -37.58 -2.86
CA MET B 489 -0.62 -37.45 -2.04
C MET B 489 -0.95 -38.84 -1.48
N GLY B 490 -1.02 -39.00 -0.17
CA GLY B 490 -1.46 -40.23 0.48
C GLY B 490 -2.71 -40.04 1.31
N ASP B 491 -3.16 -41.13 1.94
CA ASP B 491 -4.41 -41.06 2.73
C ASP B 491 -4.16 -40.08 3.87
N ARG B 492 -5.18 -39.29 4.21
CA ARG B 492 -5.15 -38.27 5.26
C ARG B 492 -4.74 -38.88 6.59
N SER B 493 -5.04 -40.16 6.82
CA SER B 493 -4.72 -40.88 8.07
C SER B 493 -3.21 -40.78 8.37
N LEU B 494 -2.34 -40.69 7.35
CA LEU B 494 -0.87 -40.57 7.55
C LEU B 494 -0.48 -39.32 8.34
N ARG B 495 -1.35 -38.32 8.44
CA ARG B 495 -1.16 -37.15 9.35
C ARG B 495 -0.93 -37.62 10.80
N LYS B 496 -1.53 -38.74 11.22
CA LYS B 496 -1.45 -39.20 12.64
C LYS B 496 -0.39 -40.29 12.79
N GLU B 497 0.50 -40.49 11.80
CA GLU B 497 1.51 -41.57 11.84
C GLU B 497 2.78 -41.05 11.19
N PRO B 498 3.43 -40.02 11.80
CA PRO B 498 4.59 -39.36 11.20
C PRO B 498 5.78 -40.29 10.91
N LEU B 499 5.99 -41.32 11.72
CA LEU B 499 7.09 -42.31 11.51
C LEU B 499 6.91 -43.02 10.16
N LEU B 500 5.67 -43.41 9.83
CA LEU B 500 5.36 -44.05 8.51
C LEU B 500 5.51 -42.97 7.40
N ALA B 501 4.93 -41.78 7.62
CA ALA B 501 4.92 -40.68 6.62
C ALA B 501 6.37 -40.37 6.26
N ASP B 502 7.25 -40.28 7.25
CA ASP B 502 8.67 -39.91 7.04
C ASP B 502 9.35 -40.95 6.14
N ARG B 503 8.98 -42.23 6.24
CA ARG B 503 9.58 -43.28 5.37
C ARG B 503 9.15 -43.07 3.92
N VAL B 504 7.89 -42.73 3.70
CA VAL B 504 7.39 -42.47 2.33
C VAL B 504 8.13 -41.25 1.76
N LYS B 505 8.32 -40.21 2.56
CA LYS B 505 9.02 -38.98 2.07
C LYS B 505 10.46 -39.35 1.72
N ARG B 506 11.09 -40.20 2.52
CA ARG B 506 12.48 -40.69 2.28
C ARG B 506 12.48 -41.48 0.97
N ALA B 507 11.48 -42.31 0.75
CA ALA B 507 11.38 -43.17 -0.45
C ALA B 507 11.23 -42.31 -1.69
N LEU B 508 10.47 -41.20 -1.63
CA LEU B 508 10.33 -40.31 -2.80
C LEU B 508 11.69 -39.73 -3.18
N GLN B 509 12.46 -39.22 -2.23
CA GLN B 509 13.81 -38.65 -2.48
C GLN B 509 14.73 -39.75 -3.07
N LEU B 510 14.74 -40.95 -2.46
CA LEU B 510 15.63 -42.07 -2.96
C LEU B 510 15.19 -42.47 -4.37
N ALA B 511 13.88 -42.50 -4.61
CA ALA B 511 13.30 -42.85 -5.93
C ALA B 511 13.70 -41.84 -6.98
N GLY B 512 13.61 -40.53 -6.65
CA GLY B 512 14.06 -39.50 -7.60
C GLY B 512 15.53 -39.69 -7.97
N GLU B 513 16.38 -39.87 -6.97
CA GLU B 513 17.84 -40.04 -7.16
C GLU B 513 18.11 -41.34 -7.97
N SER B 514 17.47 -42.45 -7.59
CA SER B 514 17.65 -43.80 -8.22
C SER B 514 17.16 -43.85 -9.67
N GLU B 515 16.41 -42.87 -10.13
CA GLU B 515 15.92 -42.81 -11.54
C GLU B 515 16.63 -41.65 -12.26
N LYS B 516 17.56 -40.97 -11.59
CA LYS B 516 18.34 -39.85 -12.16
C LYS B 516 17.45 -38.64 -12.49
N PHE B 517 16.33 -38.45 -11.77
CA PHE B 517 15.50 -37.24 -11.94
C PHE B 517 16.08 -36.11 -11.09
N LEU B 518 16.69 -36.43 -9.96
CA LEU B 518 17.26 -35.45 -9.01
C LEU B 518 18.64 -35.91 -8.53
N THR B 519 19.51 -34.99 -8.11
CA THR B 519 20.72 -35.27 -7.29
C THR B 519 20.40 -34.87 -5.84
N PRO B 520 21.03 -35.49 -4.81
CA PRO B 520 20.52 -35.36 -3.42
C PRO B 520 20.76 -34.02 -2.70
N ARG B 521 19.98 -33.74 -1.64
CA ARG B 521 20.22 -32.62 -0.67
C ARG B 521 21.64 -32.79 -0.08
N LYS B 522 22.34 -31.70 0.28
CA LYS B 522 23.80 -31.77 0.59
C LYS B 522 24.11 -31.50 2.09
N ARG B 523 25.29 -32.01 2.48
CA ARG B 523 25.96 -31.90 3.80
C ARG B 523 26.92 -30.67 3.84
N SER B 524 27.24 -30.04 2.70
CA SER B 524 28.08 -28.81 2.58
C SER B 524 27.78 -28.04 1.29
N PRO B 525 27.89 -26.69 1.25
CA PRO B 525 27.59 -25.94 0.03
C PRO B 525 28.32 -26.43 -1.26
N GLN B 526 29.63 -26.70 -1.22
CA GLN B 526 30.43 -27.15 -2.42
C GLN B 526 31.63 -27.99 -1.99
N MET C 1 6.20 16.63 -27.26
CA MET C 1 5.02 15.79 -26.87
C MET C 1 5.41 14.86 -25.71
N GLU C 2 6.59 14.24 -25.79
CA GLU C 2 7.09 13.34 -24.73
C GLU C 2 7.66 14.20 -23.61
N PRO C 3 7.54 13.79 -22.35
CA PRO C 3 8.19 14.53 -21.26
C PRO C 3 9.70 14.40 -21.43
N LYS C 4 10.47 15.37 -20.95
CA LYS C 4 11.92 15.22 -20.92
C LYS C 4 12.31 14.16 -19.90
N HIS C 5 11.66 14.17 -18.74
CA HIS C 5 11.98 13.23 -17.63
C HIS C 5 10.66 12.70 -17.08
N ILE C 6 10.71 11.50 -16.61
CA ILE C 6 9.67 10.90 -15.75
C ILE C 6 10.37 10.54 -14.44
N ILE C 7 9.97 11.17 -13.33
CA ILE C 7 10.73 11.03 -12.04
C ILE C 7 9.88 10.23 -11.08
N ASN C 8 10.46 9.20 -10.44
CA ASN C 8 9.68 8.41 -9.45
C ASN C 8 9.20 9.30 -8.30
N ASP C 9 7.98 9.08 -7.88
CA ASP C 9 7.36 9.81 -6.76
C ASP C 9 6.55 8.76 -5.95
N ASN C 10 6.66 8.78 -4.64
CA ASN C 10 6.04 7.73 -3.80
C ASN C 10 4.53 7.99 -3.67
N VAL C 11 4.03 9.20 -3.93
CA VAL C 11 2.57 9.50 -3.81
C VAL C 11 1.84 9.15 -5.10
N TYR C 12 2.35 9.54 -6.25
CA TYR C 12 1.67 9.42 -7.57
C TYR C 12 2.30 8.30 -8.42
N GLY C 13 3.39 7.65 -7.98
CA GLY C 13 4.16 6.71 -8.82
C GLY C 13 5.23 7.44 -9.63
N THR C 14 4.83 8.41 -10.44
CA THR C 14 5.78 9.28 -11.20
C THR C 14 5.23 10.70 -11.38
N VAL C 15 6.17 11.63 -11.62
CA VAL C 15 5.91 13.01 -12.06
C VAL C 15 6.59 13.18 -13.44
N LYS C 16 5.82 13.57 -14.43
CA LYS C 16 6.29 13.90 -15.79
C LYS C 16 6.76 15.36 -15.83
N VAL C 17 7.97 15.56 -16.34
CA VAL C 17 8.60 16.90 -16.47
C VAL C 17 8.71 17.25 -17.95
N PRO C 18 7.82 18.13 -18.46
CA PRO C 18 7.90 18.58 -19.84
C PRO C 18 8.93 19.70 -20.01
N ARG C 19 9.50 19.81 -21.19
CA ARG C 19 10.36 20.98 -21.54
C ARG C 19 9.48 22.22 -21.53
N PRO C 20 9.94 23.39 -21.04
CA PRO C 20 11.25 23.59 -20.43
C PRO C 20 11.24 23.70 -18.90
N ILE C 21 10.26 23.04 -18.22
CA ILE C 21 10.23 22.99 -16.72
C ILE C 21 11.52 22.41 -16.16
N ASP C 22 12.16 21.50 -16.89
CA ASP C 22 13.44 20.86 -16.48
C ASP C 22 14.48 21.92 -16.20
N LYS C 23 14.48 23.04 -16.94
CA LYS C 23 15.49 24.11 -16.75
C LYS C 23 15.32 24.80 -15.41
N LEU C 24 14.09 24.91 -14.90
CA LEU C 24 13.84 25.51 -13.57
C LEU C 24 14.26 24.52 -12.48
N ILE C 25 13.96 23.23 -12.67
CA ILE C 25 14.36 22.20 -11.68
C ILE C 25 15.88 22.19 -11.53
N ASP C 26 16.61 22.27 -12.65
CA ASP C 26 18.10 22.13 -12.63
C ASP C 26 18.77 23.50 -12.43
N THR C 27 18.36 24.23 -11.40
CA THR C 27 18.95 25.51 -10.93
C THR C 27 19.41 25.28 -9.48
N VAL C 28 20.41 26.03 -9.06
CA VAL C 28 20.85 25.94 -7.64
C VAL C 28 19.71 26.35 -6.71
N GLU C 29 18.86 27.30 -7.12
CA GLU C 29 17.73 27.78 -6.30
C GLU C 29 16.74 26.64 -6.02
N PHE C 30 16.36 25.84 -7.01
CA PHE C 30 15.42 24.72 -6.81
C PHE C 30 16.10 23.54 -6.09
N GLN C 31 17.35 23.22 -6.44
CA GLN C 31 18.07 22.06 -5.87
C GLN C 31 18.32 22.29 -4.36
N ARG C 32 18.42 23.54 -3.91
CA ARG C 32 18.53 23.89 -2.48
C ARG C 32 17.38 23.25 -1.68
N LEU C 33 16.22 23.07 -2.26
CA LEU C 33 15.01 22.54 -1.59
C LEU C 33 15.20 21.06 -1.19
N ARG C 34 16.19 20.35 -1.74
CA ARG C 34 16.55 19.00 -1.26
C ARG C 34 17.02 19.05 0.20
N HIS C 35 17.49 20.20 0.69
CA HIS C 35 18.19 20.28 2.01
C HIS C 35 17.35 21.07 3.00
N LEU C 36 16.05 21.18 2.74
CA LEU C 36 15.04 21.73 3.70
C LEU C 36 13.99 20.65 3.93
N LYS C 37 13.86 20.17 5.16
CA LYS C 37 12.77 19.25 5.52
C LYS C 37 11.44 19.98 5.40
N GLN C 38 10.48 19.38 4.69
CA GLN C 38 9.10 19.85 4.52
C GLN C 38 8.44 20.06 5.87
N THR C 39 8.67 19.18 6.86
CA THR C 39 7.98 19.24 8.18
C THR C 39 8.93 19.68 9.31
N GLY C 40 10.06 20.31 9.00
CA GLY C 40 10.89 20.94 10.05
C GLY C 40 11.43 19.90 11.04
N LEU C 41 11.13 20.08 12.34
CA LEU C 41 11.61 19.23 13.46
C LEU C 41 10.66 18.07 13.72
N VAL C 42 9.62 17.87 12.92
CA VAL C 42 8.70 16.76 13.16
C VAL C 42 9.45 15.44 13.17
N TYR C 43 10.50 15.30 12.38
CA TYR C 43 11.27 14.04 12.27
C TYR C 43 11.84 13.57 13.63
N LEU C 44 11.94 14.44 14.62
CA LEU C 44 12.42 14.05 15.96
C LEU C 44 11.36 13.27 16.73
N VAL C 45 10.14 13.15 16.19
CA VAL C 45 9.02 12.35 16.75
C VAL C 45 8.61 11.27 15.74
N TYR C 46 8.57 11.62 14.47
CA TYR C 46 8.17 10.78 13.33
C TYR C 46 9.37 10.65 12.42
N PRO C 47 10.29 9.69 12.68
CA PRO C 47 11.59 9.75 11.99
C PRO C 47 11.53 9.55 10.48
N ASN C 48 10.45 9.03 9.98
CA ASN C 48 10.24 8.88 8.49
C ASN C 48 9.82 10.22 7.82
N CYS C 49 9.46 11.25 8.59
CA CYS C 49 9.14 12.58 8.07
C CYS C 49 10.42 13.33 7.79
N GLU C 50 11.25 12.81 6.90
CA GLU C 50 12.50 13.47 6.52
C GLU C 50 12.39 13.85 5.03
N HIS C 51 11.18 13.93 4.49
CA HIS C 51 10.97 14.28 3.07
C HIS C 51 11.28 15.77 2.88
N SER C 52 11.86 16.13 1.76
CA SER C 52 12.32 17.49 1.45
C SER C 52 11.24 18.35 0.82
N ARG C 53 11.45 19.65 0.84
CA ARG C 53 10.59 20.62 0.10
C ARG C 53 10.65 20.35 -1.41
N PHE C 54 11.77 19.77 -1.89
CA PHE C 54 11.99 19.43 -3.30
C PHE C 54 10.90 18.48 -3.78
N VAL C 55 10.66 17.38 -3.08
CA VAL C 55 9.66 16.39 -3.53
C VAL C 55 8.26 16.98 -3.43
N HIS C 56 7.97 17.75 -2.38
CA HIS C 56 6.66 18.43 -2.33
C HIS C 56 6.47 19.37 -3.54
N SER C 57 7.48 20.14 -3.88
CA SER C 57 7.39 21.14 -4.98
C SER C 57 7.13 20.39 -6.32
N LEU C 58 7.87 19.32 -6.60
CA LEU C 58 7.60 18.52 -7.83
C LEU C 58 6.19 17.98 -7.84
N GLY C 59 5.71 17.44 -6.72
CA GLY C 59 4.33 16.93 -6.63
C GLY C 59 3.28 18.00 -6.92
N THR C 60 3.44 19.15 -6.30
CA THR C 60 2.54 20.32 -6.44
C THR C 60 2.54 20.79 -7.91
N PHE C 61 3.70 20.89 -8.52
CA PHE C 61 3.82 21.14 -9.98
C PHE C 61 2.96 20.15 -10.77
N SER C 62 3.10 18.86 -10.49
CA SER C 62 2.47 17.81 -11.32
C SER C 62 0.96 17.97 -11.26
N LEU C 63 0.42 18.31 -10.08
CA LEU C 63 -1.04 18.48 -9.91
C LEU C 63 -1.55 19.74 -10.65
N ALA C 64 -0.84 20.84 -10.57
CA ALA C 64 -1.24 22.12 -11.21
C ALA C 64 -1.26 21.93 -12.72
N TYR C 65 -0.24 21.25 -13.26
CA TYR C 65 -0.16 21.03 -14.69
C TYR C 65 -1.33 20.14 -15.11
N ALA C 66 -1.57 19.03 -14.40
CA ALA C 66 -2.65 18.08 -14.74
C ALA C 66 -4.01 18.78 -14.68
N LEU C 67 -4.28 19.57 -13.64
CA LEU C 67 -5.61 20.22 -13.48
C LEU C 67 -5.87 21.23 -14.61
N VAL C 68 -4.92 22.12 -14.90
CA VAL C 68 -5.11 23.16 -15.96
C VAL C 68 -5.17 22.49 -17.33
N ASP C 69 -4.40 21.44 -17.55
CA ASP C 69 -4.45 20.72 -18.84
C ASP C 69 -5.81 20.03 -19.00
N LYS C 70 -6.34 19.43 -17.93
CA LYS C 70 -7.66 18.77 -17.98
C LYS C 70 -8.73 19.83 -18.29
N LEU C 71 -8.67 20.97 -17.60
CA LEU C 71 -9.67 22.05 -17.82
C LEU C 71 -9.63 22.53 -19.27
N ARG C 72 -8.44 22.69 -19.83
CA ARG C 72 -8.24 23.15 -21.22
C ARG C 72 -8.90 22.17 -22.22
N HIS C 73 -8.83 20.88 -21.97
CA HIS C 73 -9.39 19.82 -22.85
C HIS C 73 -10.90 19.70 -22.64
N SER C 74 -11.39 19.83 -21.42
CA SER C 74 -12.82 19.66 -21.12
C SER C 74 -13.60 20.95 -21.45
N GLN C 75 -12.99 22.15 -21.33
CA GLN C 75 -13.69 23.41 -21.58
C GLN C 75 -12.86 24.31 -22.47
N PRO C 76 -12.80 24.01 -23.78
CA PRO C 76 -12.13 24.89 -24.75
C PRO C 76 -12.63 26.35 -24.74
N SER C 77 -13.86 26.62 -24.33
CA SER C 77 -14.41 28.00 -24.31
C SER C 77 -13.71 28.84 -23.23
N LEU C 78 -12.97 28.22 -22.32
CA LEU C 78 -12.18 28.99 -21.33
C LEU C 78 -11.02 29.72 -22.01
N ASN C 79 -10.58 29.28 -23.20
CA ASN C 79 -9.43 29.92 -23.91
C ASN C 79 -8.17 29.87 -23.04
N ILE C 80 -7.97 28.75 -22.31
CA ILE C 80 -6.69 28.51 -21.61
C ILE C 80 -5.58 28.37 -22.67
N THR C 81 -4.53 29.20 -22.57
CA THR C 81 -3.39 29.21 -23.48
C THR C 81 -2.24 28.41 -22.89
N GLU C 82 -1.26 28.09 -23.75
CA GLU C 82 0.01 27.45 -23.32
C GLU C 82 0.64 28.35 -22.26
N SER C 83 0.56 29.66 -22.42
CA SER C 83 1.13 30.63 -21.44
C SER C 83 0.44 30.50 -20.06
N ASP C 84 -0.88 30.41 -20.02
CA ASP C 84 -1.65 30.21 -18.74
C ASP C 84 -1.23 28.87 -18.08
N LEU C 85 -1.11 27.80 -18.86
CA LEU C 85 -0.76 26.45 -18.35
C LEU C 85 0.66 26.53 -17.76
N ILE C 86 1.62 27.15 -18.47
CA ILE C 86 3.01 27.20 -17.94
C ILE C 86 3.12 28.18 -16.79
N CYS C 87 2.45 29.35 -16.81
CA CYS C 87 2.51 30.29 -15.66
C CYS C 87 1.96 29.59 -14.40
N THR C 88 0.82 28.97 -14.51
CA THR C 88 0.17 28.31 -13.35
C THR C 88 1.06 27.18 -12.82
N SER C 89 1.64 26.36 -13.71
CA SER C 89 2.58 25.27 -13.43
C SER C 89 3.80 25.75 -12.67
N VAL C 90 4.44 26.80 -13.20
CA VAL C 90 5.65 27.40 -12.60
C VAL C 90 5.31 28.00 -11.23
N ALA C 91 4.20 28.69 -11.07
CA ALA C 91 3.80 29.24 -9.75
C ALA C 91 3.69 28.05 -8.77
N ALA C 92 3.11 26.93 -9.21
CA ALA C 92 2.97 25.75 -8.32
C ALA C 92 4.34 25.17 -7.99
N LEU C 93 5.23 25.09 -8.97
CA LEU C 93 6.60 24.53 -8.80
C LEU C 93 7.38 25.40 -7.80
N LEU C 94 7.26 26.73 -7.87
CA LEU C 94 8.18 27.65 -7.17
C LEU C 94 7.52 28.30 -5.94
N ARG C 95 6.26 28.00 -5.65
CA ARG C 95 5.54 28.64 -4.52
C ARG C 95 6.41 28.53 -3.25
N ASN C 96 7.12 27.41 -3.08
CA ASN C 96 7.84 27.07 -1.84
C ASN C 96 9.34 27.29 -1.96
N VAL C 97 9.81 28.08 -2.93
CA VAL C 97 11.25 28.17 -3.18
C VAL C 97 11.91 29.07 -2.14
N GLY C 98 11.12 29.91 -1.43
CA GLY C 98 11.67 30.88 -0.50
C GLY C 98 11.63 30.54 0.98
N HIS C 99 11.44 29.27 1.37
CA HIS C 99 11.54 28.91 2.80
C HIS C 99 12.99 29.05 3.29
N GLY C 100 13.15 29.51 4.52
CA GLY C 100 14.41 29.42 5.27
C GLY C 100 14.59 28.03 5.88
N PRO C 101 15.70 27.78 6.58
CA PRO C 101 15.83 26.59 7.40
C PRO C 101 14.75 26.53 8.49
N PHE C 102 14.18 25.35 8.74
CA PHE C 102 13.16 25.20 9.81
C PHE C 102 12.17 26.36 9.70
N SER C 103 11.55 26.46 8.53
CA SER C 103 10.75 27.63 8.07
C SER C 103 9.81 28.16 9.17
N HIS C 104 9.01 27.31 9.79
CA HIS C 104 7.97 27.78 10.72
C HIS C 104 8.62 28.42 11.95
N LEU C 105 9.79 27.95 12.39
CA LEU C 105 10.59 28.58 13.48
C LEU C 105 11.22 29.86 12.94
N PHE C 106 11.87 29.77 11.78
CA PHE C 106 12.54 30.92 11.13
C PHE C 106 11.58 32.12 10.97
N ASP C 107 10.37 31.88 10.47
CA ASP C 107 9.36 32.97 10.22
C ASP C 107 8.54 33.27 11.49
N GLY C 108 8.60 32.43 12.51
CA GLY C 108 7.82 32.57 13.75
C GLY C 108 8.66 33.16 14.87
N GLU C 109 8.98 32.37 15.89
CA GLU C 109 9.66 32.87 17.12
C GLU C 109 10.99 33.53 16.77
N PHE C 110 11.79 32.93 15.87
CA PHE C 110 13.11 33.52 15.51
C PHE C 110 12.90 34.95 14.96
N ALA C 111 12.02 35.07 13.95
CA ALA C 111 11.74 36.35 13.29
C ALA C 111 11.19 37.33 14.34
N LYS C 112 10.24 36.92 15.18
CA LYS C 112 9.63 37.80 16.22
C LYS C 112 10.73 38.34 17.13
N ARG C 113 11.58 37.49 17.67
CA ARG C 113 12.65 37.93 18.60
C ARG C 113 13.66 38.77 17.86
N ASN C 114 13.84 38.57 16.55
CA ASN C 114 14.94 39.23 15.79
C ASN C 114 14.45 40.48 15.02
N GLY C 115 13.13 40.71 14.96
CA GLY C 115 12.50 41.74 14.10
C GLY C 115 12.79 41.48 12.62
N SER C 116 12.78 40.22 12.17
CA SER C 116 13.16 39.81 10.79
C SER C 116 12.21 40.52 9.81
N ARG C 117 12.78 40.96 8.70
CA ARG C 117 12.15 41.82 7.66
C ARG C 117 11.09 41.03 6.85
N PHE C 118 11.51 39.95 6.18
CA PHE C 118 10.69 39.20 5.19
C PHE C 118 10.36 37.78 5.71
N LYS C 119 9.21 37.26 5.27
CA LYS C 119 8.75 35.86 5.46
C LYS C 119 8.80 35.08 4.14
N HIS C 120 8.53 33.78 4.15
CA HIS C 120 8.93 32.91 3.01
C HIS C 120 8.19 33.34 1.74
N GLU C 121 6.95 33.81 1.83
CA GLU C 121 6.19 34.19 0.60
C GLU C 121 6.91 35.36 -0.10
N ASP C 122 7.42 36.32 0.67
CA ASP C 122 8.18 37.49 0.16
C ASP C 122 9.45 36.99 -0.55
N MET C 123 10.17 36.06 0.06
CA MET C 123 11.44 35.55 -0.48
C MET C 123 11.12 34.71 -1.73
N SER C 124 10.05 33.92 -1.74
CA SER C 124 9.64 33.15 -2.95
C SER C 124 9.53 34.09 -4.16
N ILE C 125 8.83 35.20 -3.96
CA ILE C 125 8.57 36.16 -5.05
C ILE C 125 9.91 36.75 -5.52
N LEU C 126 10.83 37.07 -4.59
CA LEU C 126 12.15 37.61 -4.95
C LEU C 126 12.91 36.57 -5.76
N ILE C 127 12.87 35.30 -5.36
CA ILE C 127 13.68 34.23 -6.01
C ILE C 127 13.04 33.91 -7.35
N ILE C 128 11.73 33.98 -7.48
CA ILE C 128 11.04 33.69 -8.77
C ILE C 128 11.49 34.77 -9.77
N LYS C 129 11.50 36.03 -9.38
CA LYS C 129 11.95 37.14 -10.28
C LYS C 129 13.42 36.91 -10.66
N LYS C 130 14.26 36.52 -9.72
CA LYS C 130 15.68 36.20 -10.02
C LYS C 130 15.79 35.06 -11.04
N ILE C 131 15.13 33.90 -10.82
CA ILE C 131 15.18 32.72 -11.72
C ILE C 131 14.67 33.10 -13.12
N MET C 132 13.50 33.73 -13.22
CA MET C 132 12.83 33.89 -14.53
C MET C 132 13.58 34.94 -15.39
N ASN C 133 14.34 35.83 -14.80
CA ASN C 133 15.15 36.87 -15.49
C ASN C 133 16.61 36.42 -15.70
N LYS C 134 17.01 35.21 -15.31
CA LYS C 134 18.30 34.63 -15.75
C LYS C 134 18.29 34.49 -17.27
N PRO C 135 19.29 34.99 -18.01
CA PRO C 135 19.26 34.89 -19.47
C PRO C 135 19.09 33.45 -20.01
N GLU C 136 19.66 32.44 -19.38
CA GLU C 136 19.51 31.02 -19.85
C GLU C 136 18.12 30.47 -19.49
N ILE C 137 17.35 31.14 -18.63
CA ILE C 137 15.94 30.73 -18.37
C ILE C 137 15.04 31.49 -19.34
N LYS C 138 15.27 32.80 -19.51
CA LYS C 138 14.44 33.60 -20.43
C LYS C 138 14.57 33.00 -21.83
N SER C 139 15.75 32.58 -22.25
CA SER C 139 15.93 32.06 -23.63
C SER C 139 15.12 30.79 -23.83
N GLU C 140 14.85 30.03 -22.77
CA GLU C 140 14.07 28.76 -22.84
C GLU C 140 12.57 29.03 -22.76
N PHE C 141 12.11 30.05 -22.02
CA PHE C 141 10.68 30.32 -21.77
C PHE C 141 10.12 31.38 -22.73
N ALA C 142 10.97 32.11 -23.47
CA ALA C 142 10.51 33.29 -24.26
C ALA C 142 9.46 32.88 -25.29
N CYS C 143 9.63 31.72 -25.91
CA CYS C 143 8.68 31.23 -26.95
C CYS C 143 7.31 30.94 -26.31
N ILE C 144 7.18 30.73 -25.01
CA ILE C 144 5.86 30.44 -24.37
C ILE C 144 5.34 31.70 -23.63
N LEU C 145 6.20 32.36 -22.87
CA LEU C 145 5.80 33.40 -21.91
C LEU C 145 5.95 34.78 -22.54
N GLY C 146 6.57 34.90 -23.73
CA GLY C 146 6.67 36.21 -24.40
C GLY C 146 8.10 36.62 -24.76
N GLU C 147 8.28 37.12 -25.96
CA GLU C 147 9.61 37.54 -26.51
C GLU C 147 9.84 39.02 -26.16
N THR C 148 8.77 39.79 -25.98
CA THR C 148 8.89 41.23 -25.59
C THR C 148 9.11 41.36 -24.07
N ASP C 149 9.81 42.42 -23.64
CA ASP C 149 9.95 42.73 -22.20
C ASP C 149 8.54 42.83 -21.58
N GLU C 150 7.60 43.52 -22.25
CA GLU C 150 6.24 43.72 -21.70
C GLU C 150 5.56 42.36 -21.49
N GLU C 151 5.60 41.50 -22.50
CA GLU C 151 4.89 40.18 -22.44
C GLU C 151 5.55 39.30 -21.35
N TYR C 152 6.86 39.27 -21.33
CA TYR C 152 7.61 38.41 -20.41
C TYR C 152 7.35 38.93 -18.98
N ALA C 153 7.36 40.23 -18.80
CA ALA C 153 7.15 40.81 -17.45
C ALA C 153 5.72 40.57 -16.99
N LYS C 154 4.77 40.59 -17.91
CA LYS C 154 3.37 40.29 -17.57
C LYS C 154 3.29 38.84 -17.06
N SER C 155 3.92 37.91 -17.79
CA SER C 155 3.90 36.48 -17.43
C SER C 155 4.54 36.28 -16.04
N VAL C 156 5.70 36.88 -15.82
CA VAL C 156 6.38 36.81 -14.49
C VAL C 156 5.47 37.43 -13.40
N THR C 157 4.82 38.54 -13.68
CA THR C 157 3.84 39.14 -12.75
C THR C 157 2.73 38.13 -12.45
N LEU C 158 2.19 37.44 -13.44
CA LEU C 158 1.08 36.47 -13.21
C LEU C 158 1.60 35.36 -12.27
N ILE C 159 2.80 34.83 -12.52
CA ILE C 159 3.40 33.75 -11.69
C ILE C 159 3.45 34.24 -10.22
N THR C 160 3.92 35.46 -9.95
CA THR C 160 4.06 35.96 -8.57
C THR C 160 2.69 36.28 -8.00
N GLU C 161 1.73 36.73 -8.81
CA GLU C 161 0.39 37.06 -8.29
C GLU C 161 -0.36 35.78 -7.93
N LEU C 162 -0.16 34.69 -8.66
CA LEU C 162 -0.87 33.42 -8.36
C LEU C 162 -0.46 32.95 -6.96
N ILE C 163 0.71 33.37 -6.47
CA ILE C 163 1.23 33.04 -5.12
C ILE C 163 0.76 34.08 -4.11
N SER C 164 0.79 35.36 -4.42
CA SER C 164 0.61 36.45 -3.40
C SER C 164 -0.80 37.06 -3.43
N GLY C 165 -1.51 36.96 -4.55
CA GLY C 165 -2.77 37.68 -4.80
C GLY C 165 -3.93 37.10 -4.00
N LYS C 166 -4.88 37.96 -3.68
CA LYS C 166 -6.12 37.56 -2.94
C LYS C 166 -7.30 38.19 -3.65
N PRO C 167 -7.57 37.85 -4.93
CA PRO C 167 -8.50 38.63 -5.76
C PRO C 167 -9.99 38.45 -5.41
N PHE C 168 -10.35 37.51 -4.54
CA PHE C 168 -11.76 37.22 -4.19
C PHE C 168 -12.13 37.70 -2.77
N ASP C 169 -11.17 38.21 -1.99
CA ASP C 169 -11.41 38.62 -0.58
C ASP C 169 -12.43 39.78 -0.51
N PHE C 170 -12.51 40.62 -1.53
CA PHE C 170 -13.51 41.72 -1.62
C PHE C 170 -14.96 41.17 -1.56
N GLN C 171 -15.19 39.95 -2.05
CA GLN C 171 -16.56 39.33 -2.09
C GLN C 171 -17.14 39.16 -0.68
N ASP C 172 -16.30 39.21 0.36
CA ASP C 172 -16.71 38.99 1.76
C ASP C 172 -16.87 40.30 2.55
N MET C 173 -16.54 41.46 1.95
CA MET C 173 -16.90 42.80 2.51
C MET C 173 -18.40 42.84 2.85
N ASP C 174 -18.77 43.42 4.00
CA ASP C 174 -20.17 43.36 4.56
C ASP C 174 -21.13 43.92 3.50
N GLY C 175 -22.25 43.22 3.26
CA GLY C 175 -23.30 43.64 2.31
C GLY C 175 -22.93 43.50 0.83
N PHE C 176 -21.71 43.09 0.44
CA PHE C 176 -21.42 42.88 -1.02
C PHE C 176 -22.48 41.91 -1.60
N LYS C 177 -22.84 40.88 -0.82
CA LYS C 177 -23.76 39.78 -1.23
C LYS C 177 -25.17 40.31 -1.54
N ASP C 178 -25.60 41.38 -0.86
CA ASP C 178 -27.01 41.89 -0.96
C ASP C 178 -27.09 43.05 -1.96
N LEU C 179 -25.97 43.43 -2.59
CA LEU C 179 -25.95 44.52 -3.59
C LEU C 179 -26.74 44.11 -4.83
N PRO C 180 -27.32 45.08 -5.58
CA PRO C 180 -28.00 44.77 -6.85
C PRO C 180 -26.96 44.31 -7.89
N ALA C 181 -27.43 43.49 -8.84
CA ALA C 181 -26.64 43.00 -9.99
C ALA C 181 -25.81 44.14 -10.61
N ASP C 182 -26.44 45.31 -10.83
CA ASP C 182 -25.81 46.50 -11.46
C ASP C 182 -24.54 46.87 -10.70
N VAL C 183 -24.73 47.22 -9.43
CA VAL C 183 -23.64 47.68 -8.50
C VAL C 183 -22.54 46.61 -8.53
N ARG C 184 -22.96 45.36 -8.38
CA ARG C 184 -22.05 44.21 -8.25
C ARG C 184 -21.15 44.09 -9.49
N GLU C 185 -21.75 44.06 -10.68
CA GLU C 185 -21.00 43.94 -11.96
C GLU C 185 -19.95 45.05 -11.99
N GLU C 186 -20.34 46.26 -11.62
CA GLU C 186 -19.43 47.43 -11.64
C GLU C 186 -18.35 47.28 -10.56
N THR C 187 -18.70 46.94 -9.31
CA THR C 187 -17.73 46.75 -8.20
C THR C 187 -16.68 45.72 -8.63
N VAL C 188 -17.11 44.54 -9.11
CA VAL C 188 -16.16 43.44 -9.48
C VAL C 188 -15.24 43.95 -10.59
N LYS C 189 -15.81 44.66 -11.55
CA LYS C 189 -15.05 45.22 -12.70
C LYS C 189 -13.91 46.12 -12.20
N ASN C 190 -14.18 46.98 -11.22
CA ASN C 190 -13.20 48.00 -10.73
C ASN C 190 -12.41 47.46 -9.54
N GLU C 191 -12.85 46.39 -8.87
CA GLU C 191 -12.02 45.77 -7.81
C GLU C 191 -10.83 45.01 -8.44
N TRP C 192 -10.86 44.68 -9.75
CA TRP C 192 -9.87 43.71 -10.35
C TRP C 192 -8.49 44.39 -10.42
N ALA C 193 -7.62 44.10 -9.44
CA ALA C 193 -6.28 44.72 -9.28
C ALA C 193 -5.15 43.77 -9.78
N ILE C 194 -5.48 42.60 -10.30
CA ILE C 194 -4.49 41.62 -10.87
C ILE C 194 -4.00 42.20 -12.19
N ILE C 195 -2.69 42.23 -12.39
CA ILE C 195 -2.02 42.82 -13.60
C ILE C 195 -1.68 41.71 -14.58
N GLY C 196 -1.36 40.51 -14.11
CA GLY C 196 -0.80 39.44 -14.97
C GLY C 196 -1.83 38.80 -15.86
N CYS C 197 -3.11 39.01 -15.60
CA CYS C 197 -4.19 38.44 -16.46
C CYS C 197 -5.48 39.25 -16.24
N GLY C 198 -6.42 39.09 -17.13
CA GLY C 198 -7.76 39.71 -16.96
C GLY C 198 -8.66 38.80 -16.11
N PRO C 199 -9.84 39.32 -15.73
CA PRO C 199 -10.81 38.59 -14.95
C PRO C 199 -11.32 37.32 -15.61
N GLU C 200 -11.21 37.21 -16.92
CA GLU C 200 -11.65 36.00 -17.64
C GLU C 200 -10.79 34.76 -17.24
N LYS C 201 -9.65 34.96 -16.58
CA LYS C 201 -8.75 33.88 -16.11
C LYS C 201 -8.72 33.84 -14.57
N SER C 202 -9.71 34.45 -13.88
CA SER C 202 -9.82 34.46 -12.40
C SER C 202 -9.67 33.04 -11.82
N PHE C 203 -10.21 32.04 -12.47
CA PHE C 203 -10.25 30.63 -11.94
C PHE C 203 -8.83 30.09 -11.66
N LEU C 204 -7.79 30.66 -12.30
CA LEU C 204 -6.41 30.15 -12.10
C LEU C 204 -5.97 30.42 -10.67
N PHE C 205 -6.57 31.41 -10.02
CA PHE C 205 -6.20 31.85 -8.65
C PHE C 205 -6.67 30.80 -7.62
N ASP C 206 -7.50 29.88 -8.02
CA ASP C 206 -7.97 28.80 -7.13
C ASP C 206 -6.94 27.65 -7.12
N VAL C 207 -6.00 27.59 -8.06
CA VAL C 207 -5.14 26.39 -8.27
C VAL C 207 -3.94 26.37 -7.30
N VAL C 208 -3.22 27.49 -7.16
CA VAL C 208 -1.86 27.44 -6.62
C VAL C 208 -1.84 27.81 -5.15
N SER C 209 -2.36 28.99 -4.83
CA SER C 209 -2.43 29.53 -3.47
C SER C 209 -3.86 30.05 -3.30
N ASN C 210 -4.76 29.22 -2.77
CA ASN C 210 -6.19 29.51 -2.77
C ASN C 210 -6.53 30.22 -1.44
N SER C 211 -6.49 31.54 -1.41
CA SER C 211 -6.71 32.31 -0.14
C SER C 211 -8.20 32.31 0.23
N TYR C 212 -9.10 32.01 -0.69
CA TYR C 212 -10.56 32.02 -0.40
C TYR C 212 -10.98 30.83 0.48
N ASN C 213 -10.55 29.62 0.17
CA ASN C 213 -11.01 28.42 0.91
C ASN C 213 -9.88 27.39 1.15
N GLY C 214 -8.66 27.65 0.64
CA GLY C 214 -7.48 26.78 0.88
C GLY C 214 -7.54 25.52 0.04
N HIS C 215 -8.47 25.37 -0.91
CA HIS C 215 -8.51 24.16 -1.76
C HIS C 215 -7.54 24.30 -2.94
N ASP C 216 -6.26 24.38 -2.68
CA ASP C 216 -5.25 24.46 -3.75
C ASP C 216 -4.49 23.13 -3.85
N VAL C 217 -3.72 22.97 -4.91
CA VAL C 217 -3.00 21.70 -5.23
C VAL C 217 -1.81 21.55 -4.28
N ASP C 218 -1.32 22.64 -3.73
CA ASP C 218 -0.28 22.61 -2.69
C ASP C 218 -0.82 21.83 -1.46
N LYS C 219 -2.00 22.20 -1.00
CA LYS C 219 -2.70 21.54 0.13
C LYS C 219 -2.92 20.06 -0.19
N MET C 220 -3.42 19.73 -1.37
CA MET C 220 -3.77 18.34 -1.71
C MET C 220 -2.46 17.52 -1.68
N ASP C 221 -1.37 18.04 -2.23
CA ASP C 221 -0.09 17.29 -2.23
C ASP C 221 0.41 17.09 -0.81
N TYR C 222 0.44 18.10 0.04
CA TYR C 222 1.12 17.94 1.35
C TYR C 222 0.26 17.02 2.25
N LEU C 223 -1.05 17.06 2.13
CA LEU C 223 -1.90 16.16 2.95
C LEU C 223 -1.54 14.71 2.57
N LEU C 224 -1.48 14.38 1.30
CA LEU C 224 -1.18 12.99 0.92
C LEU C 224 0.26 12.65 1.34
N ARG C 225 1.21 13.51 1.07
CA ARG C 225 2.64 13.25 1.27
C ARG C 225 2.96 13.14 2.76
N ASP C 226 2.41 14.05 3.57
CA ASP C 226 2.72 14.13 5.01
C ASP C 226 1.95 13.00 5.74
N SER C 227 0.79 12.61 5.27
CA SER C 227 0.07 11.44 5.80
C SER C 227 0.92 10.19 5.56
N LYS C 228 1.43 10.03 4.33
CA LYS C 228 2.19 8.81 4.00
C LYS C 228 3.49 8.80 4.82
N ALA C 229 4.15 9.95 4.97
CA ALA C 229 5.46 9.97 5.63
C ALA C 229 5.26 9.70 7.15
N SER C 230 4.21 10.25 7.74
CA SER C 230 3.94 10.20 9.19
C SER C 230 3.33 8.86 9.57
N GLY C 231 2.67 8.14 8.66
CA GLY C 231 1.88 6.94 9.00
C GLY C 231 0.58 7.33 9.70
N VAL C 232 0.17 8.63 9.66
CA VAL C 232 -1.11 9.04 10.25
C VAL C 232 -2.17 9.00 9.15
N GLY C 233 -3.13 8.13 9.28
CA GLY C 233 -4.23 7.96 8.31
C GLY C 233 -5.17 9.17 8.32
N ILE C 234 -5.65 9.53 7.14
CA ILE C 234 -6.56 10.69 6.93
C ILE C 234 -7.61 10.21 5.93
N THR C 235 -8.72 10.92 5.81
CA THR C 235 -9.82 10.56 4.88
CA THR C 235 -9.83 10.59 4.88
C THR C 235 -9.48 11.00 3.45
N PHE C 236 -8.66 12.04 3.27
CA PHE C 236 -8.24 12.48 1.93
C PHE C 236 -7.16 11.52 1.42
N SER C 237 -7.46 10.72 0.42
CA SER C 237 -6.56 9.73 -0.21
C SER C 237 -6.23 10.12 -1.65
N GLU C 238 -5.28 9.41 -2.24
CA GLU C 238 -4.89 9.58 -3.65
C GLU C 238 -6.13 9.37 -4.54
N SER C 239 -7.00 8.45 -4.14
CA SER C 239 -8.22 8.13 -4.92
C SER C 239 -9.25 9.27 -4.78
N THR C 240 -9.32 9.88 -3.59
CA THR C 240 -10.10 11.10 -3.38
C THR C 240 -9.65 12.22 -4.33
N LEU C 241 -8.35 12.39 -4.45
CA LEU C 241 -7.76 13.43 -5.34
C LEU C 241 -8.20 13.15 -6.78
N GLU C 242 -8.10 11.90 -7.23
CA GLU C 242 -8.52 11.52 -8.59
C GLU C 242 -10.02 11.77 -8.79
N ARG C 243 -10.84 11.48 -7.80
CA ARG C 243 -12.27 11.81 -7.87
C ARG C 243 -12.50 13.31 -8.14
N LEU C 244 -11.83 14.20 -7.39
CA LEU C 244 -11.94 15.66 -7.58
C LEU C 244 -11.54 16.03 -8.99
N PHE C 245 -10.41 15.49 -9.47
CA PHE C 245 -9.87 15.84 -10.80
C PHE C 245 -10.79 15.30 -11.88
N ASN C 246 -11.56 14.24 -11.63
CA ASN C 246 -12.53 13.72 -12.63
C ASN C 246 -13.88 14.48 -12.57
N HIS C 247 -14.08 15.36 -11.61
CA HIS C 247 -15.40 16.04 -11.40
C HIS C 247 -15.20 17.54 -11.13
N VAL C 248 -14.32 18.16 -11.86
CA VAL C 248 -13.94 19.58 -11.70
C VAL C 248 -14.32 20.32 -12.97
N ARG C 249 -14.86 21.50 -12.81
CA ARG C 249 -15.19 22.40 -13.95
C ARG C 249 -15.01 23.84 -13.51
N VAL C 250 -14.86 24.71 -14.48
CA VAL C 250 -14.94 26.17 -14.21
C VAL C 250 -16.37 26.62 -14.43
N VAL C 251 -16.93 27.31 -13.45
CA VAL C 251 -18.31 27.82 -13.50
C VAL C 251 -18.31 29.30 -13.11
N ILE C 252 -19.46 29.96 -13.27
CA ILE C 252 -19.68 31.34 -12.81
C ILE C 252 -20.04 31.33 -11.32
N ASP C 253 -19.36 32.14 -10.53
CA ASP C 253 -19.65 32.39 -9.11
C ASP C 253 -20.97 33.16 -9.05
N PRO C 254 -22.03 32.67 -8.37
CA PRO C 254 -23.32 33.36 -8.36
C PRO C 254 -23.24 34.71 -7.62
N ASN C 255 -22.21 34.92 -6.80
CA ASN C 255 -22.04 36.12 -5.95
C ASN C 255 -21.24 37.21 -6.67
N SER C 256 -20.34 36.89 -7.61
CA SER C 256 -19.40 37.88 -8.21
C SER C 256 -19.52 37.91 -9.73
N GLY C 257 -19.99 36.85 -10.36
CA GLY C 257 -19.94 36.69 -11.81
C GLY C 257 -18.57 36.27 -12.33
N LEU C 258 -17.57 36.11 -11.48
CA LEU C 258 -16.23 35.60 -11.91
C LEU C 258 -16.21 34.07 -12.06
N LYS C 259 -15.38 33.61 -12.97
CA LYS C 259 -15.15 32.18 -13.22
C LYS C 259 -14.33 31.60 -12.05
N ARG C 260 -14.79 30.45 -11.54
CA ARG C 260 -14.20 29.79 -10.37
C ARG C 260 -14.13 28.29 -10.62
N ILE C 261 -13.13 27.64 -10.03
CA ILE C 261 -13.06 26.14 -9.99
C ILE C 261 -14.19 25.62 -9.10
N ALA C 262 -14.97 24.70 -9.65
CA ALA C 262 -16.06 24.07 -8.89
C ALA C 262 -15.92 22.56 -9.02
N TYR C 263 -16.55 21.85 -8.08
CA TYR C 263 -16.58 20.37 -8.08
C TYR C 263 -18.03 19.94 -8.15
N SER C 264 -18.27 18.73 -8.68
CA SER C 264 -19.60 18.12 -8.67
CA SER C 264 -19.60 18.10 -8.67
C SER C 264 -20.08 18.05 -7.22
N ILE C 265 -21.34 18.38 -6.98
CA ILE C 265 -21.93 18.35 -5.63
C ILE C 265 -21.83 16.92 -5.05
N LYS C 266 -21.68 15.88 -5.87
CA LYS C 266 -21.54 14.51 -5.32
C LYS C 266 -20.19 14.41 -4.59
N CYS C 267 -19.23 15.35 -4.81
CA CYS C 267 -17.89 15.37 -4.18
C CYS C 267 -17.82 16.26 -2.91
N ILE C 268 -18.91 16.77 -2.38
CA ILE C 268 -18.84 17.69 -1.22
C ILE C 268 -18.11 17.00 -0.05
N GLY C 269 -18.42 15.75 0.26
CA GLY C 269 -17.75 14.97 1.31
C GLY C 269 -16.24 14.92 1.07
N ASP C 270 -15.84 14.74 -0.18
CA ASP C 270 -14.42 14.59 -0.60
C ASP C 270 -13.73 15.95 -0.39
N LEU C 271 -14.43 17.08 -0.62
CA LEU C 271 -13.83 18.41 -0.36
C LEU C 271 -13.74 18.64 1.16
N LYS C 272 -14.75 18.24 1.93
CA LYS C 272 -14.74 18.43 3.38
C LYS C 272 -13.51 17.72 3.98
N ALA C 273 -13.14 16.57 3.42
CA ALA C 273 -11.98 15.77 3.89
C ALA C 273 -10.70 16.59 3.83
N ILE C 274 -10.60 17.60 2.98
CA ILE C 274 -9.34 18.38 2.89
C ILE C 274 -9.11 19.14 4.19
N GLY C 275 -10.07 19.99 4.59
CA GLY C 275 -10.00 20.72 5.87
C GLY C 275 -9.93 19.80 7.10
N ASP C 276 -10.73 18.75 7.16
CA ASP C 276 -10.68 17.80 8.30
C ASP C 276 -9.29 17.15 8.38
N SER C 277 -8.70 16.76 7.24
CA SER C 277 -7.35 16.11 7.19
C SER C 277 -6.27 17.10 7.65
N ARG C 278 -6.40 18.36 7.27
CA ARG C 278 -5.45 19.42 7.70
C ARG C 278 -5.46 19.49 9.22
N GLN C 279 -6.63 19.63 9.82
CA GLN C 279 -6.73 19.76 11.32
C GLN C 279 -6.14 18.52 11.99
N GLU C 280 -6.46 17.33 11.49
CA GLU C 280 -5.92 16.06 12.04
C GLU C 280 -4.39 16.05 12.01
N LEU C 281 -3.78 16.43 10.88
CA LEU C 281 -2.29 16.34 10.77
C LEU C 281 -1.65 17.43 11.64
N HIS C 282 -2.31 18.58 11.82
CA HIS C 282 -1.83 19.59 12.80
C HIS C 282 -1.86 19.02 14.21
N SER C 283 -2.96 18.40 14.64
CA SER C 283 -3.13 17.88 16.01
CA SER C 283 -3.10 17.91 16.03
C SER C 283 -2.17 16.73 16.27
N LYS C 284 -2.05 15.81 15.32
CA LYS C 284 -1.27 14.57 15.60
C LYS C 284 0.21 14.73 15.22
N VAL C 285 0.55 15.55 14.20
CA VAL C 285 1.91 15.56 13.65
C VAL C 285 2.57 16.90 13.85
N TYR C 286 2.13 17.93 13.13
CA TYR C 286 2.92 19.18 13.05
C TYR C 286 3.02 19.88 14.41
N GLN C 287 1.96 19.80 15.23
CA GLN C 287 1.98 20.45 16.56
C GLN C 287 1.94 19.38 17.65
N HIS C 288 2.52 18.20 17.39
CA HIS C 288 2.84 17.22 18.45
C HIS C 288 3.57 17.95 19.60
N LYS C 289 3.17 17.72 20.83
CA LYS C 289 3.69 18.48 22.01
C LYS C 289 5.18 18.23 22.19
N ALA C 290 5.73 17.04 21.94
CA ALA C 290 7.20 16.82 22.04
C ALA C 290 7.96 17.60 20.95
N VAL C 291 7.41 17.67 19.73
CA VAL C 291 7.97 18.56 18.66
C VAL C 291 8.07 20.00 19.22
N ARG C 292 7.00 20.49 19.82
CA ARG C 292 7.00 21.88 20.33
C ARG C 292 8.10 22.10 21.37
N PHE C 293 8.29 21.16 22.25
CA PHE C 293 9.36 21.23 23.27
C PHE C 293 10.73 21.38 22.58
N MET C 294 11.02 20.55 21.57
CA MET C 294 12.31 20.62 20.89
C MET C 294 12.39 21.90 20.04
N GLU C 295 11.27 22.40 19.50
CA GLU C 295 11.31 23.73 18.81
C GLU C 295 11.87 24.84 19.74
N THR C 296 11.50 24.88 21.02
CA THR C 296 11.93 25.96 21.95
C THR C 296 13.46 25.87 22.10
N LEU C 297 14.06 24.66 22.10
CA LEU C 297 15.52 24.53 22.18
C LEU C 297 16.17 25.04 20.88
N MET C 298 15.62 24.65 19.74
CA MET C 298 16.18 25.05 18.43
C MET C 298 16.08 26.58 18.25
N VAL C 299 14.97 27.21 18.63
CA VAL C 299 14.84 28.69 18.51
C VAL C 299 15.92 29.38 19.37
N ASP C 300 16.10 28.94 20.61
CA ASP C 300 17.14 29.53 21.50
C ASP C 300 18.51 29.39 20.82
N ALA C 301 18.83 28.23 20.24
CA ALA C 301 20.15 28.02 19.61
C ALA C 301 20.26 28.99 18.43
N LEU C 302 19.23 29.12 17.60
CA LEU C 302 19.30 30.00 16.40
C LEU C 302 19.51 31.45 16.85
N ILE C 303 18.80 31.89 17.89
CA ILE C 303 18.91 33.29 18.39
C ILE C 303 20.32 33.50 18.92
N ASN C 304 20.82 32.56 19.73
CA ASN C 304 22.16 32.70 20.36
C ASN C 304 23.29 32.61 19.31
N ALA C 305 23.13 31.79 18.26
CA ALA C 305 24.19 31.57 17.26
C ALA C 305 24.10 32.59 16.13
N GLY C 306 22.97 33.25 15.98
CA GLY C 306 22.57 33.97 14.77
C GLY C 306 23.56 35.03 14.31
N ASP C 307 24.16 35.79 15.25
CA ASP C 307 25.14 36.87 14.99
C ASP C 307 26.44 36.27 14.44
N PHE C 308 26.79 35.05 14.80
CA PHE C 308 28.11 34.45 14.47
C PHE C 308 28.10 33.73 13.13
N LEU C 309 26.93 33.26 12.67
CA LEU C 309 26.86 32.51 11.40
C LEU C 309 26.72 33.52 10.25
N LYS C 310 27.61 33.43 9.26
CA LYS C 310 27.70 34.44 8.18
C LYS C 310 27.62 33.75 6.82
N TYR C 311 26.98 34.42 5.86
CA TYR C 311 26.72 33.93 4.50
C TYR C 311 27.08 35.06 3.53
N LYS C 312 27.84 34.74 2.49
CA LYS C 312 28.27 35.71 1.46
C LYS C 312 27.08 36.07 0.57
N GLY C 313 26.81 37.36 0.45
CA GLY C 313 25.73 37.91 -0.39
C GLY C 313 26.24 38.49 -1.70
N SER C 314 25.37 39.22 -2.39
CA SER C 314 25.45 39.57 -3.83
C SER C 314 26.77 40.26 -4.15
N ASN C 315 27.26 41.06 -3.23
CA ASN C 315 28.34 42.03 -3.52
C ASN C 315 29.58 41.63 -2.70
N GLY C 316 29.72 40.32 -2.43
CA GLY C 316 30.72 39.72 -1.50
C GLY C 316 30.60 40.20 -0.06
N GLU C 317 29.55 40.91 0.34
CA GLU C 317 29.30 41.29 1.76
C GLU C 317 28.81 40.03 2.52
N LEU C 318 29.17 39.90 3.78
CA LEU C 318 28.79 38.80 4.69
C LEU C 318 27.51 39.22 5.44
N TYR C 319 26.48 38.38 5.44
CA TYR C 319 25.23 38.64 6.19
C TYR C 319 25.13 37.59 7.29
N SER C 320 24.76 38.01 8.51
CA SER C 320 24.48 37.07 9.61
C SER C 320 23.16 36.33 9.34
N LEU C 321 22.95 35.19 10.03
CA LEU C 321 21.69 34.45 9.92
C LEU C 321 20.53 35.41 10.27
N LYS C 322 20.74 36.34 11.20
CA LYS C 322 19.67 37.30 11.62
C LYS C 322 19.34 38.33 10.53
N ASN C 323 20.22 38.53 9.55
CA ASN C 323 19.97 39.54 8.46
C ASN C 323 19.85 38.88 7.07
N VAL C 324 19.89 37.54 6.93
CA VAL C 324 20.06 36.92 5.57
C VAL C 324 18.88 37.28 4.69
N THR C 325 17.69 37.59 5.24
CA THR C 325 16.51 37.89 4.40
C THR C 325 16.69 39.22 3.67
N GLU C 326 17.70 40.00 4.03
CA GLU C 326 18.02 41.28 3.36
C GLU C 326 18.78 41.05 2.06
N ASP C 327 19.24 39.84 1.75
CA ASP C 327 20.00 39.62 0.49
C ASP C 327 19.72 38.21 -0.05
N VAL C 328 19.08 38.14 -1.22
CA VAL C 328 18.62 36.86 -1.82
C VAL C 328 19.82 35.92 -1.96
N ASP C 329 20.99 36.40 -2.40
CA ASP C 329 22.16 35.50 -2.60
C ASP C 329 22.60 34.89 -1.26
N ALA C 330 22.62 35.67 -0.20
CA ALA C 330 23.06 35.16 1.14
C ALA C 330 22.00 34.17 1.65
N PHE C 331 20.72 34.50 1.51
CA PHE C 331 19.57 33.66 1.90
C PHE C 331 19.70 32.26 1.26
N LEU C 332 20.11 32.20 -0.01
CA LEU C 332 20.18 30.94 -0.80
C LEU C 332 21.31 30.03 -0.30
N LYS C 333 22.20 30.53 0.57
CA LYS C 333 23.24 29.67 1.16
C LYS C 333 22.69 28.98 2.43
N THR C 334 21.50 29.33 2.92
CA THR C 334 20.97 28.77 4.18
C THR C 334 20.26 27.44 3.89
N THR C 335 20.49 26.44 4.76
CA THR C 335 19.73 25.17 4.71
C THR C 335 19.56 24.66 6.15
N ASP C 336 18.98 23.46 6.28
CA ASP C 336 18.83 22.78 7.59
C ASP C 336 20.23 22.42 8.13
N TYR C 337 21.27 22.50 7.34
CA TYR C 337 22.63 22.25 7.86
CA TYR C 337 22.72 22.39 7.71
C TYR C 337 23.06 23.40 8.81
N VAL C 338 22.30 24.49 8.94
CA VAL C 338 22.55 25.49 10.03
C VAL C 338 22.74 24.78 11.39
N GLU C 339 21.99 23.70 11.67
CA GLU C 339 22.14 22.93 12.92
C GLU C 339 23.59 22.41 13.06
N GLN C 340 24.14 21.83 11.99
CA GLN C 340 25.52 21.30 12.05
C GLN C 340 26.53 22.44 12.10
N GLU C 341 26.29 23.56 11.44
CA GLU C 341 27.16 24.78 11.51
C GLU C 341 27.34 25.19 12.96
N ILE C 342 26.26 25.23 13.73
CA ILE C 342 26.34 25.55 15.18
C ILE C 342 27.15 24.47 15.90
N LEU C 343 26.75 23.21 15.78
CA LEU C 343 27.42 22.09 16.49
C LEU C 343 28.93 22.07 16.20
N ASN C 344 29.38 22.37 14.96
CA ASN C 344 30.80 22.26 14.56
C ASN C 344 31.54 23.61 14.74
N SER C 345 30.89 24.70 15.14
CA SER C 345 31.54 26.03 15.24
C SER C 345 32.75 25.93 16.20
N GLN C 346 33.85 26.59 15.84
CA GLN C 346 35.05 26.74 16.71
C GLN C 346 34.98 28.06 17.49
N ILE C 347 33.94 28.86 17.34
CA ILE C 347 33.74 30.11 18.13
C ILE C 347 33.46 29.75 19.60
N THR C 348 34.18 30.36 20.54
CA THR C 348 34.10 30.03 21.99
C THR C 348 33.40 31.15 22.77
N ASP C 349 32.88 32.16 22.09
CA ASP C 349 31.95 33.15 22.71
C ASP C 349 30.89 32.40 23.53
N PRO C 350 30.62 32.86 24.77
CA PRO C 350 29.60 32.23 25.62
C PRO C 350 28.24 31.97 24.93
N LYS C 351 27.81 32.86 24.03
CA LYS C 351 26.51 32.71 23.33
C LYS C 351 26.56 31.51 22.39
N MET C 352 27.66 31.27 21.71
CA MET C 352 27.82 30.11 20.80
C MET C 352 27.78 28.84 21.65
N ILE C 353 28.43 28.86 22.81
CA ILE C 353 28.48 27.68 23.71
C ILE C 353 27.07 27.41 24.24
N GLU C 354 26.29 28.45 24.54
CA GLU C 354 24.86 28.30 24.91
C GLU C 354 24.06 27.63 23.77
N ALA C 355 24.26 28.05 22.52
CA ALA C 355 23.54 27.49 21.35
C ALA C 355 23.89 26.01 21.23
N GLN C 356 25.18 25.66 21.37
CA GLN C 356 25.66 24.25 21.25
C GLN C 356 25.06 23.43 22.38
N THR C 357 24.97 23.97 23.59
CA THR C 357 24.37 23.29 24.76
C THR C 357 22.91 22.90 24.43
N ALA C 358 22.15 23.81 23.85
CA ALA C 358 20.72 23.60 23.56
C ALA C 358 20.58 22.50 22.50
N LEU C 359 21.42 22.52 21.45
CA LEU C 359 21.32 21.50 20.38
C LEU C 359 21.74 20.14 20.94
N LEU C 360 22.70 20.08 21.85
CA LEU C 360 23.16 18.79 22.44
C LEU C 360 22.08 18.27 23.38
N LYS C 361 21.29 19.13 24.05
CA LYS C 361 20.13 18.68 24.86
C LYS C 361 19.10 17.99 23.96
N ILE C 362 18.84 18.53 22.77
CA ILE C 362 17.91 17.88 21.80
C ILE C 362 18.44 16.45 21.53
N GLN C 363 19.71 16.33 21.17
CA GLN C 363 20.25 15.00 20.74
C GLN C 363 20.22 13.99 21.88
N ARG C 364 20.41 14.42 23.13
CA ARG C 364 20.37 13.52 24.30
C ARG C 364 18.93 13.38 24.82
N ARG C 365 17.94 14.06 24.23
CA ARG C 365 16.53 13.96 24.63
C ARG C 365 16.36 14.54 26.03
N GLU C 366 17.14 15.58 26.35
CA GLU C 366 17.08 16.29 27.66
C GLU C 366 16.08 17.44 27.49
N ILE C 367 14.83 17.10 27.32
CA ILE C 367 13.80 18.07 26.87
C ILE C 367 12.82 18.31 28.02
N GLY C 368 12.03 19.36 27.95
CA GLY C 368 11.03 19.62 29.00
C GLY C 368 10.02 18.48 29.13
N CYS C 369 9.31 18.43 30.23
CA CYS C 369 8.28 17.39 30.44
C CYS C 369 6.88 17.97 30.37
N LYS C 370 5.91 17.11 29.99
CA LYS C 370 4.48 17.45 29.81
C LYS C 370 3.89 17.74 31.20
N LEU C 371 3.32 18.92 31.45
CA LEU C 371 2.61 19.15 32.73
C LEU C 371 1.17 19.54 32.46
N GLY C 372 0.54 18.83 31.52
CA GLY C 372 -0.91 18.92 31.27
C GLY C 372 -1.25 19.62 29.99
N TYR C 373 -2.49 19.46 29.57
CA TYR C 373 -3.07 20.14 28.40
C TYR C 373 -4.59 20.14 28.51
N PHE C 374 -5.21 21.03 27.77
CA PHE C 374 -6.66 20.99 27.48
C PHE C 374 -6.87 21.59 26.11
N GLU C 375 -8.02 21.26 25.53
CA GLU C 375 -8.53 21.84 24.30
C GLU C 375 -9.64 22.84 24.66
N MET C 376 -9.80 23.88 23.85
CA MET C 376 -10.81 24.92 24.15
C MET C 376 -11.35 25.54 22.85
N ASN C 377 -12.57 26.06 22.95
CA ASN C 377 -13.26 26.79 21.87
C ASN C 377 -12.70 28.20 21.88
N PRO C 378 -12.13 28.67 20.73
CA PRO C 378 -11.55 30.00 20.63
C PRO C 378 -12.56 31.11 21.02
N GLU C 379 -13.86 30.86 20.84
CA GLU C 379 -14.92 31.87 21.11
C GLU C 379 -14.96 32.18 22.61
N ASN C 380 -14.46 31.29 23.46
CA ASN C 380 -14.43 31.50 24.94
C ASN C 380 -13.32 32.48 25.31
N ALA C 381 -12.59 33.03 24.34
CA ALA C 381 -11.63 34.13 24.53
C ALA C 381 -12.32 35.45 24.19
N ALA C 394 -5.46 34.54 21.74
CA ALA C 394 -4.76 33.30 22.18
C ALA C 394 -3.55 33.63 23.07
N ALA C 395 -2.74 34.63 22.72
CA ALA C 395 -1.62 35.13 23.56
C ALA C 395 -2.14 35.57 24.95
N GLU C 396 -3.32 36.19 25.01
CA GLU C 396 -3.99 36.69 26.24
C GLU C 396 -4.46 35.48 27.08
N VAL C 397 -5.08 34.50 26.44
CA VAL C 397 -5.47 33.23 27.11
C VAL C 397 -4.21 32.63 27.74
N VAL C 398 -3.11 32.55 27.01
CA VAL C 398 -1.86 31.94 27.50
C VAL C 398 -1.39 32.73 28.75
N LYS C 399 -1.40 34.06 28.67
CA LYS C 399 -0.96 34.93 29.81
C LYS C 399 -1.93 34.77 30.98
N LYS C 400 -3.24 34.78 30.77
CA LYS C 400 -4.23 34.59 31.88
C LYS C 400 -4.04 33.22 32.53
N VAL C 401 -3.96 32.14 31.74
CA VAL C 401 -3.84 30.78 32.32
C VAL C 401 -2.56 30.72 33.16
N GLY C 402 -1.43 31.23 32.65
CA GLY C 402 -0.14 31.22 33.38
C GLY C 402 -0.21 31.99 34.69
N GLN C 403 -0.88 33.15 34.72
CA GLN C 403 -1.06 34.00 35.94
C GLN C 403 -1.96 33.26 36.93
N LYS C 404 -3.10 32.71 36.50
CA LYS C 404 -4.03 31.96 37.40
C LYS C 404 -3.36 30.69 37.94
N MET C 405 -2.59 29.97 37.11
CA MET C 405 -1.85 28.77 37.57
C MET C 405 -0.91 29.18 38.70
N LYS C 406 -0.13 30.24 38.50
CA LYS C 406 0.85 30.73 39.52
C LYS C 406 0.14 31.02 40.86
N GLU C 407 -1.01 31.72 40.84
CA GLU C 407 -1.85 31.98 42.05
C GLU C 407 -2.30 30.66 42.66
N ILE C 408 -2.71 29.67 41.85
CA ILE C 408 -3.28 28.40 42.37
C ILE C 408 -2.15 27.62 43.03
N LEU C 409 -0.96 27.65 42.43
CA LEU C 409 0.21 26.89 42.96
C LEU C 409 0.63 27.51 44.31
N GLU C 410 0.62 28.84 44.44
CA GLU C 410 0.86 29.56 45.73
C GLU C 410 -0.11 29.08 46.83
N GLN C 411 -1.41 29.06 46.57
CA GLN C 411 -2.48 28.54 47.47
C GLN C 411 -2.20 27.06 47.79
N MET C 412 -1.81 26.26 46.81
CA MET C 412 -1.53 24.83 47.06
C MET C 412 -0.31 24.74 47.96
N ASP C 413 0.70 25.59 47.68
CA ASP C 413 2.01 25.52 48.37
C ASP C 413 1.82 25.83 49.88
N ASP C 414 1.00 26.84 50.19
CA ASP C 414 0.78 27.33 51.59
C ASP C 414 -0.18 26.36 52.30
N THR C 415 -1.33 26.02 51.71
CA THR C 415 -2.30 25.06 52.29
C THR C 415 -1.65 23.70 52.61
N GLU C 416 -0.73 23.19 51.79
CA GLU C 416 -0.14 21.83 51.98
C GLU C 416 1.25 21.94 52.64
N GLU C 417 1.71 23.16 52.95
CA GLU C 417 2.96 23.46 53.69
C GLU C 417 4.15 22.80 52.98
N MET C 418 4.46 23.23 51.77
CA MET C 418 5.52 22.65 50.91
C MET C 418 6.72 23.59 50.83
N ASP C 419 6.73 24.66 51.64
CA ASP C 419 7.88 25.58 51.82
C ASP C 419 8.42 26.03 50.45
N GLY C 420 7.53 26.41 49.54
CA GLY C 420 7.91 27.00 48.25
C GLY C 420 8.37 25.98 47.22
N LYS C 421 8.25 24.66 47.48
CA LYS C 421 8.62 23.61 46.50
C LYS C 421 7.73 23.74 45.24
N LEU C 422 6.46 24.13 45.39
CA LEU C 422 5.52 24.35 44.28
C LEU C 422 5.78 25.72 43.64
N LYS C 423 5.89 26.77 44.45
CA LYS C 423 6.11 28.17 44.00
C LYS C 423 7.42 28.29 43.21
N ASP C 424 8.42 27.46 43.48
CA ASP C 424 9.72 27.56 42.76
C ASP C 424 9.68 26.83 41.40
N ILE C 425 8.64 26.07 41.07
CA ILE C 425 8.62 25.22 39.83
C ILE C 425 8.65 26.14 38.60
N GLN C 426 9.60 25.93 37.70
CA GLN C 426 9.64 26.65 36.39
C GLN C 426 8.76 25.91 35.37
N PHE C 427 7.81 26.61 34.74
CA PHE C 427 6.93 26.07 33.68
C PHE C 427 6.53 27.19 32.73
N THR C 428 6.16 26.80 31.52
CA THR C 428 5.77 27.72 30.43
C THR C 428 4.41 27.22 29.90
N VAL C 429 3.49 28.12 29.70
CA VAL C 429 2.19 27.83 29.07
C VAL C 429 2.34 28.13 27.58
N MET C 430 1.89 27.21 26.74
CA MET C 430 1.96 27.37 25.26
C MET C 430 0.60 27.10 24.67
N HIS C 431 0.42 27.52 23.42
CA HIS C 431 -0.85 27.23 22.68
C HIS C 431 -0.53 26.66 21.31
N SER C 432 -1.45 25.88 20.80
CA SER C 432 -1.48 25.43 19.40
C SER C 432 -2.84 25.80 18.83
N VAL C 433 -2.83 26.39 17.64
CA VAL C 433 -4.04 26.61 16.81
C VAL C 433 -4.26 25.37 15.97
N LEU C 434 -5.33 24.63 16.23
CA LEU C 434 -5.66 23.39 15.48
C LEU C 434 -6.91 23.65 14.63
N GLY C 435 -6.71 24.12 13.40
CA GLY C 435 -7.79 24.60 12.54
C GLY C 435 -7.81 23.94 11.19
N ARG C 436 -8.84 24.26 10.43
CA ARG C 436 -9.08 23.74 9.05
C ARG C 436 -8.59 24.76 8.03
N GLY C 437 -8.05 25.86 8.49
CA GLY C 437 -7.60 26.96 7.62
C GLY C 437 -8.32 28.21 8.04
N LEU C 438 -8.36 29.23 7.22
CA LEU C 438 -9.38 30.31 7.33
C LEU C 438 -9.60 30.75 8.79
N ASP C 439 -10.83 31.02 9.18
CA ASP C 439 -11.14 31.66 10.48
C ASP C 439 -11.57 30.56 11.46
N ASP C 440 -11.67 30.91 12.72
CA ASP C 440 -12.02 30.01 13.84
C ASP C 440 -13.40 29.38 13.56
N LYS C 441 -14.28 30.09 12.87
CA LYS C 441 -15.71 29.72 12.86
C LYS C 441 -16.12 29.07 11.54
N THR C 442 -15.36 29.18 10.46
CA THR C 442 -15.86 28.80 9.11
C THR C 442 -15.12 27.58 8.60
N HIS C 443 -15.87 26.54 8.27
CA HIS C 443 -15.35 25.34 7.57
C HIS C 443 -15.11 25.74 6.11
N PRO C 444 -13.89 25.47 5.59
CA PRO C 444 -13.57 25.73 4.20
C PRO C 444 -14.62 25.22 3.18
N ILE C 445 -15.26 24.09 3.47
CA ILE C 445 -16.22 23.50 2.53
C ILE C 445 -17.38 24.49 2.30
N GLU C 446 -17.75 25.27 3.31
CA GLU C 446 -18.86 26.27 3.19
C GLU C 446 -18.50 27.30 2.13
N ARG C 447 -17.23 27.51 1.84
CA ARG C 447 -16.75 28.58 0.94
C ARG C 447 -16.25 28.00 -0.37
N GLN C 448 -16.67 26.78 -0.70
CA GLN C 448 -16.33 26.11 -1.97
C GLN C 448 -17.58 26.12 -2.82
N ILE C 449 -17.44 26.51 -4.07
CA ILE C 449 -18.52 26.41 -5.10
C ILE C 449 -18.60 25.00 -5.68
N PHE C 450 -19.83 24.54 -5.89
CA PHE C 450 -20.16 23.23 -6.49
C PHE C 450 -21.10 23.44 -7.68
N TYR C 451 -21.26 22.40 -8.50
CA TYR C 451 -22.28 22.42 -9.56
C TYR C 451 -23.08 21.13 -9.46
N ASP C 452 -24.24 21.16 -10.05
CA ASP C 452 -25.20 20.03 -10.11
C ASP C 452 -25.13 19.40 -11.49
N GLY C 453 -25.56 18.16 -11.62
CA GLY C 453 -25.76 17.46 -12.91
C GLY C 453 -24.43 17.17 -13.58
N LYS C 454 -24.49 16.87 -14.86
CA LYS C 454 -23.32 16.48 -15.69
C LYS C 454 -23.24 17.42 -16.88
N PRO C 455 -22.79 18.68 -16.69
CA PRO C 455 -22.79 19.64 -17.79
C PRO C 455 -21.83 19.19 -18.91
N SER C 456 -22.14 19.59 -20.14
CA SER C 456 -21.30 19.41 -21.36
C SER C 456 -21.54 20.58 -22.32
N GLN C 462 -23.33 28.19 -20.39
CA GLN C 462 -22.51 28.52 -19.18
C GLN C 462 -23.26 28.01 -17.96
N VAL C 463 -22.55 27.36 -17.03
CA VAL C 463 -23.11 26.84 -15.76
C VAL C 463 -22.83 27.84 -14.62
N VAL C 464 -23.83 28.03 -13.73
CA VAL C 464 -23.72 28.86 -12.51
C VAL C 464 -23.65 27.89 -11.32
N GLY C 465 -22.64 28.05 -10.49
CA GLY C 465 -22.41 27.19 -9.33
C GLY C 465 -23.18 27.67 -8.13
N PHE C 466 -23.06 26.96 -7.02
CA PHE C 466 -23.71 27.32 -5.75
C PHE C 466 -22.79 26.95 -4.62
N TYR C 467 -22.97 27.61 -3.50
CA TYR C 467 -22.35 27.27 -2.21
C TYR C 467 -23.26 26.31 -1.46
N PRO C 468 -22.72 25.47 -0.56
CA PRO C 468 -23.55 24.54 0.20
C PRO C 468 -24.57 25.29 1.07
N SER C 469 -25.67 24.62 1.30
CA SER C 469 -26.66 24.97 2.34
C SER C 469 -25.94 25.20 3.66
N GLU C 470 -26.51 26.04 4.52
CA GLU C 470 -26.07 26.26 5.93
C GLU C 470 -26.20 24.96 6.71
N ASP C 471 -27.10 24.07 6.28
CA ASP C 471 -27.36 22.78 6.94
C ASP C 471 -26.11 21.90 6.83
N TYR C 472 -25.29 22.02 5.76
CA TYR C 472 -24.26 20.99 5.52
C TYR C 472 -23.33 20.96 6.74
N VAL C 473 -22.77 22.10 7.15
CA VAL C 473 -21.82 22.08 8.29
C VAL C 473 -22.55 21.71 9.57
N ILE C 474 -23.82 22.07 9.71
CA ILE C 474 -24.62 21.75 10.94
C ILE C 474 -24.73 20.23 11.04
N ASN C 475 -25.02 19.56 9.93
CA ASN C 475 -25.22 18.11 9.91
C ASN C 475 -23.86 17.37 9.89
N ASN C 476 -22.74 17.97 9.46
CA ASN C 476 -21.51 17.15 9.21
C ASN C 476 -20.31 17.56 10.07
N CYS C 477 -20.30 18.75 10.62
CA CYS C 477 -19.09 19.36 11.19
C CYS C 477 -19.35 19.87 12.59
N PRO C 478 -18.31 19.98 13.43
CA PRO C 478 -18.47 20.64 14.72
C PRO C 478 -18.77 22.11 14.53
N ARG C 479 -19.34 22.71 15.58
CA ARG C 479 -19.78 24.12 15.57
C ARG C 479 -18.63 25.03 15.16
N MET C 480 -17.44 24.83 15.71
CA MET C 480 -16.26 25.68 15.35
C MET C 480 -15.32 24.88 14.45
N ALA C 481 -14.66 25.53 13.51
CA ALA C 481 -13.70 24.93 12.58
C ALA C 481 -12.32 24.83 13.20
N THR C 482 -12.06 25.62 14.23
CA THR C 482 -10.78 25.71 14.94
C THR C 482 -10.97 25.35 16.41
N LYS C 483 -10.02 24.62 16.95
CA LYS C 483 -9.83 24.50 18.42
C LYS C 483 -8.43 24.95 18.78
N TRP C 484 -8.26 25.42 20.01
CA TRP C 484 -6.94 25.70 20.62
C TRP C 484 -6.58 24.58 21.60
N GLU C 485 -5.33 24.15 21.57
CA GLU C 485 -4.78 23.33 22.67
C GLU C 485 -3.86 24.23 23.53
N ILE C 486 -4.11 24.24 24.82
CA ILE C 486 -3.28 24.96 25.82
C ILE C 486 -2.51 23.87 26.55
N PHE C 487 -1.19 24.01 26.62
CA PHE C 487 -0.37 22.98 27.28
C PHE C 487 0.81 23.59 28.00
N VAL C 488 1.33 22.81 28.92
CA VAL C 488 2.41 23.23 29.82
C VAL C 488 3.67 22.39 29.59
N MET C 489 4.80 23.06 29.45
CA MET C 489 6.16 22.49 29.42
C MET C 489 6.88 22.85 30.71
N GLY C 490 7.32 21.85 31.48
CA GLY C 490 8.11 22.05 32.69
C GLY C 490 9.57 21.70 32.52
N ASP C 491 10.39 22.16 33.45
CA ASP C 491 11.79 21.71 33.60
C ASP C 491 11.79 20.19 33.67
N ARG C 492 12.76 19.57 32.99
CA ARG C 492 12.87 18.10 32.93
C ARG C 492 13.04 17.50 34.34
N SER C 493 13.53 18.26 35.31
CA SER C 493 13.66 17.78 36.72
C SER C 493 12.32 17.25 37.26
N LEU C 494 11.18 17.85 36.88
CA LEU C 494 9.84 17.43 37.38
C LEU C 494 9.46 16.02 36.90
N ARG C 495 10.16 15.45 35.94
CA ARG C 495 9.95 14.04 35.48
C ARG C 495 10.17 13.09 36.64
N LYS C 496 10.99 13.46 37.61
CA LYS C 496 11.33 12.58 38.76
C LYS C 496 10.60 13.03 40.03
N GLU C 497 9.53 13.79 39.89
CA GLU C 497 8.80 14.41 41.03
C GLU C 497 7.32 14.34 40.72
N PRO C 498 6.72 13.13 40.66
CA PRO C 498 5.33 12.95 40.20
C PRO C 498 4.27 13.73 41.00
N LEU C 499 4.47 13.84 42.31
CA LEU C 499 3.51 14.52 43.22
C LEU C 499 3.54 16.02 42.92
N LEU C 500 4.71 16.59 42.60
CA LEU C 500 4.80 18.02 42.19
C LEU C 500 4.16 18.19 40.80
N ALA C 501 4.47 17.29 39.86
CA ALA C 501 3.99 17.38 38.47
C ALA C 501 2.47 17.31 38.50
N ASP C 502 1.92 16.41 39.30
CA ASP C 502 0.44 16.25 39.43
C ASP C 502 -0.21 17.56 39.89
N ARG C 503 0.42 18.33 40.76
CA ARG C 503 -0.18 19.61 41.24
C ARG C 503 -0.20 20.63 40.11
N VAL C 504 0.86 20.68 39.30
CA VAL C 504 0.87 21.61 38.13
C VAL C 504 -0.26 21.20 37.16
N LYS C 505 -0.44 19.91 36.91
CA LYS C 505 -1.48 19.43 35.99
C LYS C 505 -2.86 19.83 36.54
N ARG C 506 -3.03 19.69 37.86
CA ARG C 506 -4.29 20.03 38.55
C ARG C 506 -4.52 21.54 38.42
N ALA C 507 -3.48 22.33 38.56
CA ALA C 507 -3.56 23.80 38.47
C ALA C 507 -3.98 24.23 37.07
N LEU C 508 -3.45 23.58 36.02
CA LEU C 508 -3.85 23.93 34.65
C LEU C 508 -5.36 23.72 34.48
N GLN C 509 -5.87 22.56 34.90
CA GLN C 509 -7.32 22.23 34.81
C GLN C 509 -8.15 23.23 35.61
N LEU C 510 -7.76 23.55 36.85
CA LEU C 510 -8.53 24.51 37.71
C LEU C 510 -8.50 25.89 37.06
N ALA C 511 -7.37 26.29 36.45
CA ALA C 511 -7.27 27.59 35.75
C ALA C 511 -8.20 27.60 34.53
N GLY C 512 -8.25 26.52 33.76
CA GLY C 512 -9.22 26.40 32.65
C GLY C 512 -10.67 26.56 33.12
N GLU C 513 -11.03 25.86 34.19
CA GLU C 513 -12.41 25.88 34.78
C GLU C 513 -12.70 27.28 35.32
N SER C 514 -11.75 27.88 36.05
CA SER C 514 -11.87 29.23 36.69
C SER C 514 -12.00 30.35 35.68
N GLU C 515 -11.67 30.11 34.42
CA GLU C 515 -11.81 31.12 33.33
C GLU C 515 -12.98 30.73 32.41
N LYS C 516 -13.67 29.62 32.70
CA LYS C 516 -14.85 29.12 31.96
C LYS C 516 -14.43 28.64 30.57
N PHE C 517 -13.19 28.17 30.39
CA PHE C 517 -12.74 27.58 29.10
C PHE C 517 -13.14 26.10 29.09
N LEU C 518 -13.21 25.46 30.26
CA LEU C 518 -13.60 24.03 30.46
C LEU C 518 -14.71 23.94 31.51
N THR C 519 -15.60 22.95 31.40
CA THR C 519 -16.71 22.76 32.36
C THR C 519 -16.36 21.58 33.28
N PRO C 520 -16.76 21.62 34.58
CA PRO C 520 -16.51 20.50 35.50
C PRO C 520 -16.63 19.10 34.86
N MET D 1 2.46 -24.16 21.35
CA MET D 1 3.08 -22.82 21.08
C MET D 1 2.84 -22.42 19.62
N GLU D 2 3.14 -23.31 18.67
CA GLU D 2 3.12 -22.94 17.23
C GLU D 2 1.69 -23.03 16.71
N PRO D 3 1.26 -22.08 15.87
CA PRO D 3 -0.07 -22.17 15.26
C PRO D 3 -0.15 -23.41 14.37
N LYS D 4 -1.32 -23.98 14.23
CA LYS D 4 -1.55 -25.07 13.27
C LYS D 4 -1.42 -24.51 11.84
N HIS D 5 -2.02 -23.34 11.58
CA HIS D 5 -2.03 -22.72 10.24
C HIS D 5 -1.68 -21.26 10.40
N ILE D 6 -1.01 -20.74 9.41
CA ILE D 6 -0.91 -19.26 9.25
C ILE D 6 -1.54 -18.93 7.90
N ILE D 7 -2.61 -18.14 7.93
CA ILE D 7 -3.45 -17.93 6.71
C ILE D 7 -3.22 -16.51 6.21
N ASN D 8 -2.88 -16.34 4.93
CA ASN D 8 -2.66 -14.94 4.39
C ASN D 8 -3.96 -14.13 4.51
N ASP D 9 -3.81 -12.89 4.88
CA ASP D 9 -4.94 -11.94 5.04
C ASP D 9 -4.46 -10.59 4.51
N ASN D 10 -5.27 -9.93 3.72
CA ASN D 10 -4.82 -8.69 3.02
C ASN D 10 -4.81 -7.51 3.99
N VAL D 11 -5.53 -7.58 5.12
CA VAL D 11 -5.56 -6.46 6.12
C VAL D 11 -4.38 -6.55 7.08
N TYR D 12 -4.08 -7.73 7.63
CA TYR D 12 -3.06 -7.90 8.68
C TYR D 12 -1.80 -8.58 8.14
N GLY D 13 -1.76 -9.02 6.87
CA GLY D 13 -0.66 -9.88 6.37
C GLY D 13 -1.00 -11.36 6.57
N THR D 14 -1.22 -11.76 7.81
CA THR D 14 -1.61 -13.14 8.18
C THR D 14 -2.54 -13.19 9.38
N VAL D 15 -3.23 -14.33 9.52
CA VAL D 15 -3.99 -14.73 10.73
C VAL D 15 -3.42 -16.08 11.19
N LYS D 16 -2.98 -16.15 12.42
CA LYS D 16 -2.50 -17.37 13.11
C LYS D 16 -3.69 -18.13 13.68
N VAL D 17 -3.77 -19.41 13.35
CA VAL D 17 -4.83 -20.32 13.82
C VAL D 17 -4.21 -21.34 14.77
N PRO D 18 -4.40 -21.21 16.09
CA PRO D 18 -3.93 -22.19 17.05
C PRO D 18 -4.90 -23.37 17.13
N ARG D 19 -4.39 -24.53 17.48
CA ARG D 19 -5.24 -25.70 17.84
C ARG D 19 -6.06 -25.34 19.06
N PRO D 20 -7.35 -25.73 19.17
CA PRO D 20 -8.08 -26.45 18.14
C PRO D 20 -9.09 -25.60 17.36
N ILE D 21 -8.82 -24.29 17.20
CA ILE D 21 -9.71 -23.37 16.42
C ILE D 21 -9.81 -23.88 14.98
N ASP D 22 -8.74 -24.53 14.45
CA ASP D 22 -8.75 -25.07 13.09
C ASP D 22 -9.97 -26.00 12.89
N LYS D 23 -10.36 -26.75 13.94
CA LYS D 23 -11.49 -27.70 13.80
C LYS D 23 -12.82 -26.94 13.58
N LEU D 24 -12.96 -25.73 14.11
CA LEU D 24 -14.21 -24.93 13.91
C LEU D 24 -14.21 -24.35 12.50
N ILE D 25 -13.04 -23.88 12.03
CA ILE D 25 -12.93 -23.36 10.65
C ILE D 25 -13.34 -24.45 9.66
N ASP D 26 -12.89 -25.67 9.86
CA ASP D 26 -13.08 -26.80 8.90
C ASP D 26 -14.44 -27.53 9.18
N THR D 27 -15.53 -26.76 9.31
CA THR D 27 -16.92 -27.27 9.44
C THR D 27 -17.71 -26.77 8.23
N VAL D 28 -18.74 -27.51 7.83
CA VAL D 28 -19.60 -27.02 6.74
C VAL D 28 -20.23 -25.67 7.11
N GLU D 29 -20.56 -25.48 8.39
CA GLU D 29 -21.24 -24.23 8.86
C GLU D 29 -20.29 -23.02 8.67
N PHE D 30 -18.99 -23.11 9.00
CA PHE D 30 -18.06 -21.97 8.82
C PHE D 30 -17.70 -21.80 7.33
N GLN D 31 -17.50 -22.91 6.58
CA GLN D 31 -17.06 -22.83 5.17
C GLN D 31 -18.18 -22.19 4.32
N ARG D 32 -19.45 -22.31 4.74
CA ARG D 32 -20.61 -21.66 4.11
C ARG D 32 -20.36 -20.16 3.98
N LEU D 33 -19.65 -19.54 4.91
CA LEU D 33 -19.40 -18.09 4.94
C LEU D 33 -18.52 -17.64 3.76
N ARG D 34 -17.87 -18.54 3.05
CA ARG D 34 -17.16 -18.19 1.80
C ARG D 34 -18.14 -17.71 0.71
N HIS D 35 -19.41 -18.12 0.82
CA HIS D 35 -20.42 -17.95 -0.26
C HIS D 35 -21.45 -16.90 0.16
N LEU D 36 -21.13 -16.09 1.17
CA LEU D 36 -21.91 -14.90 1.58
C LEU D 36 -21.00 -13.68 1.44
N LYS D 37 -21.36 -12.71 0.59
CA LYS D 37 -20.64 -11.44 0.50
C LYS D 37 -20.88 -10.64 1.79
N GLN D 38 -19.80 -10.18 2.39
CA GLN D 38 -19.79 -9.34 3.58
C GLN D 38 -20.64 -8.10 3.37
N THR D 39 -20.60 -7.46 2.19
CA THR D 39 -21.32 -6.19 1.95
C THR D 39 -22.48 -6.36 0.96
N GLY D 40 -23.04 -7.56 0.83
CA GLY D 40 -24.30 -7.77 0.08
C GLY D 40 -24.18 -7.36 -1.38
N LEU D 41 -25.06 -6.48 -1.82
CA LEU D 41 -25.15 -5.95 -3.22
C LEU D 41 -24.25 -4.75 -3.45
N VAL D 42 -23.40 -4.38 -2.49
CA VAL D 42 -22.47 -3.25 -2.72
C VAL D 42 -21.61 -3.52 -3.94
N TYR D 43 -21.25 -4.78 -4.21
CA TYR D 43 -20.36 -5.11 -5.34
C TYR D 43 -20.91 -4.62 -6.68
N LEU D 44 -22.22 -4.33 -6.81
CA LEU D 44 -22.76 -3.87 -8.09
C LEU D 44 -22.40 -2.39 -8.35
N VAL D 45 -21.78 -1.71 -7.37
CA VAL D 45 -21.27 -0.32 -7.49
C VAL D 45 -19.76 -0.31 -7.27
N TYR D 46 -19.28 -1.10 -6.32
CA TYR D 46 -17.86 -1.24 -5.95
C TYR D 46 -17.46 -2.68 -6.26
N PRO D 47 -17.03 -3.00 -7.50
CA PRO D 47 -16.86 -4.40 -7.89
C PRO D 47 -15.82 -5.19 -7.12
N ASN D 48 -14.92 -4.49 -6.44
CA ASN D 48 -13.90 -5.15 -5.57
C ASN D 48 -14.46 -5.52 -4.20
N CYS D 49 -15.64 -5.06 -3.81
CA CYS D 49 -16.32 -5.47 -2.56
C CYS D 49 -16.97 -6.82 -2.71
N GLU D 50 -16.15 -7.83 -3.04
CA GLU D 50 -16.68 -9.20 -3.22
C GLU D 50 -16.05 -10.07 -2.14
N HIS D 51 -15.57 -9.47 -1.05
CA HIS D 51 -14.94 -10.22 0.05
C HIS D 51 -16.07 -10.92 0.81
N SER D 52 -15.78 -12.10 1.34
CA SER D 52 -16.75 -12.98 1.98
C SER D 52 -16.86 -12.69 3.49
N ARG D 53 -17.89 -13.24 4.09
CA ARG D 53 -18.02 -13.23 5.56
C ARG D 53 -16.94 -14.08 6.21
N PHE D 54 -16.44 -15.09 5.49
CA PHE D 54 -15.35 -16.00 5.95
C PHE D 54 -14.11 -15.18 6.29
N VAL D 55 -13.64 -14.30 5.38
CA VAL D 55 -12.42 -13.52 5.65
C VAL D 55 -12.67 -12.56 6.79
N HIS D 56 -13.82 -11.92 6.84
CA HIS D 56 -14.13 -11.03 7.99
C HIS D 56 -14.09 -11.82 9.32
N SER D 57 -14.69 -13.02 9.37
CA SER D 57 -14.77 -13.80 10.60
C SER D 57 -13.35 -14.20 11.05
N LEU D 58 -12.47 -14.68 10.12
CA LEU D 58 -11.06 -14.99 10.51
C LEU D 58 -10.36 -13.75 11.08
N GLY D 59 -10.57 -12.56 10.48
CA GLY D 59 -9.92 -11.34 10.95
C GLY D 59 -10.38 -10.96 12.34
N THR D 60 -11.69 -11.02 12.57
CA THR D 60 -12.35 -10.73 13.85
C THR D 60 -11.84 -11.68 14.94
N PHE D 61 -11.75 -12.96 14.64
CA PHE D 61 -11.11 -13.98 15.53
C PHE D 61 -9.70 -13.50 15.91
N SER D 62 -8.89 -13.11 14.91
CA SER D 62 -7.46 -12.81 15.15
C SER D 62 -7.34 -11.65 16.12
N LEU D 63 -8.19 -10.65 15.98
CA LEU D 63 -8.18 -9.46 16.89
C LEU D 63 -8.60 -9.81 18.29
N ALA D 64 -9.64 -10.63 18.47
CA ALA D 64 -10.14 -11.00 19.81
C ALA D 64 -9.06 -11.81 20.52
N TYR D 65 -8.42 -12.72 19.81
CA TYR D 65 -7.40 -13.59 20.40
C TYR D 65 -6.21 -12.70 20.81
N ALA D 66 -5.76 -11.80 19.93
CA ALA D 66 -4.60 -10.92 20.20
C ALA D 66 -4.92 -10.03 21.41
N LEU D 67 -6.11 -9.42 21.48
CA LEU D 67 -6.47 -8.49 22.57
C LEU D 67 -6.51 -9.20 23.91
N VAL D 68 -7.20 -10.33 24.02
CA VAL D 68 -7.34 -11.04 25.31
C VAL D 68 -5.99 -11.62 25.72
N ASP D 69 -5.18 -12.07 24.76
CA ASP D 69 -3.84 -12.59 25.07
C ASP D 69 -2.94 -11.44 25.56
N LYS D 70 -3.03 -10.25 24.96
CA LYS D 70 -2.28 -9.07 25.43
C LYS D 70 -2.74 -8.72 26.86
N LEU D 71 -4.04 -8.68 27.11
CA LEU D 71 -4.54 -8.33 28.47
C LEU D 71 -4.03 -9.33 29.53
N ARG D 72 -4.05 -10.61 29.22
CA ARG D 72 -3.61 -11.69 30.15
C ARG D 72 -2.11 -11.51 30.52
N HIS D 73 -1.27 -11.05 29.59
CA HIS D 73 0.19 -10.86 29.79
C HIS D 73 0.44 -9.55 30.51
N SER D 74 -0.30 -8.51 30.19
CA SER D 74 -0.13 -7.17 30.77
C SER D 74 -0.75 -7.11 32.19
N GLN D 75 -1.83 -7.83 32.46
CA GLN D 75 -2.59 -7.73 33.74
C GLN D 75 -2.89 -9.13 34.27
N PRO D 76 -1.88 -9.84 34.78
CA PRO D 76 -2.10 -11.16 35.40
C PRO D 76 -3.14 -11.17 36.53
N SER D 77 -3.37 -10.06 37.22
CA SER D 77 -4.35 -9.99 38.33
C SER D 77 -5.77 -10.14 37.79
N LEU D 78 -5.99 -10.03 36.48
CA LEU D 78 -7.34 -10.26 35.91
C LEU D 78 -7.72 -11.72 36.01
N ASN D 79 -6.75 -12.63 36.14
CA ASN D 79 -7.04 -14.09 36.22
C ASN D 79 -7.76 -14.57 34.95
N ILE D 80 -7.36 -14.03 33.77
CA ILE D 80 -7.81 -14.57 32.46
C ILE D 80 -7.25 -16.01 32.30
N THR D 81 -8.13 -16.96 32.08
CA THR D 81 -7.79 -18.40 31.91
C THR D 81 -7.75 -18.75 30.42
N GLU D 82 -7.16 -19.90 30.12
CA GLU D 82 -7.15 -20.46 28.75
C GLU D 82 -8.61 -20.58 28.28
N SER D 83 -9.52 -20.95 29.17
CA SER D 83 -10.96 -21.08 28.85
CA SER D 83 -10.97 -21.08 28.85
C SER D 83 -11.59 -19.73 28.47
N ASP D 84 -11.27 -18.65 29.19
CA ASP D 84 -11.75 -17.28 28.86
C ASP D 84 -11.21 -16.86 27.48
N LEU D 85 -9.92 -17.09 27.22
CA LEU D 85 -9.27 -16.71 25.94
C LEU D 85 -9.96 -17.49 24.81
N ILE D 86 -10.16 -18.81 24.96
CA ILE D 86 -10.77 -19.61 23.86
C ILE D 86 -12.26 -19.25 23.72
N CYS D 87 -13.02 -19.07 24.80
CA CYS D 87 -14.46 -18.71 24.69
C CYS D 87 -14.58 -17.37 23.95
N THR D 88 -13.82 -16.37 24.37
CA THR D 88 -13.92 -15.03 23.73
C THR D 88 -13.53 -15.12 22.24
N SER D 89 -12.46 -15.85 21.91
CA SER D 89 -11.95 -16.08 20.53
C SER D 89 -13.01 -16.73 19.66
N VAL D 90 -13.60 -17.80 20.17
CA VAL D 90 -14.66 -18.55 19.45
C VAL D 90 -15.89 -17.66 19.24
N ALA D 91 -16.33 -16.90 20.26
CA ALA D 91 -17.47 -15.98 20.09
C ALA D 91 -17.12 -15.02 18.91
N ALA D 92 -15.90 -14.51 18.87
CA ALA D 92 -15.49 -13.56 17.79
C ALA D 92 -15.53 -14.28 16.45
N LEU D 93 -14.99 -15.50 16.38
CA LEU D 93 -14.94 -16.30 15.12
C LEU D 93 -16.37 -16.57 14.60
N LEU D 94 -17.34 -16.85 15.49
CA LEU D 94 -18.64 -17.41 15.09
C LEU D 94 -19.79 -16.40 15.21
N ARG D 95 -19.50 -15.18 15.65
CA ARG D 95 -20.54 -14.15 15.82
C ARG D 95 -21.37 -14.03 14.52
N ASN D 96 -20.74 -14.20 13.35
CA ASN D 96 -21.35 -13.93 12.04
C ASN D 96 -21.72 -15.21 11.33
N VAL D 97 -21.85 -16.33 12.02
CA VAL D 97 -22.06 -17.62 11.32
C VAL D 97 -23.49 -17.73 10.87
N GLY D 98 -24.41 -16.95 11.46
CA GLY D 98 -25.86 -17.10 11.20
C GLY D 98 -26.46 -16.12 10.19
N HIS D 99 -25.70 -15.43 9.37
CA HIS D 99 -26.29 -14.57 8.32
C HIS D 99 -26.95 -15.43 7.22
N GLY D 100 -28.05 -14.96 6.70
CA GLY D 100 -28.69 -15.47 5.49
C GLY D 100 -28.04 -14.88 4.25
N PRO D 101 -28.51 -15.28 3.06
CA PRO D 101 -28.09 -14.62 1.84
C PRO D 101 -28.46 -13.12 1.87
N PHE D 102 -27.60 -12.26 1.35
CA PHE D 102 -27.86 -10.81 1.28
C PHE D 102 -28.48 -10.35 2.63
N SER D 103 -27.76 -10.62 3.73
CA SER D 103 -28.25 -10.56 5.12
C SER D 103 -29.10 -9.29 5.39
N HIS D 104 -28.59 -8.11 5.07
CA HIS D 104 -29.31 -6.85 5.38
C HIS D 104 -30.68 -6.79 4.68
N LEU D 105 -30.83 -7.34 3.48
CA LEU D 105 -32.13 -7.47 2.78
C LEU D 105 -32.93 -8.59 3.42
N PHE D 106 -32.31 -9.74 3.61
CA PHE D 106 -32.95 -10.95 4.22
C PHE D 106 -33.58 -10.61 5.58
N ASP D 107 -32.86 -9.93 6.46
CA ASP D 107 -33.34 -9.59 7.82
C ASP D 107 -34.15 -8.27 7.81
N GLY D 108 -34.10 -7.49 6.72
CA GLY D 108 -34.75 -6.18 6.59
C GLY D 108 -36.06 -6.31 5.82
N GLU D 109 -36.11 -5.78 4.61
CA GLU D 109 -37.37 -5.70 3.82
C GLU D 109 -37.90 -7.09 3.55
N PHE D 110 -37.05 -8.11 3.26
CA PHE D 110 -37.60 -9.45 2.98
C PHE D 110 -38.33 -9.98 4.26
N ALA D 111 -37.69 -9.90 5.41
CA ALA D 111 -38.27 -10.38 6.69
C ALA D 111 -39.55 -9.59 6.96
N LYS D 112 -39.54 -8.26 6.79
CA LYS D 112 -40.72 -7.37 7.07
C LYS D 112 -41.90 -7.81 6.21
N ARG D 113 -41.73 -7.91 4.90
CA ARG D 113 -42.86 -8.31 4.00
C ARG D 113 -43.31 -9.74 4.31
N ASN D 114 -42.43 -10.58 4.85
CA ASN D 114 -42.67 -12.04 4.98
C ASN D 114 -43.11 -12.40 6.40
N GLY D 115 -43.01 -11.48 7.37
CA GLY D 115 -43.20 -11.77 8.80
C GLY D 115 -42.19 -12.79 9.34
N SER D 116 -40.95 -12.77 8.90
CA SER D 116 -39.88 -13.74 9.27
C SER D 116 -39.70 -13.68 10.79
N ARG D 117 -39.49 -14.85 11.40
CA ARG D 117 -39.38 -15.04 12.86
C ARG D 117 -37.98 -14.60 13.37
N PHE D 118 -36.91 -15.18 12.81
CA PHE D 118 -35.55 -15.05 13.38
C PHE D 118 -34.63 -14.22 12.47
N LYS D 119 -33.73 -13.48 13.11
CA LYS D 119 -32.67 -12.65 12.48
C LYS D 119 -31.30 -13.30 12.73
N HIS D 120 -30.24 -12.75 12.14
CA HIS D 120 -28.94 -13.45 12.07
C HIS D 120 -28.40 -13.72 13.48
N GLU D 121 -28.59 -12.82 14.45
CA GLU D 121 -28.00 -13.06 15.80
C GLU D 121 -28.65 -14.32 16.44
N ASP D 122 -29.93 -14.52 16.23
CA ASP D 122 -30.71 -15.71 16.71
C ASP D 122 -30.13 -16.97 16.07
N MET D 123 -29.91 -16.94 14.76
CA MET D 123 -29.43 -18.10 14.00
C MET D 123 -27.97 -18.36 14.43
N SER D 124 -27.16 -17.33 14.60
CA SER D 124 -25.74 -17.50 15.07
C SER D 124 -25.71 -18.37 16.35
N ILE D 125 -26.55 -18.02 17.32
CA ILE D 125 -26.59 -18.70 18.60
C ILE D 125 -27.00 -20.15 18.39
N LEU D 126 -27.99 -20.40 17.53
CA LEU D 126 -28.42 -21.78 17.25
C LEU D 126 -27.27 -22.57 16.61
N ILE D 127 -26.55 -21.96 15.68
CA ILE D 127 -25.48 -22.66 14.90
C ILE D 127 -24.28 -22.85 15.82
N ILE D 128 -24.03 -21.93 16.74
CA ILE D 128 -22.90 -22.07 17.70
C ILE D 128 -23.16 -23.32 18.57
N LYS D 129 -24.36 -23.48 19.07
CA LYS D 129 -24.72 -24.66 19.92
C LYS D 129 -24.58 -25.93 19.08
N LYS D 130 -25.04 -25.90 17.84
CA LYS D 130 -24.89 -27.07 16.92
C LYS D 130 -23.40 -27.43 16.72
N ILE D 131 -22.51 -26.47 16.39
CA ILE D 131 -21.07 -26.72 16.16
C ILE D 131 -20.40 -27.26 17.43
N MET D 132 -20.61 -26.62 18.56
CA MET D 132 -19.80 -26.95 19.77
C MET D 132 -20.23 -28.33 20.37
N ASN D 133 -21.41 -28.83 20.04
CA ASN D 133 -21.93 -30.14 20.51
C ASN D 133 -21.72 -31.25 19.45
N LYS D 134 -21.12 -30.94 18.30
CA LYS D 134 -20.67 -32.02 17.38
C LYS D 134 -19.64 -32.90 18.12
N PRO D 135 -19.78 -34.24 18.09
CA PRO D 135 -18.81 -35.10 18.78
C PRO D 135 -17.33 -34.87 18.40
N GLU D 136 -17.08 -34.58 17.12
CA GLU D 136 -15.68 -34.40 16.62
C GLU D 136 -15.16 -33.01 17.04
N ILE D 137 -16.02 -32.10 17.50
CA ILE D 137 -15.57 -30.79 18.01
C ILE D 137 -15.41 -30.90 19.53
N LYS D 138 -16.41 -31.47 20.22
CA LYS D 138 -16.34 -31.62 21.70
C LYS D 138 -15.07 -32.42 22.06
N SER D 139 -14.69 -33.43 21.27
CA SER D 139 -13.50 -34.25 21.64
C SER D 139 -12.23 -33.38 21.63
N GLU D 140 -12.21 -32.31 20.82
CA GLU D 140 -11.04 -31.42 20.65
C GLU D 140 -11.09 -30.30 21.69
N PHE D 141 -12.27 -29.82 22.10
CA PHE D 141 -12.39 -28.64 22.99
C PHE D 141 -12.57 -29.02 24.47
N ALA D 142 -12.92 -30.30 24.76
CA ALA D 142 -13.27 -30.71 26.14
C ALA D 142 -12.08 -30.44 27.10
N CYS D 143 -10.85 -30.61 26.65
CA CYS D 143 -9.66 -30.36 27.51
C CYS D 143 -9.53 -28.89 27.91
N ILE D 144 -10.11 -27.93 27.17
CA ILE D 144 -10.01 -26.48 27.50
C ILE D 144 -11.33 -26.00 28.14
N LEU D 145 -12.46 -26.41 27.58
CA LEU D 145 -13.77 -25.82 27.92
C LEU D 145 -14.46 -26.67 28.98
N GLY D 146 -13.97 -27.88 29.27
CA GLY D 146 -14.56 -28.65 30.39
C GLY D 146 -14.83 -30.10 30.03
N GLU D 147 -14.38 -31.00 30.92
CA GLU D 147 -14.46 -32.47 30.69
C GLU D 147 -15.78 -33.03 31.25
N THR D 148 -16.47 -32.29 32.10
CA THR D 148 -17.85 -32.64 32.51
C THR D 148 -18.84 -31.95 31.57
N ASP D 149 -20.01 -32.55 31.38
CA ASP D 149 -21.11 -32.00 30.58
C ASP D 149 -21.45 -30.62 31.14
N GLU D 150 -21.50 -30.47 32.47
CA GLU D 150 -21.93 -29.20 33.10
C GLU D 150 -20.92 -28.10 32.75
N GLU D 151 -19.62 -28.36 32.92
CA GLU D 151 -18.56 -27.36 32.62
C GLU D 151 -18.59 -26.99 31.12
N TYR D 152 -18.74 -27.98 30.25
CA TYR D 152 -18.72 -27.77 28.79
C TYR D 152 -19.92 -26.89 28.44
N ALA D 153 -21.09 -27.21 29.01
CA ALA D 153 -22.34 -26.46 28.77
C ALA D 153 -22.20 -25.00 29.23
N LYS D 154 -21.48 -24.77 30.34
CA LYS D 154 -21.27 -23.39 30.84
C LYS D 154 -20.37 -22.62 29.84
N SER D 155 -19.34 -23.25 29.32
CA SER D 155 -18.42 -22.63 28.32
C SER D 155 -19.22 -22.23 27.06
N VAL D 156 -20.02 -23.16 26.55
CA VAL D 156 -20.90 -22.88 25.38
C VAL D 156 -21.87 -21.73 25.71
N THR D 157 -22.48 -21.72 26.90
CA THR D 157 -23.35 -20.60 27.35
C THR D 157 -22.54 -19.29 27.32
N LEU D 158 -21.31 -19.26 27.80
CA LEU D 158 -20.51 -18.01 27.79
C LEU D 158 -20.30 -17.54 26.34
N ILE D 159 -19.94 -18.46 25.42
CA ILE D 159 -19.73 -18.11 24.00
C ILE D 159 -20.97 -17.41 23.46
N THR D 160 -22.15 -17.95 23.70
CA THR D 160 -23.41 -17.36 23.16
C THR D 160 -23.73 -16.05 23.88
N GLU D 161 -23.44 -15.93 25.16
CA GLU D 161 -23.73 -14.69 25.91
C GLU D 161 -22.82 -13.55 25.47
N LEU D 162 -21.58 -13.84 25.09
CA LEU D 162 -20.65 -12.78 24.63
C LEU D 162 -21.18 -12.16 23.35
N ILE D 163 -21.99 -12.88 22.61
CA ILE D 163 -22.67 -12.39 21.38
C ILE D 163 -24.00 -11.71 21.75
N SER D 164 -24.81 -12.26 22.65
CA SER D 164 -26.24 -11.83 22.77
C SER D 164 -26.47 -10.92 24.01
N GLY D 165 -25.60 -11.03 25.02
CA GLY D 165 -25.76 -10.32 26.29
C GLY D 165 -25.51 -8.82 26.19
N LYS D 166 -26.17 -8.10 27.07
CA LYS D 166 -26.07 -6.64 27.22
C LYS D 166 -25.94 -6.34 28.71
N PRO D 167 -24.82 -6.75 29.38
CA PRO D 167 -24.70 -6.64 30.83
C PRO D 167 -24.50 -5.22 31.40
N PHE D 168 -24.29 -4.20 30.57
CA PHE D 168 -24.00 -2.82 31.04
C PHE D 168 -25.16 -1.86 30.77
N ASP D 169 -26.22 -2.31 30.08
CA ASP D 169 -27.33 -1.42 29.63
C ASP D 169 -28.09 -0.91 30.87
N PHE D 170 -28.10 -1.65 31.97
CA PHE D 170 -28.74 -1.23 33.25
C PHE D 170 -28.10 0.07 33.76
N GLN D 171 -26.80 0.31 33.51
CA GLN D 171 -26.04 1.46 34.06
C GLN D 171 -26.65 2.79 33.60
N ASP D 172 -27.45 2.78 32.53
CA ASP D 172 -28.01 4.04 31.93
C ASP D 172 -29.48 4.24 32.33
N MET D 173 -30.13 3.22 32.91
CA MET D 173 -31.57 3.19 33.23
C MET D 173 -31.84 4.12 34.43
N ASP D 174 -33.10 4.50 34.63
CA ASP D 174 -33.59 5.20 35.86
C ASP D 174 -32.76 6.46 36.08
N GLY D 175 -32.40 6.74 37.32
CA GLY D 175 -31.28 7.62 37.69
C GLY D 175 -30.17 6.83 38.36
N PHE D 176 -29.86 5.62 37.84
CA PHE D 176 -28.88 4.70 38.44
C PHE D 176 -27.62 5.46 38.89
N LYS D 177 -27.14 6.41 38.09
CA LYS D 177 -25.81 7.06 38.35
C LYS D 177 -25.91 8.12 39.44
N ASP D 178 -27.12 8.53 39.86
CA ASP D 178 -27.29 9.45 41.02
C ASP D 178 -27.54 8.66 42.31
N LEU D 179 -27.59 7.33 42.21
CA LEU D 179 -27.89 6.44 43.37
C LEU D 179 -26.74 6.52 44.38
N PRO D 180 -27.00 6.25 45.68
CA PRO D 180 -25.93 6.12 46.67
C PRO D 180 -25.07 4.91 46.28
N ALA D 181 -23.74 5.08 46.24
CA ALA D 181 -22.79 4.09 45.70
C ALA D 181 -22.97 2.72 46.40
N ASP D 182 -23.30 2.69 47.69
CA ASP D 182 -23.59 1.43 48.44
C ASP D 182 -24.72 0.65 47.74
N VAL D 183 -25.86 1.31 47.58
CA VAL D 183 -27.05 0.74 46.88
C VAL D 183 -26.61 0.38 45.44
N ARG D 184 -25.77 1.20 44.81
CA ARG D 184 -25.28 0.96 43.43
C ARG D 184 -24.58 -0.41 43.39
N GLU D 185 -23.63 -0.62 44.30
CA GLU D 185 -22.88 -1.89 44.35
C GLU D 185 -23.87 -3.04 44.50
N GLU D 186 -24.85 -2.91 45.39
CA GLU D 186 -25.80 -4.03 45.62
C GLU D 186 -26.70 -4.22 44.36
N THR D 187 -27.11 -3.16 43.70
CA THR D 187 -27.89 -3.27 42.43
C THR D 187 -27.03 -4.02 41.40
N VAL D 188 -25.79 -3.58 41.18
CA VAL D 188 -24.86 -4.19 40.19
C VAL D 188 -24.72 -5.67 40.56
N LYS D 189 -24.62 -5.94 41.86
CA LYS D 189 -24.47 -7.32 42.38
C LYS D 189 -25.67 -8.18 41.94
N ASN D 190 -26.89 -7.63 42.04
CA ASN D 190 -28.14 -8.39 41.79
C ASN D 190 -28.57 -8.26 40.32
N GLU D 191 -28.07 -7.27 39.58
CA GLU D 191 -28.40 -7.17 38.14
C GLU D 191 -27.65 -8.25 37.34
N TRP D 192 -26.57 -8.86 37.86
CA TRP D 192 -25.69 -9.77 37.06
C TRP D 192 -26.44 -11.05 36.65
N ALA D 193 -26.95 -11.08 35.44
CA ALA D 193 -27.79 -12.17 34.88
C ALA D 193 -26.97 -13.10 33.93
N ILE D 194 -25.67 -12.85 33.73
CA ILE D 194 -24.78 -13.68 32.86
C ILE D 194 -24.52 -14.98 33.61
N ILE D 195 -24.67 -16.11 32.94
CA ILE D 195 -24.53 -17.49 33.53
C ILE D 195 -23.12 -18.00 33.26
N GLY D 196 -22.53 -17.70 32.08
CA GLY D 196 -21.27 -18.34 31.64
C GLY D 196 -20.05 -17.87 32.42
N CYS D 197 -20.13 -16.75 33.15
CA CYS D 197 -18.97 -16.23 33.92
C CYS D 197 -19.49 -15.26 35.01
N GLY D 198 -18.65 -14.95 35.99
CA GLY D 198 -18.97 -13.97 37.03
C GLY D 198 -18.62 -12.55 36.58
N PRO D 199 -19.04 -11.56 37.38
CA PRO D 199 -18.80 -10.15 37.07
C PRO D 199 -17.31 -9.81 37.01
N GLU D 200 -16.45 -10.61 37.64
CA GLU D 200 -14.99 -10.38 37.60
C GLU D 200 -14.45 -10.48 36.14
N LYS D 201 -15.23 -11.03 35.21
CA LYS D 201 -14.86 -11.18 33.77
C LYS D 201 -15.75 -10.29 32.89
N SER D 202 -16.40 -9.25 33.44
CA SER D 202 -17.33 -8.36 32.70
C SER D 202 -16.62 -7.75 31.47
N PHE D 203 -15.35 -7.42 31.59
CA PHE D 203 -14.56 -6.73 30.52
C PHE D 203 -14.57 -7.54 29.22
N LEU D 204 -14.84 -8.84 29.26
CA LEU D 204 -14.84 -9.69 28.02
C LEU D 204 -16.01 -9.27 27.14
N PHE D 205 -17.05 -8.68 27.73
CA PHE D 205 -18.28 -8.29 26.99
C PHE D 205 -17.99 -7.05 26.14
N ASP D 206 -16.87 -6.37 26.37
CA ASP D 206 -16.49 -5.23 25.48
C ASP D 206 -15.83 -5.74 24.18
N VAL D 207 -15.39 -6.99 24.10
CA VAL D 207 -14.50 -7.47 22.99
C VAL D 207 -15.28 -7.84 21.75
N VAL D 208 -16.33 -8.61 21.86
CA VAL D 208 -16.92 -9.34 20.73
C VAL D 208 -18.11 -8.61 20.16
N SER D 209 -19.07 -8.28 21.01
CA SER D 209 -20.33 -7.62 20.60
C SER D 209 -20.60 -6.53 21.63
N ASN D 210 -20.07 -5.32 21.39
CA ASN D 210 -20.04 -4.24 22.40
C ASN D 210 -21.34 -3.42 22.25
N SER D 211 -22.41 -3.77 22.96
CA SER D 211 -23.70 -3.02 22.90
C SER D 211 -23.60 -1.62 23.51
N TYR D 212 -22.64 -1.39 24.40
CA TYR D 212 -22.57 -0.13 25.17
C TYR D 212 -22.07 1.02 24.28
N ASN D 213 -21.03 0.82 23.48
CA ASN D 213 -20.46 1.91 22.65
C ASN D 213 -20.05 1.41 21.26
N GLY D 214 -20.18 0.12 20.93
CA GLY D 214 -19.90 -0.40 19.58
C GLY D 214 -18.41 -0.56 19.33
N HIS D 215 -17.54 -0.37 20.32
CA HIS D 215 -16.07 -0.51 20.12
C HIS D 215 -15.66 -1.98 20.31
N ASP D 216 -16.12 -2.87 19.44
CA ASP D 216 -15.72 -4.28 19.51
C ASP D 216 -14.76 -4.57 18.33
N VAL D 217 -14.13 -5.72 18.36
CA VAL D 217 -13.10 -6.10 17.34
C VAL D 217 -13.78 -6.43 16.02
N ASP D 218 -15.04 -6.83 16.03
CA ASP D 218 -15.85 -7.00 14.81
C ASP D 218 -15.92 -5.65 14.00
N LYS D 219 -16.22 -4.59 14.68
CA LYS D 219 -16.25 -3.20 14.11
C LYS D 219 -14.91 -2.82 13.59
N MET D 220 -13.84 -3.05 14.35
CA MET D 220 -12.49 -2.63 13.94
C MET D 220 -12.11 -3.39 12.68
N ASP D 221 -12.43 -4.67 12.60
CA ASP D 221 -12.06 -5.47 11.41
C ASP D 221 -12.84 -4.96 10.19
N TYR D 222 -14.16 -4.77 10.28
CA TYR D 222 -14.95 -4.48 9.05
C TYR D 222 -14.62 -3.06 8.55
N LEU D 223 -14.31 -2.12 9.44
CA LEU D 223 -13.94 -0.78 8.96
C LEU D 223 -12.66 -0.91 8.15
N LEU D 224 -11.63 -1.59 8.66
CA LEU D 224 -10.41 -1.71 7.88
C LEU D 224 -10.65 -2.46 6.57
N ARG D 225 -11.34 -3.58 6.66
CA ARG D 225 -11.51 -4.50 5.50
C ARG D 225 -12.39 -3.83 4.44
N ASP D 226 -13.47 -3.20 4.84
CA ASP D 226 -14.48 -2.63 3.91
C ASP D 226 -13.89 -1.34 3.29
N SER D 227 -13.08 -0.59 4.03
CA SER D 227 -12.36 0.57 3.48
C SER D 227 -11.39 0.08 2.38
N LYS D 228 -10.62 -0.96 2.66
CA LYS D 228 -9.63 -1.44 1.66
C LYS D 228 -10.37 -1.98 0.44
N ALA D 229 -11.44 -2.73 0.63
CA ALA D 229 -12.14 -3.37 -0.52
C ALA D 229 -12.84 -2.30 -1.39
N SER D 230 -13.37 -1.24 -0.77
CA SER D 230 -14.15 -0.18 -1.45
C SER D 230 -13.20 0.83 -2.07
N GLY D 231 -11.98 0.98 -1.56
CA GLY D 231 -11.07 2.10 -1.93
C GLY D 231 -11.56 3.42 -1.36
N VAL D 232 -12.47 3.42 -0.36
CA VAL D 232 -12.89 4.67 0.31
C VAL D 232 -12.03 4.86 1.57
N GLY D 233 -11.21 5.91 1.56
CA GLY D 233 -10.30 6.25 2.67
C GLY D 233 -11.06 6.64 3.95
N ILE D 234 -10.57 6.21 5.10
CA ILE D 234 -11.18 6.55 6.43
C ILE D 234 -9.99 6.90 7.35
N THR D 235 -10.24 7.51 8.50
CA THR D 235 -9.16 7.89 9.44
CA THR D 235 -9.18 7.89 9.45
C THR D 235 -8.69 6.69 10.28
N PHE D 236 -9.57 5.72 10.53
CA PHE D 236 -9.24 4.48 11.23
C PHE D 236 -8.44 3.59 10.30
N SER D 237 -7.14 3.45 10.56
CA SER D 237 -6.16 2.66 9.79
C SER D 237 -5.64 1.47 10.62
N GLU D 238 -4.91 0.58 9.94
CA GLU D 238 -4.25 -0.59 10.56
C GLU D 238 -3.33 -0.09 11.69
N SER D 239 -2.70 1.05 11.49
CA SER D 239 -1.76 1.67 12.47
C SER D 239 -2.53 2.23 13.67
N THR D 240 -3.70 2.79 13.42
CA THR D 240 -4.63 3.22 14.48
C THR D 240 -5.00 2.03 15.37
N LEU D 241 -5.30 0.91 14.75
CA LEU D 241 -5.69 -0.33 15.47
C LEU D 241 -4.52 -0.76 16.36
N GLU D 242 -3.32 -0.79 15.83
CA GLU D 242 -2.11 -1.18 16.60
C GLU D 242 -1.88 -0.18 17.75
N ARG D 243 -2.10 1.11 17.53
CA ARG D 243 -2.03 2.10 18.62
C ARG D 243 -3.00 1.73 19.75
N LEU D 244 -4.27 1.40 19.44
CA LEU D 244 -5.26 1.02 20.48
C LEU D 244 -4.77 -0.22 21.24
N PHE D 245 -4.27 -1.23 20.52
CA PHE D 245 -3.82 -2.49 21.13
C PHE D 245 -2.57 -2.25 21.98
N ASN D 246 -1.77 -1.26 21.70
CA ASN D 246 -0.58 -0.92 22.52
C ASN D 246 -0.95 0.01 23.70
N HIS D 247 -2.20 0.45 23.81
CA HIS D 247 -2.63 1.42 24.86
C HIS D 247 -3.96 1.01 25.47
N VAL D 248 -4.14 -0.27 25.74
CA VAL D 248 -5.41 -0.84 26.22
C VAL D 248 -5.17 -1.47 27.58
N ARG D 249 -6.11 -1.29 28.50
CA ARG D 249 -6.06 -1.91 29.85
C ARG D 249 -7.49 -2.16 30.32
N VAL D 250 -7.62 -3.06 31.28
CA VAL D 250 -8.89 -3.23 32.03
C VAL D 250 -8.84 -2.37 33.25
N VAL D 251 -9.85 -1.56 33.46
CA VAL D 251 -9.96 -0.65 34.63
C VAL D 251 -11.36 -0.82 35.25
N ILE D 252 -11.56 -0.19 36.40
CA ILE D 252 -12.87 -0.11 37.09
C ILE D 252 -13.68 1.05 36.48
N ASP D 253 -14.92 0.78 36.07
CA ASP D 253 -15.93 1.78 35.63
C ASP D 253 -16.30 2.63 36.85
N PRO D 254 -16.11 3.96 36.86
CA PRO D 254 -16.42 4.81 38.02
C PRO D 254 -17.92 4.88 38.32
N ASN D 255 -18.79 4.40 37.43
CA ASN D 255 -20.27 4.46 37.56
C ASN D 255 -20.87 3.15 38.05
N SER D 256 -20.23 2.00 37.81
CA SER D 256 -20.79 0.68 38.16
C SER D 256 -19.87 -0.11 39.08
N GLY D 257 -18.58 0.21 39.13
CA GLY D 257 -17.60 -0.66 39.79
C GLY D 257 -17.20 -1.90 38.97
N LEU D 258 -17.78 -2.14 37.80
CA LEU D 258 -17.40 -3.30 36.95
C LEU D 258 -16.12 -3.04 36.14
N LYS D 259 -15.40 -4.10 35.86
CA LYS D 259 -14.16 -4.08 35.04
C LYS D 259 -14.57 -3.85 33.58
N ARG D 260 -13.88 -2.92 32.91
CA ARG D 260 -14.17 -2.53 31.53
C ARG D 260 -12.84 -2.35 30.77
N ILE D 261 -12.87 -2.59 29.47
CA ILE D 261 -11.76 -2.25 28.57
C ILE D 261 -11.65 -0.72 28.45
N ALA D 262 -10.46 -0.17 28.73
CA ALA D 262 -10.20 1.26 28.55
C ALA D 262 -9.00 1.47 27.66
N TYR D 263 -8.91 2.66 27.09
CA TYR D 263 -7.78 3.10 26.25
C TYR D 263 -7.09 4.29 26.90
N SER D 264 -5.81 4.45 26.64
CA SER D 264 -5.09 5.67 27.10
C SER D 264 -5.83 6.90 26.55
N ILE D 265 -5.97 7.94 27.38
CA ILE D 265 -6.63 9.20 26.97
C ILE D 265 -5.85 9.81 25.79
N LYS D 266 -4.59 9.47 25.59
CA LYS D 266 -3.86 10.00 24.40
C LYS D 266 -4.45 9.43 23.12
N CYS D 267 -5.26 8.36 23.16
CA CYS D 267 -5.92 7.72 21.99
C CYS D 267 -7.39 8.16 21.78
N ILE D 268 -7.90 9.17 22.49
CA ILE D 268 -9.32 9.55 22.33
C ILE D 268 -9.63 9.85 20.86
N GLY D 269 -8.79 10.59 20.15
CA GLY D 269 -9.04 10.86 18.70
C GLY D 269 -9.10 9.58 17.86
N ASP D 270 -8.28 8.59 18.19
CA ASP D 270 -8.17 7.29 17.51
C ASP D 270 -9.49 6.52 17.76
N LEU D 271 -10.08 6.64 18.96
CA LEU D 271 -11.40 6.00 19.24
C LEU D 271 -12.51 6.74 18.51
N LYS D 272 -12.48 8.07 18.51
CA LYS D 272 -13.54 8.86 17.82
C LYS D 272 -13.61 8.45 16.30
N ALA D 273 -12.46 8.10 15.71
CA ALA D 273 -12.35 7.72 14.30
C ALA D 273 -13.22 6.49 14.00
N ILE D 274 -13.51 5.65 14.98
CA ILE D 274 -14.28 4.41 14.72
C ILE D 274 -15.70 4.80 14.32
N GLY D 275 -16.42 5.56 15.16
CA GLY D 275 -17.78 6.01 14.83
C GLY D 275 -17.84 6.90 13.58
N ASP D 276 -16.91 7.81 13.42
CA ASP D 276 -16.89 8.70 12.23
C ASP D 276 -16.69 7.84 10.96
N SER D 277 -15.82 6.82 11.01
CA SER D 277 -15.52 5.95 9.85
C SER D 277 -16.75 5.09 9.52
N ARG D 278 -17.48 4.67 10.56
CA ARG D 278 -18.72 3.90 10.32
C ARG D 278 -19.71 4.76 9.50
N GLN D 279 -19.99 5.98 9.95
CA GLN D 279 -20.95 6.87 9.24
C GLN D 279 -20.47 7.12 7.80
N GLU D 280 -19.18 7.40 7.61
CA GLU D 280 -18.60 7.64 6.25
C GLU D 280 -18.84 6.41 5.35
N LEU D 281 -18.59 5.20 5.81
CA LEU D 281 -18.75 4.02 4.93
C LEU D 281 -20.23 3.76 4.68
N HIS D 282 -21.13 4.08 5.63
CA HIS D 282 -22.58 4.00 5.36
C HIS D 282 -22.97 4.98 4.26
N SER D 283 -22.49 6.22 4.30
CA SER D 283 -22.89 7.29 3.37
C SER D 283 -22.33 6.99 1.99
N LYS D 284 -21.05 6.60 1.93
CA LYS D 284 -20.37 6.46 0.64
C LYS D 284 -20.58 5.06 0.05
N VAL D 285 -20.66 4.01 0.89
CA VAL D 285 -20.57 2.63 0.39
C VAL D 285 -21.89 1.89 0.65
N TYR D 286 -22.16 1.55 1.89
CA TYR D 286 -23.25 0.60 2.20
C TYR D 286 -24.60 1.12 1.76
N GLN D 287 -24.86 2.42 1.89
CA GLN D 287 -26.15 3.02 1.48
C GLN D 287 -25.91 3.97 0.31
N HIS D 288 -24.94 3.66 -0.56
CA HIS D 288 -24.88 4.27 -1.91
C HIS D 288 -26.26 4.20 -2.57
N LYS D 289 -26.70 5.29 -3.19
CA LYS D 289 -28.08 5.37 -3.74
C LYS D 289 -28.33 4.40 -4.85
N ALA D 290 -27.35 4.09 -5.72
CA ALA D 290 -27.55 3.06 -6.77
C ALA D 290 -27.64 1.65 -6.14
N VAL D 291 -26.90 1.37 -5.08
CA VAL D 291 -27.06 0.07 -4.34
C VAL D 291 -28.51 0.01 -3.83
N ARG D 292 -29.02 1.08 -3.22
CA ARG D 292 -30.42 1.06 -2.70
C ARG D 292 -31.44 0.80 -3.81
N PHE D 293 -31.25 1.39 -4.99
CA PHE D 293 -32.15 1.13 -6.14
C PHE D 293 -32.12 -0.37 -6.46
N MET D 294 -30.92 -0.99 -6.57
CA MET D 294 -30.85 -2.41 -6.95
C MET D 294 -31.37 -3.28 -5.79
N GLU D 295 -31.22 -2.88 -4.53
CA GLU D 295 -31.84 -3.64 -3.40
C GLU D 295 -33.35 -3.80 -3.60
N THR D 296 -34.06 -2.79 -4.08
CA THR D 296 -35.56 -2.86 -4.23
C THR D 296 -35.88 -3.97 -5.24
N LEU D 297 -35.08 -4.10 -6.29
CA LEU D 297 -35.32 -5.16 -7.32
C LEU D 297 -35.03 -6.54 -6.70
N MET D 298 -33.92 -6.68 -5.98
CA MET D 298 -33.53 -7.96 -5.36
C MET D 298 -34.60 -8.40 -4.33
N VAL D 299 -35.07 -7.49 -3.47
CA VAL D 299 -36.11 -7.86 -2.47
C VAL D 299 -37.38 -8.34 -3.20
N ASP D 300 -37.84 -7.64 -4.21
CA ASP D 300 -39.03 -8.05 -5.01
C ASP D 300 -38.82 -9.47 -5.56
N ALA D 301 -37.64 -9.76 -6.11
CA ALA D 301 -37.35 -11.11 -6.69
C ALA D 301 -37.42 -12.15 -5.55
N LEU D 302 -36.80 -11.88 -4.42
CA LEU D 302 -36.76 -12.87 -3.30
C LEU D 302 -38.19 -13.11 -2.81
N ILE D 303 -39.00 -12.06 -2.69
CA ILE D 303 -40.41 -12.21 -2.21
C ILE D 303 -41.18 -13.04 -3.23
N ASN D 304 -41.01 -12.74 -4.52
CA ASN D 304 -41.79 -13.44 -5.57
C ASN D 304 -41.34 -14.88 -5.72
N ALA D 305 -40.05 -15.17 -5.57
CA ALA D 305 -39.51 -16.52 -5.77
C ALA D 305 -39.61 -17.37 -4.49
N GLY D 306 -39.80 -16.73 -3.36
CA GLY D 306 -39.57 -17.31 -2.03
C GLY D 306 -40.32 -18.61 -1.76
N ASP D 307 -41.58 -18.72 -2.17
CA ASP D 307 -42.44 -19.92 -1.97
C ASP D 307 -41.92 -21.09 -2.82
N PHE D 308 -41.27 -20.84 -3.94
CA PHE D 308 -40.91 -21.89 -4.91
C PHE D 308 -39.55 -22.50 -4.59
N LEU D 309 -38.65 -21.75 -3.95
CA LEU D 309 -37.29 -22.26 -3.65
C LEU D 309 -37.35 -23.05 -2.32
N LYS D 310 -36.90 -24.31 -2.35
CA LYS D 310 -37.05 -25.25 -1.20
C LYS D 310 -35.70 -25.81 -0.78
N TYR D 311 -35.51 -25.99 0.52
CA TYR D 311 -34.25 -26.47 1.15
C TYR D 311 -34.60 -27.58 2.15
N LYS D 312 -33.85 -28.67 2.07
CA LYS D 312 -34.11 -29.87 2.91
C LYS D 312 -33.65 -29.59 4.35
N GLY D 313 -34.54 -29.76 5.32
CA GLY D 313 -34.24 -29.55 6.75
C GLY D 313 -34.07 -30.87 7.49
N SER D 314 -34.03 -30.80 8.81
CA SER D 314 -33.86 -32.00 9.67
C SER D 314 -35.05 -32.94 9.43
N ASN D 315 -34.78 -34.23 9.25
CA ASN D 315 -35.85 -35.23 9.03
C ASN D 315 -36.37 -35.14 7.59
N GLY D 316 -35.62 -34.53 6.67
CA GLY D 316 -35.92 -34.56 5.23
C GLY D 316 -37.14 -33.74 4.80
N GLU D 317 -37.72 -32.91 5.66
CA GLU D 317 -38.83 -31.98 5.27
C GLU D 317 -38.24 -30.80 4.46
N LEU D 318 -38.97 -30.32 3.45
CA LEU D 318 -38.56 -29.18 2.58
C LEU D 318 -39.07 -27.87 3.19
N TYR D 319 -38.21 -26.87 3.36
CA TYR D 319 -38.60 -25.52 3.83
C TYR D 319 -38.43 -24.55 2.67
N SER D 320 -39.38 -23.64 2.49
CA SER D 320 -39.24 -22.55 1.47
C SER D 320 -38.26 -21.51 1.98
N LEU D 321 -37.72 -20.68 1.06
CA LEU D 321 -36.83 -19.56 1.45
C LEU D 321 -37.57 -18.69 2.50
N LYS D 322 -38.88 -18.55 2.39
CA LYS D 322 -39.68 -17.72 3.37
C LYS D 322 -39.81 -18.37 4.75
N ASN D 323 -39.54 -19.66 4.91
CA ASN D 323 -39.64 -20.35 6.22
C ASN D 323 -38.27 -20.90 6.69
N VAL D 324 -37.15 -20.69 5.97
CA VAL D 324 -35.91 -21.47 6.24
C VAL D 324 -35.42 -21.18 7.65
N THR D 325 -35.70 -20.01 8.23
CA THR D 325 -35.20 -19.65 9.57
C THR D 325 -35.84 -20.55 10.64
N GLU D 326 -36.87 -21.31 10.30
CA GLU D 326 -37.56 -22.23 11.24
C GLU D 326 -36.79 -23.54 11.38
N ASP D 327 -35.74 -23.79 10.59
CA ASP D 327 -34.98 -25.06 10.72
C ASP D 327 -33.50 -24.79 10.37
N VAL D 328 -32.63 -24.98 11.36
CA VAL D 328 -31.19 -24.62 11.22
C VAL D 328 -30.60 -25.40 10.04
N ASP D 329 -30.95 -26.66 9.84
CA ASP D 329 -30.38 -27.50 8.74
C ASP D 329 -30.76 -26.91 7.37
N ALA D 330 -32.01 -26.48 7.22
CA ALA D 330 -32.49 -25.94 5.93
C ALA D 330 -31.80 -24.58 5.69
N PHE D 331 -31.72 -23.75 6.73
CA PHE D 331 -31.07 -22.42 6.70
C PHE D 331 -29.63 -22.55 6.17
N LEU D 332 -28.91 -23.61 6.59
CA LEU D 332 -27.48 -23.82 6.26
C LEU D 332 -27.29 -24.16 4.79
N LYS D 333 -28.35 -24.47 4.06
CA LYS D 333 -28.23 -24.72 2.61
C LYS D 333 -28.33 -23.42 1.83
N THR D 334 -28.67 -22.29 2.46
CA THR D 334 -28.84 -21.01 1.74
C THR D 334 -27.49 -20.32 1.57
N THR D 335 -27.28 -19.71 0.42
CA THR D 335 -26.14 -18.81 0.15
C THR D 335 -26.59 -17.71 -0.82
N ASP D 336 -25.64 -16.87 -1.23
CA ASP D 336 -25.88 -15.81 -2.23
C ASP D 336 -26.20 -16.48 -3.59
N TYR D 337 -25.97 -17.77 -3.74
CA TYR D 337 -26.36 -18.47 -4.99
CA TYR D 337 -26.40 -18.74 -4.82
C TYR D 337 -27.90 -18.56 -5.12
N VAL D 338 -28.67 -18.14 -4.11
CA VAL D 338 -30.15 -17.98 -4.27
C VAL D 338 -30.45 -17.17 -5.57
N GLU D 339 -29.68 -16.13 -5.88
CA GLU D 339 -29.87 -15.32 -7.10
C GLU D 339 -29.81 -16.24 -8.35
N GLN D 340 -28.83 -17.13 -8.41
CA GLN D 340 -28.69 -18.03 -9.57
C GLN D 340 -29.81 -19.09 -9.58
N GLU D 341 -30.23 -19.56 -8.42
CA GLU D 341 -31.39 -20.48 -8.28
C GLU D 341 -32.63 -19.88 -8.94
N ILE D 342 -32.91 -18.61 -8.68
CA ILE D 342 -34.03 -17.89 -9.33
C ILE D 342 -33.78 -17.84 -10.84
N LEU D 343 -32.64 -17.31 -11.26
CA LEU D 343 -32.34 -17.12 -12.71
C LEU D 343 -32.49 -18.45 -13.47
N ASN D 344 -32.08 -19.58 -12.92
CA ASN D 344 -32.04 -20.88 -13.59
C ASN D 344 -33.32 -21.71 -13.34
N SER D 345 -34.26 -21.24 -12.53
CA SER D 345 -35.50 -21.99 -12.21
C SER D 345 -36.24 -22.35 -13.51
N GLN D 346 -36.77 -23.57 -13.58
CA GLN D 346 -37.61 -24.02 -14.70
C GLN D 346 -39.09 -23.88 -14.34
N ILE D 347 -39.41 -23.33 -13.17
CA ILE D 347 -40.82 -23.01 -12.79
C ILE D 347 -41.34 -21.84 -13.67
N THR D 348 -42.52 -22.00 -14.26
CA THR D 348 -43.12 -21.03 -15.21
C THR D 348 -44.31 -20.32 -14.56
N ASP D 349 -44.60 -20.56 -13.29
CA ASP D 349 -45.57 -19.74 -12.52
C ASP D 349 -45.25 -18.25 -12.75
N PRO D 350 -46.29 -17.42 -13.02
CA PRO D 350 -46.07 -15.99 -13.25
C PRO D 350 -45.21 -15.28 -12.18
N LYS D 351 -45.29 -15.71 -10.91
CA LYS D 351 -44.52 -15.06 -9.82
C LYS D 351 -43.03 -15.33 -9.99
N MET D 352 -42.66 -16.54 -10.42
CA MET D 352 -41.25 -16.89 -10.71
C MET D 352 -40.77 -16.04 -11.89
N ILE D 353 -41.63 -15.85 -12.88
CA ILE D 353 -41.28 -15.05 -14.09
C ILE D 353 -41.07 -13.60 -13.68
N GLU D 354 -41.88 -13.08 -12.75
CA GLU D 354 -41.70 -11.73 -12.19
C GLU D 354 -40.33 -11.62 -11.46
N ALA D 355 -39.95 -12.62 -10.68
CA ALA D 355 -38.67 -12.62 -9.95
C ALA D 355 -37.52 -12.59 -10.97
N GLN D 356 -37.61 -13.40 -12.02
CA GLN D 356 -36.56 -13.47 -13.08
C GLN D 356 -36.47 -12.14 -13.81
N THR D 357 -37.62 -11.50 -14.07
CA THR D 357 -37.67 -10.19 -14.74
C THR D 357 -36.90 -9.14 -13.90
N ALA D 358 -37.09 -9.13 -12.60
CA ALA D 358 -36.47 -8.18 -11.69
C ALA D 358 -34.96 -8.39 -11.66
N LEU D 359 -34.51 -9.64 -11.60
CA LEU D 359 -33.06 -9.92 -11.57
C LEU D 359 -32.43 -9.55 -12.90
N LEU D 360 -33.14 -9.74 -14.02
CA LEU D 360 -32.61 -9.39 -15.38
C LEU D 360 -32.52 -7.88 -15.50
N LYS D 361 -33.39 -7.11 -14.86
CA LYS D 361 -33.28 -5.63 -14.81
C LYS D 361 -31.98 -5.20 -14.14
N ILE D 362 -31.59 -5.86 -13.05
CA ILE D 362 -30.32 -5.55 -12.35
C ILE D 362 -29.18 -5.81 -13.36
N GLN D 363 -29.16 -6.96 -14.00
CA GLN D 363 -28.04 -7.33 -14.91
C GLN D 363 -27.94 -6.37 -16.09
N ARG D 364 -29.06 -5.86 -16.64
CA ARG D 364 -29.02 -4.96 -17.79
C ARG D 364 -28.93 -3.50 -17.30
N ARG D 365 -28.88 -3.26 -16.00
CA ARG D 365 -28.72 -1.90 -15.43
C ARG D 365 -29.97 -1.08 -15.77
N GLU D 366 -31.12 -1.74 -15.76
CA GLU D 366 -32.44 -1.09 -15.99
C GLU D 366 -32.98 -0.71 -14.62
N ILE D 367 -32.30 0.22 -13.99
CA ILE D 367 -32.54 0.61 -12.58
C ILE D 367 -33.18 2.00 -12.57
N GLY D 368 -33.78 2.40 -11.48
CA GLY D 368 -34.41 3.73 -11.41
C GLY D 368 -33.41 4.86 -11.68
N CYS D 369 -33.94 6.01 -12.12
CA CYS D 369 -33.23 7.26 -12.38
C CYS D 369 -33.24 8.07 -11.07
N LYS D 370 -32.12 8.64 -10.67
CA LYS D 370 -31.99 9.57 -9.53
C LYS D 370 -32.75 10.85 -9.86
N LEU D 371 -33.68 11.28 -9.00
CA LEU D 371 -34.45 12.50 -9.24
C LEU D 371 -34.28 13.42 -8.02
N GLY D 372 -33.07 13.50 -7.47
CA GLY D 372 -32.71 14.42 -6.39
C GLY D 372 -32.52 13.74 -5.04
N TYR D 373 -31.82 14.43 -4.15
CA TYR D 373 -31.60 14.01 -2.76
C TYR D 373 -31.23 15.22 -1.91
N PHE D 374 -31.44 15.09 -0.61
CA PHE D 374 -30.98 16.06 0.38
C PHE D 374 -30.66 15.29 1.66
N GLU D 375 -29.85 15.93 2.48
CA GLU D 375 -29.52 15.44 3.84
C GLU D 375 -30.33 16.28 4.83
N MET D 376 -30.73 15.68 5.94
CA MET D 376 -31.43 16.43 7.00
C MET D 376 -31.06 15.93 8.40
N ASN D 377 -31.22 16.83 9.34
CA ASN D 377 -31.15 16.58 10.80
C ASN D 377 -32.41 15.83 11.18
N PRO D 378 -32.30 14.66 11.81
CA PRO D 378 -33.47 13.87 12.23
C PRO D 378 -34.43 14.70 13.10
N GLU D 379 -33.90 15.67 13.86
CA GLU D 379 -34.71 16.55 14.75
C GLU D 379 -35.75 17.33 13.95
N ASN D 380 -35.52 17.59 12.65
CA ASN D 380 -36.38 18.45 11.80
C ASN D 380 -37.56 17.64 11.24
N ALA D 381 -37.75 16.42 11.70
CA ALA D 381 -38.84 15.54 11.22
C ALA D 381 -40.19 16.02 11.77
N THR D 382 -40.18 16.67 12.94
CA THR D 382 -41.37 17.26 13.58
C THR D 382 -41.04 18.67 14.07
N GLN D 383 -42.09 19.47 14.29
CA GLN D 383 -41.98 20.89 14.72
C GLN D 383 -41.86 20.92 16.24
N LEU D 384 -42.21 19.82 16.91
CA LEU D 384 -42.10 19.73 18.39
C LEU D 384 -40.75 19.05 18.72
N LYS D 385 -40.32 19.12 19.98
CA LYS D 385 -39.04 18.52 20.44
C LYS D 385 -39.35 17.17 21.07
N GLY D 393 -40.07 10.01 12.94
CA GLY D 393 -40.98 9.96 11.78
C GLY D 393 -40.24 10.15 10.46
N ALA D 394 -39.34 9.25 10.12
CA ALA D 394 -38.75 9.11 8.75
C ALA D 394 -39.87 8.79 7.74
N ALA D 395 -40.80 7.87 8.06
CA ALA D 395 -41.93 7.52 7.15
C ALA D 395 -42.79 8.75 6.84
N GLU D 396 -43.01 9.65 7.80
CA GLU D 396 -43.83 10.87 7.65
C GLU D 396 -43.10 11.86 6.73
N VAL D 397 -41.78 12.04 6.97
CA VAL D 397 -40.92 12.85 6.06
C VAL D 397 -41.13 12.32 4.64
N VAL D 398 -40.97 11.02 4.44
CA VAL D 398 -41.06 10.41 3.08
C VAL D 398 -42.45 10.71 2.48
N LYS D 399 -43.53 10.53 3.25
CA LYS D 399 -44.92 10.80 2.78
C LYS D 399 -45.11 12.28 2.48
N LYS D 400 -44.66 13.18 3.36
CA LYS D 400 -44.83 14.64 3.12
C LYS D 400 -44.03 15.10 1.91
N VAL D 401 -42.76 14.66 1.80
CA VAL D 401 -41.94 15.07 0.61
C VAL D 401 -42.67 14.65 -0.68
N GLY D 402 -43.12 13.40 -0.75
CA GLY D 402 -43.77 12.87 -1.96
C GLY D 402 -45.06 13.60 -2.33
N GLN D 403 -45.86 13.97 -1.33
CA GLN D 403 -47.14 14.73 -1.51
C GLN D 403 -46.84 16.16 -1.95
N LYS D 404 -45.90 16.85 -1.33
CA LYS D 404 -45.53 18.23 -1.72
C LYS D 404 -44.92 18.27 -3.13
N MET D 405 -44.08 17.29 -3.46
CA MET D 405 -43.48 17.22 -4.82
C MET D 405 -44.62 17.09 -5.85
N LYS D 406 -45.58 16.22 -5.59
CA LYS D 406 -46.74 15.98 -6.51
C LYS D 406 -47.47 17.31 -6.78
N GLU D 407 -47.81 18.05 -5.72
CA GLU D 407 -48.47 19.39 -5.85
C GLU D 407 -47.57 20.34 -6.65
N ILE D 408 -46.25 20.34 -6.40
CA ILE D 408 -45.34 21.31 -7.07
C ILE D 408 -45.28 20.98 -8.56
N LEU D 409 -45.23 19.68 -8.88
CA LEU D 409 -45.14 19.21 -10.30
C LEU D 409 -46.45 19.57 -11.05
N GLU D 410 -47.61 19.43 -10.42
CA GLU D 410 -48.95 19.88 -10.97
C GLU D 410 -48.91 21.38 -11.36
N GLN D 411 -48.48 22.25 -10.46
CA GLN D 411 -48.30 23.71 -10.70
C GLN D 411 -47.28 23.94 -11.83
N MET D 412 -46.18 23.18 -11.86
CA MET D 412 -45.17 23.36 -12.92
C MET D 412 -45.83 22.93 -14.24
N ASP D 413 -46.62 21.84 -14.19
CA ASP D 413 -47.18 21.20 -15.41
C ASP D 413 -48.16 22.18 -16.08
N ASP D 414 -49.00 22.85 -15.29
CA ASP D 414 -50.06 23.76 -15.78
C ASP D 414 -49.42 25.09 -16.20
N THR D 415 -48.59 25.71 -15.35
CA THR D 415 -47.87 26.97 -15.65
C THR D 415 -47.05 26.87 -16.94
N GLU D 416 -46.38 25.74 -17.23
CA GLU D 416 -45.48 25.62 -18.41
C GLU D 416 -46.18 24.88 -19.56
N GLU D 417 -47.45 24.48 -19.36
CA GLU D 417 -48.34 23.86 -20.40
C GLU D 417 -47.65 22.63 -20.98
N MET D 418 -47.44 21.61 -20.14
CA MET D 418 -46.71 20.37 -20.50
C MET D 418 -47.70 19.21 -20.63
N ASP D 419 -49.01 19.50 -20.62
CA ASP D 419 -50.08 18.53 -20.97
C ASP D 419 -49.95 17.25 -20.15
N GLY D 420 -49.62 17.36 -18.87
CA GLY D 420 -49.56 16.21 -17.94
C GLY D 420 -48.27 15.39 -18.06
N LYS D 421 -47.28 15.82 -18.83
CA LYS D 421 -45.98 15.09 -18.98
C LYS D 421 -45.23 15.12 -17.64
N LEU D 422 -45.36 16.18 -16.82
CA LEU D 422 -44.78 16.26 -15.45
C LEU D 422 -45.64 15.48 -14.45
N LYS D 423 -46.94 15.72 -14.46
CA LYS D 423 -47.93 15.07 -13.54
C LYS D 423 -47.95 13.55 -13.72
N ASP D 424 -47.60 13.05 -14.88
CA ASP D 424 -47.62 11.59 -15.17
C ASP D 424 -46.34 10.90 -14.63
N ILE D 425 -45.31 11.64 -14.20
CA ILE D 425 -44.02 10.99 -13.79
C ILE D 425 -44.24 10.12 -12.52
N GLN D 426 -43.89 8.86 -12.59
CA GLN D 426 -43.87 7.91 -11.45
C GLN D 426 -42.52 8.06 -10.72
N PHE D 427 -42.58 8.25 -9.40
CA PHE D 427 -41.38 8.28 -8.51
C PHE D 427 -41.73 7.78 -7.13
N THR D 428 -40.71 7.35 -6.41
CA THR D 428 -40.78 6.88 -5.02
C THR D 428 -39.72 7.66 -4.21
N VAL D 429 -40.07 8.08 -3.02
CA VAL D 429 -39.20 8.80 -2.08
C VAL D 429 -38.71 7.76 -1.08
N MET D 430 -37.42 7.74 -0.80
CA MET D 430 -36.80 6.81 0.18
C MET D 430 -35.91 7.57 1.13
N HIS D 431 -35.54 6.94 2.23
CA HIS D 431 -34.60 7.51 3.21
C HIS D 431 -33.52 6.50 3.57
N SER D 432 -32.38 7.00 3.98
CA SER D 432 -31.28 6.24 4.59
C SER D 432 -30.95 6.91 5.92
N VAL D 433 -30.74 6.13 6.95
CA VAL D 433 -30.20 6.51 8.27
C VAL D 433 -28.70 6.39 8.23
N LEU D 434 -27.98 7.50 8.34
CA LEU D 434 -26.49 7.53 8.31
C LEU D 434 -25.97 7.94 9.70
N GLY D 435 -25.71 6.94 10.56
CA GLY D 435 -25.32 7.18 11.97
C GLY D 435 -24.01 6.53 12.36
N ARG D 436 -23.61 6.71 13.61
CA ARG D 436 -22.31 6.27 14.16
C ARG D 436 -22.50 5.02 15.03
N GLY D 437 -23.71 4.54 15.15
CA GLY D 437 -23.96 3.19 15.71
C GLY D 437 -24.80 3.16 16.97
N LEU D 438 -24.96 4.26 17.66
CA LEU D 438 -25.76 4.30 18.92
C LEU D 438 -27.09 5.03 18.64
N ASP D 439 -27.40 6.09 19.37
CA ASP D 439 -28.66 6.86 19.15
C ASP D 439 -28.30 8.10 18.32
N ASP D 440 -29.33 8.78 17.85
CA ASP D 440 -29.23 9.95 16.95
C ASP D 440 -28.39 11.04 17.62
N LYS D 441 -28.39 11.09 18.95
CA LYS D 441 -27.84 12.23 19.70
C LYS D 441 -26.46 11.88 20.29
N THR D 442 -26.05 10.61 20.38
CA THR D 442 -24.86 10.25 21.18
C THR D 442 -23.74 9.73 20.29
N HIS D 443 -22.60 10.39 20.35
CA HIS D 443 -21.34 9.91 19.74
C HIS D 443 -20.79 8.77 20.60
N PRO D 444 -20.47 7.62 19.98
CA PRO D 444 -19.93 6.48 20.73
C PRO D 444 -18.76 6.81 21.68
N ILE D 445 -17.92 7.74 21.26
CA ILE D 445 -16.72 8.13 22.04
C ILE D 445 -17.14 8.64 23.41
N GLU D 446 -18.29 9.32 23.51
CA GLU D 446 -18.78 9.84 24.81
C GLU D 446 -18.99 8.68 25.80
N ARG D 447 -19.23 7.47 25.31
CA ARG D 447 -19.53 6.29 26.16
C ARG D 447 -18.34 5.31 26.22
N GLN D 448 -17.13 5.79 25.93
CA GLN D 448 -15.90 4.95 26.04
C GLN D 448 -15.15 5.42 27.27
N ILE D 449 -14.74 4.50 28.11
CA ILE D 449 -13.87 4.81 29.28
C ILE D 449 -12.40 4.89 28.83
N PHE D 450 -11.65 5.81 29.43
CA PHE D 450 -10.23 6.06 29.19
C PHE D 450 -9.48 6.05 30.51
N TYR D 451 -8.15 5.93 30.44
CA TYR D 451 -7.31 6.05 31.65
C TYR D 451 -6.24 7.09 31.38
N ASP D 452 -5.70 7.59 32.47
CA ASP D 452 -4.61 8.58 32.51
C ASP D 452 -3.28 7.91 32.82
N GLY D 453 -2.17 8.55 32.42
CA GLY D 453 -0.80 8.15 32.79
C GLY D 453 -0.41 6.83 32.15
N LYS D 454 0.65 6.22 32.70
CA LYS D 454 1.19 4.91 32.24
C LYS D 454 1.16 3.93 33.41
N PRO D 455 -0.02 3.41 33.78
CA PRO D 455 -0.13 2.53 34.95
C PRO D 455 0.69 1.25 34.76
N SER D 456 1.17 0.69 35.88
CA SER D 456 1.83 -0.64 35.98
C SER D 456 1.41 -1.31 37.30
N VAL D 463 -6.10 2.73 37.20
CA VAL D 463 -6.96 1.74 37.92
C VAL D 463 -8.44 2.17 37.89
N VAL D 464 -8.82 3.43 38.14
CA VAL D 464 -10.23 3.89 37.89
C VAL D 464 -10.24 4.74 36.60
N GLY D 465 -11.10 4.38 35.67
CA GLY D 465 -11.22 5.05 34.36
C GLY D 465 -12.15 6.24 34.46
N PHE D 466 -12.28 6.98 33.37
CA PHE D 466 -13.18 8.15 33.29
C PHE D 466 -13.73 8.21 31.86
N TYR D 467 -14.89 8.83 31.73
CA TYR D 467 -15.54 9.16 30.45
C TYR D 467 -15.08 10.54 30.03
N PRO D 468 -15.11 10.87 28.72
CA PRO D 468 -14.66 12.18 28.25
C PRO D 468 -15.53 13.28 28.87
N SER D 469 -14.90 14.43 29.06
CA SER D 469 -15.60 15.69 29.39
C SER D 469 -16.68 15.97 28.33
N GLU D 470 -17.72 16.68 28.72
CA GLU D 470 -18.81 17.15 27.84
C GLU D 470 -18.25 18.06 26.76
N ASP D 471 -17.11 18.72 27.05
CA ASP D 471 -16.44 19.61 26.07
C ASP D 471 -15.96 18.81 24.84
N TYR D 472 -15.60 17.54 25.00
CA TYR D 472 -14.89 16.83 23.92
C TYR D 472 -15.81 16.82 22.70
N VAL D 473 -17.05 16.34 22.87
CA VAL D 473 -18.00 16.24 21.73
C VAL D 473 -18.28 17.65 21.16
N ILE D 474 -18.40 18.67 22.03
CA ILE D 474 -18.73 20.05 21.58
C ILE D 474 -17.59 20.55 20.70
N ASN D 475 -16.34 20.31 21.09
CA ASN D 475 -15.16 20.84 20.35
C ASN D 475 -14.87 19.95 19.13
N ASN D 476 -15.29 18.67 19.07
CA ASN D 476 -14.76 17.76 18.02
C ASN D 476 -15.84 17.19 17.10
N CYS D 477 -17.10 17.19 17.49
CA CYS D 477 -18.14 16.46 16.75
C CYS D 477 -19.32 17.36 16.41
N PRO D 478 -20.10 16.99 15.39
CA PRO D 478 -21.33 17.71 15.13
C PRO D 478 -22.35 17.45 16.26
N ARG D 479 -23.33 18.33 16.35
CA ARG D 479 -24.40 18.30 17.36
C ARG D 479 -25.06 16.92 17.37
N MET D 480 -25.40 16.39 16.22
CA MET D 480 -26.13 15.10 16.10
C MET D 480 -25.13 14.06 15.58
N ALA D 481 -25.21 12.82 16.09
CA ALA D 481 -24.40 11.69 15.65
C ALA D 481 -24.99 11.07 14.36
N THR D 482 -26.23 11.33 14.05
CA THR D 482 -26.97 10.73 12.91
C THR D 482 -27.50 11.81 11.96
N LYS D 483 -27.42 11.56 10.65
CA LYS D 483 -28.10 12.31 9.61
C LYS D 483 -28.95 11.36 8.77
N TRP D 484 -30.02 11.90 8.16
CA TRP D 484 -30.88 11.18 7.21
C TRP D 484 -30.64 11.69 5.81
N GLU D 485 -30.59 10.80 4.84
CA GLU D 485 -30.61 11.20 3.43
C GLU D 485 -31.98 10.84 2.87
N ILE D 486 -32.61 11.79 2.22
CA ILE D 486 -33.92 11.61 1.54
C ILE D 486 -33.61 11.65 0.05
N PHE D 487 -34.06 10.67 -0.71
CA PHE D 487 -33.76 10.63 -2.14
C PHE D 487 -34.93 10.05 -2.92
N VAL D 488 -34.92 10.36 -4.21
CA VAL D 488 -36.03 10.02 -5.13
C VAL D 488 -35.53 9.09 -6.25
N MET D 489 -36.28 8.06 -6.54
CA MET D 489 -36.08 7.05 -7.62
C MET D 489 -37.28 7.17 -8.57
N GLY D 490 -37.06 7.48 -9.84
CA GLY D 490 -38.08 7.49 -10.88
C GLY D 490 -37.86 6.45 -11.97
N ASP D 491 -38.73 6.46 -12.97
CA ASP D 491 -38.65 5.46 -14.06
C ASP D 491 -37.34 5.74 -14.80
N ARG D 492 -36.65 4.69 -15.21
CA ARG D 492 -35.35 4.77 -15.91
C ARG D 492 -35.47 5.62 -17.17
N SER D 493 -36.67 5.66 -17.78
CA SER D 493 -36.92 6.43 -19.03
C SER D 493 -36.51 7.90 -18.83
N LEU D 494 -36.61 8.45 -17.61
CA LEU D 494 -36.25 9.87 -17.31
C LEU D 494 -34.77 10.17 -17.61
N ARG D 495 -33.90 9.15 -17.70
CA ARG D 495 -32.50 9.34 -18.20
C ARG D 495 -32.49 10.01 -19.59
N LYS D 496 -33.49 9.76 -20.43
CA LYS D 496 -33.51 10.29 -21.82
C LYS D 496 -34.37 11.56 -21.92
N GLU D 497 -34.73 12.20 -20.79
CA GLU D 497 -35.60 13.40 -20.78
C GLU D 497 -35.11 14.33 -19.69
N PRO D 498 -33.87 14.86 -19.81
CA PRO D 498 -33.26 15.66 -18.74
C PRO D 498 -34.05 16.91 -18.34
N LEU D 499 -34.75 17.55 -19.27
CA LEU D 499 -35.59 18.75 -18.98
C LEU D 499 -36.69 18.40 -17.98
N LEU D 500 -37.33 17.23 -18.13
CA LEU D 500 -38.36 16.76 -17.18
C LEU D 500 -37.66 16.38 -15.85
N ALA D 501 -36.56 15.63 -15.93
CA ALA D 501 -35.83 15.13 -14.74
C ALA D 501 -35.43 16.34 -13.89
N ASP D 502 -34.94 17.40 -14.51
CA ASP D 502 -34.46 18.61 -13.80
C ASP D 502 -35.62 19.24 -13.02
N ARG D 503 -36.85 19.21 -13.54
CA ARG D 503 -38.03 19.78 -12.83
C ARG D 503 -38.30 18.96 -11.56
N VAL D 504 -38.21 17.63 -11.66
CA VAL D 504 -38.46 16.76 -10.48
C VAL D 504 -37.37 17.07 -9.43
N LYS D 505 -36.12 17.20 -9.84
CA LYS D 505 -35.01 17.48 -8.89
C LYS D 505 -35.28 18.82 -8.20
N ARG D 506 -35.77 19.81 -8.96
CA ARG D 506 -36.10 21.15 -8.42
C ARG D 506 -37.25 21.00 -7.43
N ALA D 507 -38.23 20.18 -7.75
CA ALA D 507 -39.41 19.94 -6.88
C ALA D 507 -38.98 19.31 -5.56
N LEU D 508 -38.02 18.38 -5.58
CA LEU D 508 -37.55 17.75 -4.32
C LEU D 508 -36.95 18.85 -3.40
N GLN D 509 -36.09 19.71 -3.91
CA GLN D 509 -35.44 20.78 -3.14
C GLN D 509 -36.51 21.75 -2.59
N LEU D 510 -37.46 22.17 -3.45
CA LEU D 510 -38.55 23.11 -3.02
C LEU D 510 -39.41 22.44 -1.95
N ALA D 511 -39.68 21.15 -2.13
CA ALA D 511 -40.49 20.35 -1.18
C ALA D 511 -39.81 20.27 0.16
N GLY D 512 -38.49 19.98 0.16
CA GLY D 512 -37.75 19.95 1.43
C GLY D 512 -37.83 21.29 2.16
N GLU D 513 -37.59 22.39 1.44
CA GLU D 513 -37.59 23.76 2.01
C GLU D 513 -39.02 24.10 2.52
N SER D 514 -40.04 23.82 1.70
CA SER D 514 -41.49 24.12 1.99
C SER D 514 -42.02 23.32 3.18
N GLU D 515 -41.35 22.28 3.61
CA GLU D 515 -41.77 21.46 4.78
C GLU D 515 -40.80 21.72 5.94
N LYS D 516 -39.80 22.60 5.77
CA LYS D 516 -38.81 22.94 6.80
C LYS D 516 -37.92 21.74 7.15
N PHE D 517 -37.69 20.83 6.20
CA PHE D 517 -36.70 19.73 6.40
C PHE D 517 -35.29 20.25 6.08
N LEU D 518 -35.17 21.19 5.15
CA LEU D 518 -33.88 21.72 4.68
C LEU D 518 -33.95 23.24 4.54
N THR D 519 -32.83 23.94 4.63
CA THR D 519 -32.69 25.37 4.16
C THR D 519 -31.95 25.34 2.81
N PRO D 520 -32.15 26.33 1.92
CA PRO D 520 -31.68 26.19 0.52
C PRO D 520 -30.15 26.31 0.27
N ARG D 521 -29.65 25.77 -0.86
CA ARG D 521 -28.27 26.00 -1.38
C ARG D 521 -28.06 27.52 -1.55
N LYS D 522 -26.83 28.03 -1.37
CA LYS D 522 -26.59 29.49 -1.23
C LYS D 522 -25.82 30.09 -2.44
N ARG D 523 -26.04 31.41 -2.59
CA ARG D 523 -25.43 32.34 -3.58
C ARG D 523 -24.15 33.01 -2.99
N SER D 524 -23.87 32.89 -1.69
CA SER D 524 -22.64 33.39 -1.00
C SER D 524 -22.37 32.58 0.27
N PRO D 525 -21.08 32.37 0.68
CA PRO D 525 -20.81 31.59 1.89
C PRO D 525 -21.54 32.08 3.18
N GLN D 526 -21.58 33.39 3.47
CA GLN D 526 -22.25 33.95 4.70
C GLN D 526 -22.73 35.38 4.45
PG DTP E . 26.66 -3.92 3.74
O1G DTP E . 25.65 -3.11 4.53
O2G DTP E . 26.10 -5.26 3.23
O3G DTP E . 27.97 -4.11 4.48
PB DTP E . 27.94 -3.24 1.16
O1B DTP E . 28.38 -4.68 1.01
O2B DTP E . 28.96 -2.16 1.04
O3B DTP E . 27.07 -2.97 2.47
PA DTP E . 25.27 -3.62 0.21
O1A DTP E . 24.88 -4.07 -1.17
O2A DTP E . 25.13 -4.78 1.19
O3A DTP E . 26.73 -2.98 0.17
O5' DTP E . 24.36 -2.31 0.65
C5' DTP E . 24.21 -1.71 1.99
C4' DTP E . 23.36 -0.46 1.90
O4' DTP E . 24.11 0.56 1.17
C3' DTP E . 22.00 -0.58 1.21
O3' DTP E . 21.00 0.34 1.70
C2' DTP E . 22.34 -0.18 -0.22
C1' DTP E . 23.42 0.87 -0.02
N9 DTP E . 24.41 0.91 -1.08
C8 DTP E . 25.20 -0.12 -1.57
N7 DTP E . 25.96 0.27 -2.57
C5 DTP E . 25.68 1.62 -2.74
C6 DTP E . 26.17 2.61 -3.61
N6 DTP E . 27.14 2.42 -4.53
N1 DTP E . 25.62 3.84 -3.51
C2 DTP E . 24.68 4.07 -2.58
N3 DTP E . 24.15 3.22 -1.71
C4 DTP E . 24.71 2.01 -1.84
PG GTP F . 19.74 12.70 -20.48
O1G GTP F . 20.38 12.02 -21.62
O2G GTP F . 18.28 12.18 -20.34
O3G GTP F . 19.77 14.21 -20.57
O3B GTP F . 20.68 12.39 -19.17
PB GTP F . 20.84 11.03 -18.34
O1B GTP F . 19.71 10.11 -18.75
O2B GTP F . 22.21 10.51 -18.28
O3A GTP F . 20.55 11.66 -16.88
PA GTP F . 19.22 12.40 -16.36
O1A GTP F . 19.52 13.81 -16.09
O2A GTP F . 18.12 12.02 -17.28
O5' GTP F . 18.96 11.78 -14.90
C5' GTP F . 18.37 10.48 -14.74
C4' GTP F . 17.04 10.64 -14.07
O4' GTP F . 17.14 11.33 -12.80
C3' GTP F . 15.99 11.44 -14.85
O3' GTP F . 15.31 10.66 -15.82
C2' GTP F . 15.01 11.82 -13.75
O2' GTP F . 13.99 10.84 -13.63
C1' GTP F . 15.81 11.71 -12.46
N9 GTP F . 15.87 12.91 -11.67
C8 GTP F . 15.72 13.00 -10.31
N7 GTP F . 15.99 14.17 -9.82
C5 GTP F . 16.32 14.93 -10.93
C6 GTP F . 16.72 16.28 -11.02
O6 GTP F . 16.84 17.09 -10.11
N1 GTP F . 16.95 16.66 -12.32
C2 GTP F . 16.80 15.85 -13.39
N2 GTP F . 17.16 16.40 -14.55
N3 GTP F . 16.57 14.54 -13.34
C4 GTP F . 16.29 14.16 -12.07
PG DTP G . 16.89 7.98 -20.40
O1G DTP G . 17.27 9.47 -20.37
O2G DTP G . 17.69 7.18 -21.41
O3G DTP G . 15.38 7.80 -20.49
PB DTP G . 17.23 7.89 -17.47
O1B DTP G . 16.96 9.32 -17.53
O2B DTP G . 18.37 7.45 -16.65
O3B DTP G . 17.36 7.32 -18.98
PA DTP G . 15.44 6.06 -15.93
O1A DTP G . 14.26 5.42 -16.57
O2A DTP G . 16.66 5.33 -15.54
O3A DTP G . 15.86 7.20 -17.02
O5' DTP G . 14.99 6.91 -14.65
C5' DTP G . 13.71 7.62 -14.55
C4' DTP G . 13.11 7.38 -13.20
O4' DTP G . 12.75 5.97 -13.07
C3' DTP G . 14.07 7.70 -12.05
O3' DTP G . 13.43 8.35 -10.94
C2' DTP G . 14.61 6.32 -11.63
C1' DTP G . 13.46 5.40 -11.96
N9 DTP G . 13.82 4.03 -12.36
C8 DTP G . 14.85 3.58 -13.15
N7 DTP G . 14.75 2.30 -13.40
C5 DTP G . 13.59 1.87 -12.78
C6 DTP G . 12.92 0.64 -12.68
N6 DTP G . 13.29 -0.49 -13.27
N1 DTP G . 11.77 0.63 -12.00
C2 DTP G . 11.34 1.76 -11.42
N3 DTP G . 11.89 2.98 -11.42
C4 DTP G . 13.02 2.96 -12.13
MG MG H . -0.47 -27.21 6.16
MG MG I . 7.00 9.68 25.42
C1 SIN J . 7.32 4.43 -8.10
O1 SIN J . 6.21 4.10 -7.62
O2 SIN J . 7.83 3.87 -9.14
C2 SIN J . 8.14 5.49 -7.37
C3 SIN J . 7.91 5.60 -5.84
C4 SIN J . 9.03 6.03 -4.88
O3 SIN J . 8.88 5.68 -3.66
O4 SIN J . 10.04 6.72 -5.27
C1 SIN K . 2.83 3.92 10.81
O1 SIN K . 2.06 4.21 11.78
O2 SIN K . 2.55 3.04 9.96
C2 SIN K . 4.13 4.71 10.64
C3 SIN K . 4.63 4.84 9.23
C4 SIN K . 5.44 6.08 8.83
O3 SIN K . 6.09 6.81 9.69
O4 SIN K . 5.44 6.32 7.59
PG DTP L . -5.05 -18.50 -19.47
O1G DTP L . -6.25 -18.44 -20.41
O2G DTP L . -5.40 -18.98 -18.10
O3G DTP L . -4.24 -17.20 -19.49
PB DTP L . -3.06 -20.53 -19.21
O1B DTP L . -1.69 -20.37 -19.81
O2B DTP L . -3.65 -21.88 -18.99
O3B DTP L . -4.13 -19.68 -20.01
PA DTP L . -2.31 -18.48 -17.36
O1A DTP L . -1.12 -18.99 -16.57
O2A DTP L . -2.01 -17.55 -18.52
O3A DTP L . -3.18 -19.72 -17.86
O5' DTP L . -3.37 -17.82 -16.25
C5' DTP L . -4.57 -17.12 -16.63
C4' DTP L . -5.34 -16.82 -15.36
O4' DTP L . -5.76 -18.07 -14.79
C3' DTP L . -4.54 -16.13 -14.27
O3' DTP L . -5.36 -15.34 -13.40
C2' DTP L . -3.98 -17.32 -13.49
C1' DTP L . -5.12 -18.31 -13.54
N9 DTP L . -4.72 -19.69 -13.51
C8 DTP L . -3.78 -20.34 -14.34
N7 DTP L . -3.65 -21.63 -14.04
C5 DTP L . -4.50 -21.82 -12.95
C6 DTP L . -4.78 -22.96 -12.19
N6 DTP L . -4.25 -24.17 -12.38
N1 DTP L . -5.71 -22.80 -11.20
C2 DTP L . -6.24 -21.59 -10.98
N3 DTP L . -6.02 -20.46 -11.65
C4 DTP L . -5.15 -20.65 -12.62
PG GTP M . -1.37 -30.26 6.84
O1G GTP M . -0.83 -28.91 7.36
O2G GTP M . -2.47 -30.71 7.66
O3G GTP M . -0.27 -31.24 6.59
O3B GTP M . -2.09 -30.13 5.40
PB GTP M . -1.69 -29.36 4.09
O1B GTP M . -0.55 -28.45 4.40
O2B GTP M . -1.55 -30.29 2.93
O3A GTP M . -3.00 -28.44 3.82
PA GTP M . -3.61 -27.33 4.80
O1A GTP M . -4.91 -27.77 5.29
O2A GTP M . -2.53 -26.94 5.77
O5' GTP M . -3.92 -26.13 3.77
C5' GTP M . -2.89 -25.26 3.22
C4' GTP M . -3.02 -23.86 3.76
O4' GTP M . -4.32 -23.34 3.40
C3' GTP M . -2.97 -23.69 5.30
O3' GTP M . -1.66 -23.54 5.80
C2' GTP M . -3.82 -22.46 5.57
O2' GTP M . -2.97 -21.32 5.61
C1' GTP M . -4.63 -22.28 4.30
N9 GTP M . -6.08 -22.19 4.47
C8 GTP M . -6.91 -21.33 3.83
N7 GTP M . -8.18 -21.50 4.09
C5 GTP M . -8.20 -22.61 4.94
C6 GTP M . -9.28 -23.26 5.56
O6 GTP M . -10.50 -23.06 5.37
N1 GTP M . -8.86 -24.35 6.31
C2 GTP M . -7.56 -24.67 6.51
N2 GTP M . -7.32 -25.72 7.30
N3 GTP M . -6.53 -24.04 5.97
C4 GTP M . -6.91 -23.02 5.19
PG DTP N . 2.76 -26.79 5.78
O1G DTP N . 3.82 -27.78 5.38
O2G DTP N . 3.22 -25.60 6.57
O3G DTP N . 1.58 -27.42 6.41
PB DTP N . 0.94 -25.33 3.90
O1B DTP N . 0.61 -25.61 2.51
O2B DTP N . -0.09 -25.50 4.94
O3B DTP N . 2.27 -26.17 4.33
PA DTP N . 1.84 -22.60 3.19
O1A DTP N . 2.94 -21.84 3.84
O2A DTP N . 2.02 -23.01 1.80
O3A DTP N . 1.53 -23.87 4.13
O5' DTP N . 0.45 -21.80 3.28
C5' DTP N . 0.18 -20.83 4.36
C4' DTP N . -0.35 -19.53 3.75
O4' DTP N . 0.70 -18.84 3.08
C3' DTP N . -1.46 -19.76 2.75
O3' DTP N . -2.53 -18.80 2.85
C2' DTP N . -0.75 -19.67 1.40
C1' DTP N . 0.33 -18.66 1.70
N9 DTP N . 1.58 -18.78 0.91
C8 DTP N . 2.16 -19.92 0.44
N7 DTP N . 3.34 -19.69 -0.10
C5 DTP N . 3.53 -18.32 0.00
C6 DTP N . 4.60 -17.49 -0.37
N6 DTP N . 5.76 -17.92 -0.92
N1 DTP N . 4.46 -16.18 -0.08
C2 DTP N . 3.35 -15.76 0.54
N3 DTP N . 2.29 -16.47 0.94
C4 DTP N . 2.44 -17.76 0.63
MG MG O . -23.94 7.00 -12.58
C1 SIN P . -9.67 -21.57 -12.86
O1 SIN P . -10.92 -21.68 -12.87
O2 SIN P . -9.00 -20.58 -13.39
C2 SIN P . -8.90 -22.65 -12.13
C3 SIN P . -9.72 -23.82 -11.64
C4 SIN P . -9.36 -24.25 -10.23
O3 SIN P . -10.28 -24.68 -9.51
O4 SIN P . -8.18 -24.15 -9.82
C1 SIN Q . -0.27 -10.49 2.62
O1 SIN Q . 0.48 -9.45 2.59
O2 SIN Q . 0.08 -11.60 3.09
C2 SIN Q . -1.66 -10.36 2.03
C3 SIN Q . -2.39 -11.68 1.91
C4 SIN Q . -3.52 -11.73 0.92
O3 SIN Q . -3.77 -10.67 0.27
O4 SIN Q . -4.13 -12.84 0.73
MG MG R . 17.68 10.79 -18.85
PG DTP S . 1.99 26.87 3.55
O1G DTP S . 2.15 25.60 2.70
O2G DTP S . 0.81 27.73 3.10
O3G DTP S . 3.31 27.66 3.69
PB DTP S . 1.25 27.19 6.42
O1B DTP S . 0.06 28.07 6.25
O2B DTP S . 2.46 27.76 7.06
O3B DTP S . 1.68 26.43 5.07
PA DTP S . 0.02 24.71 6.51
O1A DTP S . -0.96 24.10 7.47
O2A DTP S . -0.61 25.16 5.21
O3A DTP S . 0.77 25.91 7.21
O5' DTP S . 1.27 23.64 6.29
C5' DTP S . 2.19 23.77 5.17
C4' DTP S . 3.25 22.68 5.21
O4' DTP S . 4.13 22.93 6.34
C3' DTP S . 2.75 21.24 5.42
O3' DTP S . 3.67 20.26 4.89
C2' DTP S . 2.74 21.10 6.94
C1' DTP S . 3.97 21.91 7.33
N9 DTP S . 3.85 22.54 8.61
C8 DTP S . 2.81 23.36 9.06
N7 DTP S . 3.01 23.79 10.30
C5 DTP S . 4.21 23.22 10.68
C6 DTP S . 4.95 23.29 11.88
N6 DTP S . 4.59 24.01 12.94
N1 DTP S . 6.10 22.59 11.91
C2 DTP S . 6.47 21.87 10.85
N3 DTP S . 5.84 21.71 9.68
C4 DTP S . 4.72 22.44 9.66
PG GTP T . 8.49 10.77 28.02
O1G GTP T . 7.59 11.29 29.09
O2G GTP T . 7.89 9.58 27.32
O3G GTP T . 9.94 10.44 28.41
O3B GTP T . 8.69 12.08 27.05
PB GTP T . 7.74 12.68 25.97
O1B GTP T . 6.59 11.73 25.78
O2B GTP T . 7.44 14.11 26.20
O3A GTP T . 8.74 12.64 24.71
PA GTP T . 9.43 11.40 24.01
O1A GTP T . 10.88 11.48 24.27
O2A GTP T . 8.71 10.15 24.46
O5' GTP T . 9.24 11.68 22.47
C5' GTP T . 7.99 11.47 21.79
C4' GTP T . 8.12 10.36 20.80
O4' GTP T . 9.15 10.59 19.80
C3' GTP T . 8.53 9.00 21.42
O3' GTP T . 7.44 8.26 21.95
C2' GTP T . 9.07 8.27 20.20
O2' GTP T . 8.09 7.52 19.53
C1' GTP T . 9.43 9.34 19.19
N9 GTP T . 10.84 9.34 18.80
C8 GTP T . 11.32 9.47 17.52
N7 GTP T . 12.61 9.57 17.46
C5 GTP T . 13.03 9.45 18.77
C6 GTP T . 14.33 9.49 19.32
O6 GTP T . 15.39 9.66 18.73
N1 GTP T . 14.31 9.35 20.68
C2 GTP T . 13.20 9.13 21.43
N2 GTP T . 13.38 9.05 22.74
N3 GTP T . 11.97 9.16 20.95
C4 GTP T . 11.95 9.30 19.60
PG DTP U . 3.68 9.16 25.91
O1G DTP U . 5.11 9.23 26.38
O2G DTP U . 2.73 9.79 26.85
O3G DTP U . 3.31 7.78 25.47
PB DTP U . 4.53 10.25 23.29
O1B DTP U . 5.85 9.67 23.63
O2B DTP U . 4.48 11.63 22.79
O3B DTP U . 3.52 10.12 24.56
PA DTP U . 3.06 9.28 20.91
O1A DTP U . 2.09 8.16 20.90
O2A DTP U . 2.59 10.68 20.67
O3A DTP U . 3.85 9.23 22.28
O5' DTP U . 4.21 8.99 19.84
C5' DTP U . 4.75 7.67 19.46
C4' DTP U . 4.82 7.51 17.97
O4' DTP U . 3.48 7.53 17.40
C3' DTP U . 5.59 8.62 17.26
O3' DTP U . 6.43 8.15 16.20
C2' DTP U . 4.50 9.56 16.71
C1' DTP U . 3.37 8.59 16.43
N9 DTP U . 1.98 9.14 16.55
C8 DTP U . 1.48 10.01 17.47
N7 DTP U . 0.17 10.13 17.37
C5 DTP U . -0.21 9.30 16.35
C6 DTP U . -1.45 8.94 15.80
N6 DTP U . -2.63 9.43 16.19
N1 DTP U . -1.44 8.05 14.79
C2 DTP U . -0.27 7.54 14.41
N3 DTP U . 0.97 7.77 14.88
C4 DTP U . 0.92 8.66 15.85
PG DTP V . -24.38 -5.94 12.13
O1G DTP V . -24.66 -6.78 13.39
O2G DTP V . -24.43 -6.74 10.83
O3G DTP V . -23.11 -5.11 12.24
PB DTP V . -25.64 -3.38 11.56
O1B DTP V . -25.49 -2.41 12.70
O2B DTP V . -26.78 -3.26 10.60
O3B DTP V . -25.62 -4.89 12.06
PA DTP V . -23.03 -2.52 10.80
O1A DTP V . -23.24 -1.14 10.21
O2A DTP V . -22.50 -2.52 12.23
O3A DTP V . -24.29 -3.49 10.75
O5' DTP V . -22.11 -3.37 9.67
C5' DTP V . -21.91 -4.81 9.65
C4' DTP V . -21.32 -5.21 8.33
O4' DTP V . -22.39 -5.15 7.36
C3' DTP V . -20.21 -4.32 7.79
O3' DTP V . -19.24 -5.01 6.97
C2' DTP V . -20.98 -3.33 6.91
C1' DTP V . -22.09 -4.18 6.35
N9 DTP V . -23.30 -3.45 6.10
C8 DTP V . -24.05 -2.66 6.99
N7 DTP V . -25.11 -2.15 6.40
C5 DTP V . -25.11 -2.68 5.11
C6 DTP V . -26.00 -2.57 4.03
N6 DTP V . -27.12 -1.87 4.04
N1 DTP V . -25.68 -3.28 2.93
C2 DTP V . -24.52 -3.94 2.87
N3 DTP V . -23.66 -4.14 3.84
C4 DTP V . -24.02 -3.50 4.95
PG GTP W . -26.74 7.01 -14.26
O1G GTP W . -25.23 7.36 -14.17
O2G GTP W . -27.10 6.32 -15.51
O3G GTP W . -27.61 8.11 -13.85
O3B GTP W . -27.16 5.89 -13.11
PB GTP W . -26.76 5.83 -11.59
O1B GTP W . -25.66 6.76 -11.31
O2B GTP W . -27.97 5.88 -10.72
O3A GTP W . -26.17 4.33 -11.45
PA GTP W . -24.90 3.72 -12.27
O1A GTP W . -25.36 2.73 -13.26
O2A GTP W . -24.10 4.90 -12.81
O5' GTP W . -24.14 2.95 -11.13
C5' GTP W . -23.33 3.60 -10.09
C4' GTP W . -21.86 3.30 -10.28
O4' GTP W . -21.64 1.86 -10.24
C3' GTP W . -21.25 3.70 -11.65
O3' GTP W . -20.77 5.02 -11.63
C2' GTP W . -20.09 2.70 -11.85
O2' GTP W . -18.89 3.21 -11.31
C1' GTP W . -20.41 1.58 -10.90
N9 GTP W . -20.49 0.25 -11.50
C8 GTP W . -19.99 -0.89 -10.89
N7 GTP W . -20.24 -1.99 -11.58
C5 GTP W . -21.01 -1.55 -12.64
C6 GTP W . -21.63 -2.31 -13.68
O6 GTP W . -21.62 -3.55 -13.84
N1 GTP W . -22.38 -1.49 -14.53
C2 GTP W . -22.46 -0.13 -14.40
N2 GTP W . -23.22 0.50 -15.31
N3 GTP W . -21.90 0.58 -13.44
C4 GTP W . -21.19 -0.19 -12.59
PG DTP X . -23.27 9.88 -11.15
O1G DTP X . -24.14 10.99 -10.73
O2G DTP X . -21.86 10.26 -11.42
O3G DTP X . -23.85 9.06 -12.22
PB DTP X . -22.65 7.40 -9.60
O1B DTP X . -23.37 6.82 -8.46
O2B DTP X . -22.65 6.72 -10.91
O3B DTP X . -23.12 8.94 -9.81
PA DTP X . -20.17 7.44 -7.98
O1A DTP X . -19.13 8.49 -8.01
O2A DTP X . -20.99 7.34 -6.75
O3A DTP X . -21.10 7.69 -9.25
O5' DTP X . -19.58 5.99 -8.28
C5' DTP X . -18.38 5.82 -9.12
C4' DTP X . -17.44 4.89 -8.39
O4' DTP X . -16.82 5.57 -7.28
C3' DTP X . -18.12 3.63 -7.83
O3' DTP X . -17.25 2.50 -8.06
C2' DTP X . -18.26 3.95 -6.37
C1' DTP X . -17.06 4.82 -6.08
N9 DTP X . -17.23 5.81 -5.00
C8 DTP X . -18.36 6.52 -4.69
N7 DTP X . -18.13 7.43 -3.79
C5 DTP X . -16.80 7.34 -3.48
C6 DTP X . -15.98 8.04 -2.59
N6 DTP X . -16.38 9.09 -1.87
N1 DTP X . -14.66 7.74 -2.58
C2 DTP X . -14.24 6.72 -3.35
N3 DTP X . -14.94 5.99 -4.23
C4 DTP X . -16.23 6.36 -4.25
C1 SIN Y . -9.23 2.27 -5.05
O1 SIN Y . -9.99 2.93 -5.81
O2 SIN Y . -8.14 2.72 -4.53
C2 SIN Y . -9.66 0.85 -4.71
C3 SIN Y . -10.94 0.45 -5.39
C4 SIN Y . -11.60 -0.81 -4.90
O3 SIN Y . -12.85 -0.90 -5.04
O4 SIN Y . -10.88 -1.68 -4.36
C1 SIN Z . -25.69 -7.64 3.53
O1 SIN Z . -24.77 -7.39 4.43
O2 SIN Z . -26.05 -8.79 3.20
C2 SIN Z . -26.30 -6.48 2.78
C3 SIN Z . -27.38 -6.75 1.74
C4 SIN Z . -27.26 -5.89 0.49
O3 SIN Z . -26.84 -4.70 0.58
O4 SIN Z . -27.54 -6.40 -0.59
#